data_8Y1P
#
_entry.id   8Y1P
#
_cell.length_a   1.00
_cell.length_b   1.00
_cell.length_c   1.00
_cell.angle_alpha   90.00
_cell.angle_beta   90.00
_cell.angle_gamma   90.00
#
_symmetry.space_group_name_H-M   'P 1'
#
loop_
_entity.id
_entity.type
_entity.pdbx_description
1 polymer 'Phospholipid-transporting ATPase ABCA7'
2 non-polymer O-[(S)-({(2R)-2,3-bis[(9Z)-octadec-9-enoyloxy]propyl}oxy)(hydroxy)phosphoryl]-L-serine
#
_entity_poly.entity_id   1
_entity_poly.type   'polypeptide(L)'
_entity_poly.pdbx_seq_one_letter_code
;MAFWTQLMLLLWKNFMYRRRQPVQLLVELLWPLFLFFILVAVRHSHPPLEHHECHFPNKPLPSAGTVPWLQGLICNVNNT
CFPQLTPGEEPGRLSNFNDSLVSRLLADARTVLGGASAHRTLAGLGKLIATLRAARSTAQPQPTKQSPLEPPMLDVAELL
TSLLRTESLGLALGQAQEPLHSLLEAAEDLAQELLALRSLVELRALLQRPRGTSGPLELLSEALCSVRGPSSTVGPSLNW
YEASDLMELVGQEPESALPDSSLSPACSELIGALDSHPLSRLLWRRLKPLILGKLLFAPDTPFTRKLMAQVNRTFEELTL
LRDVREVWEMLGPRIFTFMNDSSNVAMLQRLLQMQDEGRRQPRPGGRDHMEALRSFLDPGSGGYSWQDAHADVGHLVGTL
GRVTECLSLDKLEAAPSEAALVSRALQLLAEHRFWAGVVFLGPEDSSDPTEHPTPDLGPGHVRIKIRMDIDVVTRTNKIR
DRFWDPGPAADPLTDLRYVWGGFVYLQDLVERAAVRVLSGANPRAGLYLQQMPYPCYVDDVFLRVLSRSLPLFLTLAWIY
SVTLTVKAVVREKETRLRDTMRAMGLSRAVLWLGWFLSCLGPFLLSAALLVLVLKLGDILPYSHPGVVFLFLAAFAVATV
TQSFLLSAFFSRANLAAACGGLAYFSLYLPYVLCVAWRDRLPAGGRVAASLLSPVAFGFGCESLALLEEQGEGAQWHNVG
TRPTADVFSLAQVSGLLLLDAALYGLATWYLEAVCPGQYGIPEPWNFPFRRSYWCGPRPPKSPAPCPTPLDPKVLVEEAP
PGLSPGVSVRSLEKRFPGSPQPALRGLSLDFYQGHITAFLGHNGAGKTTTLSILSGLFPPSGGSAFILGHDVRSSMAAIR
PHLGVCPQYNVLFDMLTVDEHVWFYGRLKGLSAAVVGPEQDRLLQDVGLVSKQSVQTRHLSGGMQRKLSVAIAFVGGSQV
VILDEPTAGVDPASRRGIWELLLKYREGRTLILSTHHLDEAELLGDRVAVVAGGRLCCCGSPLFLRRHLGSGYYLTLVKA
RLPLTTNEKADTDMEGSVDTRQEKKNGSQGSRVGTPQLLALVQHWVPGARLVEELPHELVLVLPYTGAHDGSFATLFREL
DTRLAELRLTGYGISDTSLEEIFLKVVEECAADTDMEDGSCGQHLCTGIAGLDVTLRLKMPPQETALENGEPAGSAPETD
QGSGPDAVGRVQGWALTRQQLQALLLKRFLLARRSRRGLFAQIVLPALFVGLALVFSLIVPPFGHYPALRLSPTMYGAQV
SFFSEDAPGDPGRARLLEALLQEAGLEEPPVQHSSHRFSAPEVPAEVAKVLASGNWTPESPSPACQCSRPGARRLLPDCP
AAAGGPPPPQAVTGSGEVVQNLTGRNLSDFLVKTYPRLVRQGLKTKKWVNEVRYGGFSLGGRDPGLPSGQELGRSVEELW
ALLSPLPGGALDRVLKNLTAWAHSLDAQDSLKIWFNNKGWHSMVAFVNRASNAILRAHLPPGPARHAHSITTLNHPLNLT
KEQLSEGALMASSVDVLVSICVVFAMSFVPASFTLVLIEERVTRAKHLQLMGGLSPTLYWLGNFLWDMCNYLVPACIVVL
IFLAFQQRAYVAPANLPALLLLLLLYGWSITPLMYPASFFFSVPSTAYVVLTCINLFIGINGSMATFVLELFSDQKLQEV
SRILKQVFLIFPHFCLGRGLIDMVRNQAMADAFERLGDRQFQSPLRWEVVGKNLLAMVIQGPLFLLFTLLLQHRSQLLPQ
PRVRSLPLLGEEDEDVARERERVVQGATQGDVLVLRNLTKVYRGQRMPAVDRLCLGIPPGECFGLLGVNGAGKTSTFRMV
TGDTLASRGEAVLAGHSVAREPSAAHLSMGYCPQSDAIFELLTGREHLELLARLRGVPEAQVAQTAGSGLARLGLSWYAD
RPAGTYSGGNKRKLATALALVGDPAVVFLDEPTTGMDPSARRFLWNSLLAVVREGRSVMLTSHSMEECEALCSRLAIMVN
GRFRCLGSPQHLKGRFAAGHTLTLRVPAARSQPAAAFVAAEFPGAELREAHGGRLRFQLPPGGRCALARVFGELAVHGAE
HGVEDFSVSQTMLEEVFLYFSKDQGKDEDTEEQKEAGVGVDPAPGLQHPKRVSQFLDDPSTAETVL
;
_entity_poly.pdbx_strand_id   A
#
loop_
_chem_comp.id
_chem_comp.type
_chem_comp.name
_chem_comp.formula
17F non-polymer O-[(S)-({(2R)-2,3-bis[(9Z)-octadec-9-enoyloxy]propyl}oxy)(hydroxy)phosphoryl]-L-serine 'C42 H78 N O10 P'
#
# COMPACT_ATOMS: atom_id res chain seq x y z
N MET A 1 -20.34 32.54 31.60
CA MET A 1 -19.72 31.94 30.43
C MET A 1 -20.33 30.57 30.13
N ALA A 2 -20.99 30.44 28.98
CA ALA A 2 -21.63 29.18 28.59
C ALA A 2 -20.82 28.41 27.56
N PHE A 3 -20.54 29.03 26.41
CA PHE A 3 -19.73 28.38 25.39
C PHE A 3 -18.31 28.18 25.89
N TRP A 4 -17.74 29.17 26.53
CA TRP A 4 -16.34 29.11 26.90
C TRP A 4 -16.13 28.51 28.29
N THR A 5 -17.08 27.73 28.78
CA THR A 5 -16.85 26.71 29.79
C THR A 5 -17.29 25.34 29.34
N GLN A 6 -18.27 25.24 28.45
CA GLN A 6 -18.52 23.98 27.77
C GLN A 6 -17.31 23.56 26.97
N LEU A 7 -16.64 24.51 26.32
CA LEU A 7 -15.41 24.18 25.61
C LEU A 7 -14.28 23.80 26.54
N MET A 8 -14.15 24.45 27.69
CA MET A 8 -13.08 24.06 28.60
C MET A 8 -13.32 22.69 29.20
N LEU A 9 -14.57 22.34 29.52
CA LEU A 9 -14.85 20.99 29.98
C LEU A 9 -14.64 19.97 28.88
N LEU A 10 -15.08 20.28 27.67
CA LEU A 10 -14.99 19.34 26.58
C LEU A 10 -13.59 19.22 26.04
N LEU A 11 -12.69 20.09 26.44
CA LEU A 11 -11.29 19.99 26.04
C LEU A 11 -10.43 19.43 27.16
N TRP A 12 -10.82 19.65 28.41
CA TRP A 12 -10.20 18.97 29.53
C TRP A 12 -10.48 17.47 29.51
N LYS A 13 -11.64 17.05 29.02
CA LYS A 13 -11.92 15.63 28.90
C LYS A 13 -10.96 14.95 27.93
N ASN A 14 -10.75 15.54 26.75
CA ASN A 14 -9.87 14.93 25.77
C ASN A 14 -8.43 14.95 26.24
N PHE A 15 -8.04 15.97 27.01
CA PHE A 15 -6.71 15.93 27.60
C PHE A 15 -6.58 14.84 28.65
N MET A 16 -7.66 14.53 29.37
CA MET A 16 -7.56 13.47 30.36
C MET A 16 -7.57 12.07 29.75
N TYR A 17 -8.37 11.79 28.71
CA TYR A 17 -8.09 10.55 27.98
C TYR A 17 -6.75 10.51 27.29
N ARG A 18 -6.19 11.64 26.93
CA ARG A 18 -4.91 11.53 26.23
C ARG A 18 -3.76 11.38 27.22
N ARG A 19 -3.97 11.74 28.48
CA ARG A 19 -2.93 11.59 29.49
C ARG A 19 -2.92 10.19 30.11
N ARG A 20 -4.07 9.56 30.34
CA ARG A 20 -4.09 8.25 31.01
C ARG A 20 -3.62 7.11 30.15
N GLN A 21 -3.18 7.32 28.92
CA GLN A 21 -2.71 6.26 28.04
C GLN A 21 -1.35 6.65 27.50
N PRO A 22 -0.31 6.57 28.29
CA PRO A 22 0.99 7.06 27.83
C PRO A 22 1.83 6.03 27.08
N VAL A 23 1.22 5.23 26.23
CA VAL A 23 1.92 4.47 25.20
C VAL A 23 1.18 4.68 23.90
N GLN A 24 0.00 5.27 23.97
CA GLN A 24 -0.56 5.84 22.77
C GLN A 24 0.18 7.11 22.41
N LEU A 25 0.42 7.94 23.41
CA LEU A 25 1.00 9.26 23.20
C LEU A 25 2.47 9.17 22.87
N LEU A 26 3.17 8.18 23.40
CA LEU A 26 4.61 8.16 23.20
C LEU A 26 4.93 7.51 21.86
N VAL A 27 4.26 6.42 21.52
CA VAL A 27 4.45 5.79 20.22
C VAL A 27 4.04 6.72 19.08
N GLU A 28 2.96 7.48 19.23
CA GLU A 28 2.60 8.32 18.08
C GLU A 28 3.46 9.58 17.98
N LEU A 29 4.45 9.74 18.83
CA LEU A 29 5.40 10.83 18.74
C LEU A 29 6.82 10.36 18.47
N LEU A 30 7.16 9.11 18.77
CA LEU A 30 8.42 8.55 18.33
C LEU A 30 8.30 7.71 17.08
N TRP A 31 7.13 7.59 16.52
CA TRP A 31 7.09 6.87 15.25
C TRP A 31 7.47 7.75 14.07
N PRO A 32 7.12 9.06 13.97
CA PRO A 32 7.78 9.86 12.94
C PRO A 32 9.14 10.41 13.32
N LEU A 33 9.93 9.59 14.00
CA LEU A 33 11.33 9.83 14.26
C LEU A 33 12.07 8.53 14.12
N PHE A 34 11.38 7.47 13.76
CA PHE A 34 11.96 6.28 13.21
C PHE A 34 11.69 6.22 11.73
N LEU A 35 10.96 7.18 11.19
CA LEU A 35 10.88 7.26 9.76
C LEU A 35 11.73 8.37 9.17
N PHE A 36 12.06 9.41 9.95
CA PHE A 36 12.95 10.47 9.49
C PHE A 36 14.30 10.43 10.16
N PHE A 37 14.62 9.37 10.87
CA PHE A 37 16.01 9.08 11.17
C PHE A 37 16.51 7.95 10.30
N ILE A 38 15.74 7.57 9.31
CA ILE A 38 16.23 6.75 8.22
C ILE A 38 16.68 7.62 7.07
N LEU A 39 15.94 8.69 6.77
CA LEU A 39 16.34 9.62 5.71
C LEU A 39 17.58 10.42 6.08
N VAL A 40 17.77 10.74 7.35
CA VAL A 40 19.01 11.40 7.76
C VAL A 40 20.21 10.48 7.56
N ALA A 41 20.04 9.17 7.70
CA ALA A 41 21.18 8.30 7.48
C ALA A 41 21.37 7.91 6.03
N VAL A 42 20.32 7.93 5.20
CA VAL A 42 20.51 7.71 3.77
C VAL A 42 21.02 8.97 3.10
N ARG A 43 20.78 10.14 3.68
CA ARG A 43 21.40 11.35 3.15
C ARG A 43 22.89 11.37 3.43
N HIS A 44 23.31 11.00 4.63
CA HIS A 44 24.73 11.16 4.94
C HIS A 44 25.59 10.04 4.42
N SER A 45 25.04 9.10 3.66
CA SER A 45 25.85 8.10 3.00
C SER A 45 25.73 8.16 1.50
N HIS A 46 25.23 9.28 0.95
CA HIS A 46 25.27 9.58 -0.48
C HIS A 46 25.42 11.07 -0.67
N PRO A 47 26.59 11.63 -0.37
CA PRO A 47 26.74 13.09 -0.39
C PRO A 47 26.75 13.61 -1.81
N PRO A 48 26.55 14.92 -2.02
CA PRO A 48 26.63 15.43 -3.39
C PRO A 48 28.06 15.59 -3.84
N LEU A 49 28.28 15.34 -5.12
CA LEU A 49 29.62 15.38 -5.69
C LEU A 49 29.66 16.50 -6.71
N GLU A 50 30.60 17.42 -6.59
CA GLU A 50 30.58 18.58 -7.46
C GLU A 50 31.77 18.59 -8.41
N HIS A 51 31.48 18.71 -9.70
CA HIS A 51 32.47 18.54 -10.76
C HIS A 51 32.69 19.84 -11.51
N HIS A 52 33.93 20.02 -11.96
CA HIS A 52 34.34 21.23 -12.65
C HIS A 52 33.90 21.15 -14.10
N GLU A 53 34.41 22.03 -14.93
CA GLU A 53 33.95 22.15 -16.30
C GLU A 53 34.84 21.30 -17.18
N CYS A 54 34.26 20.32 -17.89
CA CYS A 54 35.06 19.39 -18.67
C CYS A 54 35.06 19.82 -20.13
N HIS A 55 36.25 20.06 -20.67
CA HIS A 55 36.50 20.26 -22.09
C HIS A 55 37.34 19.10 -22.59
N PHE A 56 36.81 18.30 -23.64
CA PHE A 56 37.33 17.02 -24.11
C PHE A 56 38.10 17.16 -25.40
N PRO A 57 39.13 16.34 -25.64
CA PRO A 57 39.87 16.41 -26.90
C PRO A 57 39.19 15.65 -28.03
N ASN A 58 39.73 15.80 -29.25
CA ASN A 58 39.06 15.29 -30.44
C ASN A 58 39.66 13.96 -30.88
N LYS A 59 38.85 13.19 -31.61
CA LYS A 59 39.18 11.82 -32.01
C LYS A 59 39.13 11.71 -33.52
N PRO A 60 40.24 11.89 -34.21
CA PRO A 60 40.20 11.84 -35.66
C PRO A 60 39.90 10.46 -36.21
N LEU A 61 39.09 10.43 -37.24
CA LEU A 61 38.67 9.20 -37.89
C LEU A 61 39.65 8.87 -39.01
N PRO A 62 39.64 7.66 -39.59
CA PRO A 62 40.70 7.29 -40.55
C PRO A 62 40.72 8.07 -41.83
N SER A 63 39.73 8.91 -42.10
CA SER A 63 39.79 9.80 -43.25
C SER A 63 40.84 10.86 -43.09
N ALA A 64 41.26 11.15 -41.86
CA ALA A 64 42.22 12.20 -41.58
C ALA A 64 43.64 11.81 -41.92
N GLY A 65 43.92 10.53 -42.03
CA GLY A 65 45.27 10.04 -42.19
C GLY A 65 45.37 8.69 -41.53
N THR A 66 46.59 8.33 -41.18
CA THR A 66 46.82 7.10 -40.45
C THR A 66 47.73 7.34 -39.26
N VAL A 67 48.53 8.39 -39.27
CA VAL A 67 49.27 8.81 -38.09
C VAL A 67 48.36 9.63 -37.17
N PRO A 68 47.55 10.61 -37.63
CA PRO A 68 46.62 11.25 -36.69
C PRO A 68 45.58 10.34 -36.11
N TRP A 69 45.11 9.36 -36.87
CA TRP A 69 44.12 8.43 -36.34
C TRP A 69 44.72 7.56 -35.26
N LEU A 70 45.94 7.14 -35.45
CA LEU A 70 46.57 6.23 -34.51
C LEU A 70 46.98 6.96 -33.25
N GLN A 71 47.37 8.24 -33.39
CA GLN A 71 47.60 9.08 -32.22
C GLN A 71 46.33 9.26 -31.42
N GLY A 72 45.23 9.53 -32.09
CA GLY A 72 44.01 9.70 -31.34
C GLY A 72 43.33 8.41 -30.93
N LEU A 73 43.88 7.27 -31.32
CA LEU A 73 43.41 6.00 -30.78
C LEU A 73 44.20 5.58 -29.55
N ILE A 74 45.51 5.74 -29.59
CA ILE A 74 46.35 5.22 -28.52
C ILE A 74 46.39 6.17 -27.34
N CYS A 75 46.54 7.47 -27.61
CA CYS A 75 46.82 8.41 -26.53
C CYS A 75 45.60 8.79 -25.72
N ASN A 76 44.66 9.49 -26.32
CA ASN A 76 43.48 9.91 -25.57
C ASN A 76 42.43 8.81 -25.59
N VAL A 77 42.80 7.70 -24.93
CA VAL A 77 41.94 6.54 -24.75
C VAL A 77 41.05 6.73 -23.55
N ASN A 78 41.24 7.81 -22.81
CA ASN A 78 40.62 7.97 -21.51
C ASN A 78 39.53 9.03 -21.45
N ASN A 79 39.44 9.95 -22.42
CA ASN A 79 38.64 11.17 -22.31
C ASN A 79 38.95 11.93 -21.03
N THR A 80 40.11 12.57 -21.02
CA THR A 80 40.61 13.14 -19.77
C THR A 80 39.75 14.30 -19.27
N CYS A 81 39.13 15.06 -20.16
CA CYS A 81 38.28 16.22 -19.87
C CYS A 81 39.04 17.28 -19.08
N PHE A 82 39.92 17.96 -19.80
CA PHE A 82 40.65 19.08 -19.26
C PHE A 82 39.70 20.21 -18.87
N PRO A 83 40.06 21.03 -17.89
CA PRO A 83 39.20 22.17 -17.57
C PRO A 83 39.46 23.43 -18.38
N GLN A 84 40.62 23.53 -19.01
CA GLN A 84 40.94 24.59 -19.94
C GLN A 84 40.75 24.03 -21.34
N LEU A 85 40.42 24.89 -22.30
CA LEU A 85 40.05 24.37 -23.60
C LEU A 85 41.24 23.82 -24.35
N THR A 86 41.01 22.73 -25.04
CA THR A 86 42.05 22.03 -25.75
C THR A 86 42.45 22.82 -26.99
N PRO A 87 43.61 22.55 -27.56
CA PRO A 87 44.01 23.24 -28.80
C PRO A 87 43.29 22.76 -30.05
N GLY A 88 42.24 21.96 -29.95
CA GLY A 88 41.49 21.57 -31.12
C GLY A 88 40.04 22.01 -31.10
N GLU A 89 39.74 23.03 -30.32
CA GLU A 89 38.41 23.61 -30.24
C GLU A 89 38.42 25.03 -30.71
N GLU A 90 39.57 25.57 -30.97
CA GLU A 90 39.68 26.94 -31.41
C GLU A 90 39.82 26.99 -32.91
N PRO A 91 39.16 27.96 -33.55
CA PRO A 91 39.01 27.95 -35.00
C PRO A 91 40.33 27.99 -35.76
N GLY A 92 40.40 27.19 -36.80
CA GLY A 92 41.62 27.06 -37.57
C GLY A 92 42.50 25.92 -37.13
N ARG A 93 42.87 25.89 -35.85
CA ARG A 93 43.70 24.82 -35.33
C ARG A 93 42.94 23.52 -35.33
N LEU A 94 43.66 22.45 -35.57
CA LEU A 94 42.94 21.22 -35.88
C LEU A 94 43.44 20.02 -35.10
N SER A 95 44.73 19.93 -34.83
CA SER A 95 45.31 18.75 -34.21
C SER A 95 46.05 19.18 -32.96
N ASN A 96 45.67 18.62 -31.83
CA ASN A 96 46.26 18.99 -30.56
C ASN A 96 47.42 18.10 -30.16
N PHE A 97 48.39 17.91 -31.05
CA PHE A 97 49.51 17.03 -30.75
C PHE A 97 50.83 17.53 -31.28
N ASN A 98 50.99 18.82 -31.57
CA ASN A 98 52.20 19.26 -32.27
C ASN A 98 53.36 19.52 -31.32
N ASP A 99 53.61 18.61 -30.40
CA ASP A 99 54.87 18.60 -29.69
C ASP A 99 55.40 17.18 -29.48
N SER A 100 54.69 16.16 -29.93
CA SER A 100 55.12 14.79 -29.75
C SER A 100 56.27 14.47 -30.69
N LEU A 101 56.92 13.34 -30.46
CA LEU A 101 58.14 13.02 -31.19
C LEU A 101 57.84 12.71 -32.64
N VAL A 102 56.72 12.04 -32.93
CA VAL A 102 56.38 11.66 -34.29
C VAL A 102 56.13 12.88 -35.16
N SER A 103 55.33 13.82 -34.65
CA SER A 103 54.97 14.97 -35.45
C SER A 103 56.15 15.91 -35.63
N ARG A 104 57.02 16.00 -34.64
CA ARG A 104 58.25 16.77 -34.82
C ARG A 104 59.19 16.12 -35.82
N LEU A 105 59.26 14.78 -35.84
CA LEU A 105 60.06 14.08 -36.83
C LEU A 105 59.57 14.36 -38.24
N LEU A 106 58.26 14.26 -38.45
CA LEU A 106 57.72 14.52 -39.79
C LEU A 106 57.88 15.99 -40.17
N ALA A 107 57.74 16.89 -39.19
CA ALA A 107 57.88 18.32 -39.45
C ALA A 107 59.30 18.67 -39.86
N ASP A 108 60.30 18.21 -39.10
CA ASP A 108 61.69 18.50 -39.44
C ASP A 108 62.11 17.81 -40.73
N ALA A 109 61.63 16.58 -40.96
CA ALA A 109 61.98 15.86 -42.18
C ALA A 109 61.41 16.55 -43.41
N ARG A 110 60.18 17.08 -43.32
CA ARG A 110 59.63 17.76 -44.48
C ARG A 110 60.22 19.15 -44.65
N THR A 111 60.60 19.82 -43.56
CA THR A 111 61.16 21.15 -43.73
C THR A 111 62.64 21.14 -44.08
N VAL A 112 63.30 19.99 -43.98
CA VAL A 112 64.71 19.87 -44.32
C VAL A 112 64.90 19.10 -45.62
N LEU A 113 64.37 17.87 -45.71
CA LEU A 113 64.57 17.04 -46.88
C LEU A 113 63.76 17.52 -48.09
N GLY A 114 62.84 18.45 -47.90
CA GLY A 114 62.28 19.22 -48.99
C GLY A 114 62.79 20.64 -49.05
N GLY A 115 63.84 20.97 -48.30
CA GLY A 115 64.30 22.34 -48.19
C GLY A 115 65.13 22.79 -49.37
N ALA A 116 65.77 23.94 -49.19
CA ALA A 116 66.52 24.58 -50.27
C ALA A 116 67.92 24.01 -50.45
N SER A 117 68.42 23.21 -49.50
CA SER A 117 69.70 22.57 -49.71
C SER A 117 69.59 21.36 -50.63
N ALA A 118 68.44 20.68 -50.61
CA ALA A 118 68.21 19.60 -51.56
C ALA A 118 68.08 20.11 -52.98
N HIS A 119 67.72 21.38 -53.15
CA HIS A 119 67.70 22.01 -54.47
C HIS A 119 69.09 22.01 -55.10
N ARG A 120 70.09 22.47 -54.35
CA ARG A 120 71.45 22.43 -54.89
C ARG A 120 72.05 21.04 -54.84
N THR A 121 71.52 20.14 -54.01
CA THR A 121 71.93 18.74 -54.07
C THR A 121 71.52 18.10 -55.40
N LEU A 122 70.28 18.33 -55.82
CA LEU A 122 69.85 17.86 -57.13
C LEU A 122 70.52 18.63 -58.26
N ALA A 123 70.88 19.89 -58.04
CA ALA A 123 71.65 20.63 -59.04
C ALA A 123 73.03 20.02 -59.23
N GLY A 124 73.67 19.59 -58.14
CA GLY A 124 74.93 18.89 -58.25
C GLY A 124 74.79 17.52 -58.89
N LEU A 125 73.71 16.81 -58.56
CA LEU A 125 73.46 15.49 -59.14
C LEU A 125 73.04 15.55 -60.60
N GLY A 126 72.59 16.70 -61.09
CA GLY A 126 72.30 16.83 -62.51
C GLY A 126 73.50 16.90 -63.42
N LYS A 127 74.71 17.05 -62.85
CA LYS A 127 75.93 17.09 -63.64
C LYS A 127 76.39 15.69 -64.05
N LEU A 128 75.80 14.64 -63.47
CA LEU A 128 76.23 13.26 -63.69
C LEU A 128 75.62 12.62 -64.93
N ILE A 129 75.23 13.41 -65.92
CA ILE A 129 74.77 12.87 -67.21
C ILE A 129 75.92 12.29 -68.02
N ALA A 130 77.16 12.60 -67.66
CA ALA A 130 78.33 12.11 -68.37
C ALA A 130 78.50 10.60 -68.16
N THR A 131 79.40 10.02 -68.95
CA THR A 131 79.59 8.57 -69.02
C THR A 131 80.59 8.04 -68.00
N LEU A 132 80.74 8.71 -66.85
CA LEU A 132 81.72 8.32 -65.83
C LEU A 132 81.43 6.93 -65.26
N ARG A 133 80.33 6.79 -64.53
CA ARG A 133 79.93 5.52 -63.95
C ARG A 133 78.41 5.50 -63.84
N ALA A 134 77.84 4.29 -63.92
CA ALA A 134 76.41 4.08 -63.88
C ALA A 134 76.06 3.48 -62.52
N ALA A 135 75.80 4.33 -61.55
CA ALA A 135 75.49 3.91 -60.20
C ALA A 135 74.16 4.50 -59.74
N ALA A 176 86.13 14.93 -63.86
CA ALA A 176 85.13 14.61 -62.85
C ALA A 176 85.33 15.46 -61.59
N GLN A 177 86.16 16.50 -61.72
CA GLN A 177 86.50 17.33 -60.56
C GLN A 177 85.37 18.28 -60.20
N GLU A 178 84.68 18.84 -61.19
CA GLU A 178 83.65 19.84 -60.95
C GLU A 178 82.30 19.25 -60.48
N PRO A 179 81.78 18.14 -61.05
CA PRO A 179 80.61 17.50 -60.39
C PRO A 179 80.90 17.02 -58.98
N LEU A 180 82.11 16.54 -58.72
CA LEU A 180 82.51 16.20 -57.35
C LEU A 180 82.55 17.43 -56.47
N HIS A 181 83.03 18.57 -57.01
CA HIS A 181 83.05 19.83 -56.29
C HIS A 181 81.65 20.30 -55.91
N SER A 182 80.72 20.27 -56.87
CA SER A 182 79.36 20.75 -56.63
C SER A 182 78.61 19.83 -55.67
N LEU A 183 78.76 18.50 -55.86
CA LEU A 183 78.11 17.55 -54.97
C LEU A 183 78.69 17.62 -53.57
N LEU A 184 80.00 17.84 -53.45
CA LEU A 184 80.61 18.02 -52.14
C LEU A 184 80.11 19.28 -51.46
N GLU A 185 79.99 20.39 -52.21
CA GLU A 185 79.45 21.62 -51.64
C GLU A 185 78.04 21.43 -51.12
N ALA A 186 77.18 20.82 -51.93
CA ALA A 186 75.79 20.66 -51.56
C ALA A 186 75.61 19.67 -50.41
N ALA A 187 76.32 18.54 -50.44
CA ALA A 187 76.18 17.53 -49.39
C ALA A 187 76.80 18.01 -48.09
N GLU A 188 77.91 18.74 -48.15
CA GLU A 188 78.49 19.32 -46.94
C GLU A 188 77.59 20.39 -46.36
N ASP A 189 76.89 21.16 -47.21
CA ASP A 189 75.92 22.11 -46.71
C ASP A 189 74.73 21.40 -46.06
N LEU A 190 74.33 20.26 -46.61
CA LEU A 190 73.19 19.53 -46.07
C LEU A 190 73.55 18.71 -44.84
N ALA A 191 74.85 18.51 -44.60
CA ALA A 191 75.30 17.72 -43.45
C ALA A 191 74.92 18.38 -42.13
N GLN A 192 75.10 19.69 -42.01
CA GLN A 192 74.66 20.38 -40.79
C GLN A 192 73.15 20.53 -40.74
N GLU A 193 72.48 20.49 -41.89
CA GLU A 193 71.03 20.58 -41.90
C GLU A 193 70.40 19.30 -41.37
N LEU A 194 71.08 18.16 -41.53
CA LEU A 194 70.66 16.94 -40.87
C LEU A 194 71.23 16.80 -39.48
N LEU A 195 71.92 17.81 -38.99
CA LEU A 195 72.19 17.94 -37.56
C LEU A 195 71.07 18.76 -36.92
N ALA A 196 69.86 18.19 -36.99
CA ALA A 196 68.65 18.92 -36.60
C ALA A 196 68.55 19.12 -35.11
N LEU A 197 69.29 18.32 -34.32
CA LEU A 197 69.68 18.53 -32.92
C LEU A 197 68.50 18.71 -31.97
N ARG A 198 67.28 18.42 -32.40
CA ARG A 198 66.10 18.66 -31.59
C ARG A 198 65.17 17.47 -31.54
N SER A 199 65.23 16.59 -32.50
CA SER A 199 64.41 15.39 -32.47
C SER A 199 65.24 14.13 -32.67
N LEU A 200 66.26 14.18 -33.53
CA LEU A 200 67.02 12.98 -33.86
C LEU A 200 67.89 12.54 -32.69
N VAL A 201 68.31 13.49 -31.86
CA VAL A 201 68.95 13.16 -30.59
C VAL A 201 68.00 12.36 -29.72
N GLU A 202 66.73 12.79 -29.67
CA GLU A 202 65.74 12.12 -28.85
C GLU A 202 65.38 10.76 -29.41
N LEU A 203 65.35 10.63 -30.74
CA LEU A 203 65.07 9.34 -31.35
C LEU A 203 66.20 8.35 -31.10
N ARG A 204 67.45 8.80 -31.25
CA ARG A 204 68.61 7.95 -30.98
C ARG A 204 68.68 7.60 -29.49
N ALA A 205 68.23 8.50 -28.62
CA ALA A 205 68.20 8.21 -27.20
C ALA A 205 67.12 7.18 -26.88
N LEU A 206 65.98 7.27 -27.56
CA LEU A 206 64.87 6.38 -27.23
C LEU A 206 65.11 4.98 -27.74
N LEU A 207 65.69 4.85 -28.94
CA LEU A 207 65.90 3.51 -29.50
C LEU A 207 67.01 2.77 -28.76
N GLN A 208 68.12 3.44 -28.48
CA GLN A 208 69.25 2.82 -27.80
C GLN A 208 69.03 2.93 -26.30
N ARG A 209 68.18 2.04 -25.78
CA ARG A 209 67.97 1.94 -24.34
C ARG A 209 68.10 0.51 -23.87
N PRO A 210 68.49 0.32 -22.60
CA PRO A 210 68.24 -0.96 -21.95
C PRO A 210 66.75 -1.21 -21.80
N ARG A 211 66.40 -2.50 -21.75
CA ARG A 211 65.01 -2.96 -21.89
C ARG A 211 64.12 -2.42 -20.79
N GLY A 212 64.38 -2.81 -19.54
CA GLY A 212 63.49 -2.40 -18.49
C GLY A 212 62.16 -3.14 -18.56
N THR A 213 61.15 -2.54 -17.93
CA THR A 213 59.81 -3.10 -17.88
C THR A 213 58.90 -2.37 -18.89
N SER A 214 59.50 -1.56 -19.76
CA SER A 214 58.77 -0.84 -20.80
C SER A 214 58.19 -1.82 -21.81
N GLY A 215 56.87 -1.93 -21.83
CA GLY A 215 56.18 -2.85 -22.70
C GLY A 215 56.28 -2.44 -24.15
N PRO A 216 55.99 -3.36 -25.06
CA PRO A 216 56.15 -3.07 -26.50
C PRO A 216 55.05 -2.21 -27.06
N LEU A 217 54.03 -1.90 -26.26
CA LEU A 217 53.03 -0.89 -26.56
C LEU A 217 53.27 0.40 -25.80
N GLU A 218 53.84 0.33 -24.60
CA GLU A 218 54.22 1.53 -23.88
C GLU A 218 55.50 2.15 -24.42
N LEU A 219 56.23 1.42 -25.26
CA LEU A 219 57.40 2.01 -25.90
C LEU A 219 57.00 3.10 -26.88
N LEU A 220 56.01 2.81 -27.73
CA LEU A 220 55.55 3.81 -28.70
C LEU A 220 54.76 4.91 -28.04
N SER A 221 54.18 4.68 -26.88
CA SER A 221 53.28 5.68 -26.32
C SER A 221 54.02 6.81 -25.62
N GLU A 222 55.35 6.79 -25.66
CA GLU A 222 56.13 7.97 -25.31
C GLU A 222 56.53 8.74 -26.55
N ALA A 223 56.60 8.07 -27.69
CA ALA A 223 56.98 8.72 -28.92
C ALA A 223 55.79 9.26 -29.69
N LEU A 224 54.63 8.63 -29.56
CA LEU A 224 53.46 9.08 -30.31
C LEU A 224 52.82 10.32 -29.70
N CYS A 225 52.91 10.47 -28.39
CA CYS A 225 52.17 11.52 -27.69
C CYS A 225 52.72 11.74 -26.29
N SER A 226 53.13 12.96 -26.00
CA SER A 226 53.78 13.27 -24.75
C SER A 226 52.90 14.15 -23.88
N VAL A 227 53.16 14.11 -22.59
CA VAL A 227 52.46 14.94 -21.64
C VAL A 227 53.42 15.99 -21.09
N SER A 264 49.39 -17.24 -35.07
CA SER A 264 50.08 -15.96 -34.87
C SER A 264 51.32 -16.12 -33.98
N PRO A 265 52.44 -16.53 -34.58
CA PRO A 265 53.67 -16.75 -33.79
C PRO A 265 54.37 -15.46 -33.39
N ALA A 266 54.18 -14.39 -34.18
CA ALA A 266 54.86 -13.13 -33.90
C ALA A 266 54.04 -12.22 -32.99
N CYS A 267 52.71 -12.29 -33.08
CA CYS A 267 51.88 -11.53 -32.16
C CYS A 267 52.00 -12.05 -30.73
N SER A 268 52.01 -13.37 -30.58
CA SER A 268 51.89 -14.00 -29.26
C SER A 268 53.09 -13.71 -28.37
N GLU A 269 54.26 -13.45 -28.96
CA GLU A 269 55.43 -13.01 -28.21
C GLU A 269 55.15 -11.68 -27.52
N LEU A 270 54.61 -10.71 -28.27
CA LEU A 270 54.30 -9.42 -27.67
C LEU A 270 53.06 -9.47 -26.80
N ILE A 271 52.16 -10.44 -27.05
CA ILE A 271 51.02 -10.68 -26.18
C ILE A 271 51.48 -11.14 -24.80
N GLY A 272 52.46 -12.06 -24.76
CA GLY A 272 53.07 -12.41 -23.50
C GLY A 272 53.87 -11.27 -22.90
N ALA A 273 54.46 -10.43 -23.75
CA ALA A 273 55.27 -9.32 -23.25
C ALA A 273 54.44 -8.22 -22.62
N LEU A 274 53.22 -7.99 -23.10
CA LEU A 274 52.45 -6.83 -22.67
C LEU A 274 51.82 -6.98 -21.29
N ASP A 275 51.78 -8.19 -20.72
CA ASP A 275 51.01 -8.44 -19.50
C ASP A 275 51.61 -7.77 -18.27
N SER A 276 52.84 -7.27 -18.35
CA SER A 276 53.55 -6.69 -17.22
C SER A 276 52.98 -5.36 -16.77
N HIS A 277 52.08 -4.75 -17.53
CA HIS A 277 51.54 -3.44 -17.16
C HIS A 277 50.04 -3.44 -17.37
N PRO A 278 49.25 -3.09 -16.35
CA PRO A 278 47.79 -3.11 -16.49
C PRO A 278 47.25 -2.14 -17.53
N LEU A 279 47.93 -1.01 -17.76
CA LEU A 279 47.52 -0.12 -18.83
C LEU A 279 47.73 -0.79 -20.20
N SER A 280 48.81 -1.55 -20.34
CA SER A 280 49.09 -2.23 -21.60
C SER A 280 48.03 -3.27 -21.92
N ARG A 281 47.58 -4.03 -20.92
CA ARG A 281 46.53 -5.00 -21.19
C ARG A 281 45.18 -4.33 -21.34
N LEU A 282 44.96 -3.18 -20.69
CA LEU A 282 43.70 -2.47 -20.86
C LEU A 282 43.64 -1.71 -22.18
N LEU A 283 44.77 -1.50 -22.83
CA LEU A 283 44.73 -0.94 -24.17
C LEU A 283 44.62 -2.03 -25.23
N TRP A 284 45.32 -3.15 -25.02
CA TRP A 284 45.22 -4.29 -25.93
C TRP A 284 43.85 -4.95 -25.86
N ARG A 285 43.15 -4.85 -24.73
CA ARG A 285 41.90 -5.57 -24.50
C ARG A 285 40.83 -5.18 -25.51
N ARG A 286 40.85 -3.96 -25.98
CA ARG A 286 39.93 -3.48 -26.99
C ARG A 286 40.62 -3.00 -28.25
N LEU A 287 41.95 -3.05 -28.32
CA LEU A 287 42.57 -2.96 -29.64
C LEU A 287 42.64 -4.31 -30.34
N LYS A 288 42.35 -5.41 -29.63
CA LYS A 288 42.52 -6.74 -30.23
C LYS A 288 41.56 -7.03 -31.39
N PRO A 289 40.24 -6.76 -31.33
CA PRO A 289 39.40 -7.01 -32.51
C PRO A 289 39.78 -6.26 -33.78
N LEU A 290 40.42 -5.11 -33.69
CA LEU A 290 40.77 -4.40 -34.90
C LEU A 290 41.98 -5.00 -35.60
N ILE A 291 42.89 -5.67 -34.89
CA ILE A 291 44.10 -6.21 -35.51
C ILE A 291 44.18 -7.71 -35.46
N LEU A 292 43.16 -8.38 -34.97
CA LEU A 292 43.01 -9.81 -35.20
C LEU A 292 41.77 -10.14 -35.98
N GLY A 293 40.67 -9.51 -35.68
CA GLY A 293 39.37 -9.93 -36.17
C GLY A 293 39.21 -9.74 -37.65
N LYS A 294 38.16 -10.36 -38.18
CA LYS A 294 37.89 -10.37 -39.60
C LYS A 294 36.62 -9.59 -39.86
N LEU A 295 36.42 -9.26 -41.12
CA LEU A 295 35.34 -8.41 -41.60
C LEU A 295 34.68 -9.10 -42.77
N LEU A 296 33.34 -9.14 -42.81
CA LEU A 296 32.62 -9.97 -43.75
C LEU A 296 31.59 -9.12 -44.48
N PHE A 297 31.40 -9.33 -45.78
CA PHE A 297 30.47 -8.47 -46.54
C PHE A 297 29.46 -9.26 -47.36
N ALA A 298 28.17 -8.92 -47.23
CA ALA A 298 27.26 -9.99 -47.64
C ALA A 298 26.94 -10.20 -49.12
N PRO A 299 26.16 -9.41 -49.88
CA PRO A 299 25.49 -10.02 -51.06
C PRO A 299 26.38 -10.37 -52.25
N ASP A 300 27.62 -9.89 -52.33
CA ASP A 300 28.69 -10.42 -53.20
C ASP A 300 28.32 -10.39 -54.69
N THR A 301 28.22 -9.19 -55.21
CA THR A 301 27.91 -8.89 -56.61
C THR A 301 29.16 -8.31 -57.26
N PRO A 302 29.16 -7.94 -58.56
CA PRO A 302 30.24 -7.06 -59.04
C PRO A 302 30.34 -5.73 -58.30
N PHE A 303 29.21 -5.14 -57.93
CA PHE A 303 29.21 -3.85 -57.25
C PHE A 303 29.90 -3.94 -55.90
N THR A 304 29.64 -5.01 -55.16
CA THR A 304 30.16 -5.11 -53.81
C THR A 304 31.65 -5.34 -53.80
N ARG A 305 32.16 -6.11 -54.76
CA ARG A 305 33.61 -6.28 -54.88
C ARG A 305 34.27 -4.99 -55.31
N LYS A 306 33.62 -4.27 -56.23
CA LYS A 306 34.12 -2.97 -56.67
C LYS A 306 34.17 -1.98 -55.52
N LEU A 307 33.23 -2.07 -54.58
CA LEU A 307 33.26 -1.20 -53.41
C LEU A 307 34.34 -1.63 -52.45
N MET A 308 34.35 -2.89 -52.05
CA MET A 308 35.24 -3.31 -50.97
C MET A 308 36.70 -3.44 -51.38
N ALA A 309 37.04 -3.30 -52.66
CA ALA A 309 38.44 -3.05 -52.99
C ALA A 309 38.92 -1.74 -52.38
N GLN A 310 38.06 -0.71 -52.35
CA GLN A 310 38.44 0.58 -51.77
C GLN A 310 38.63 0.49 -50.26
N VAL A 311 37.84 -0.34 -49.57
CA VAL A 311 38.05 -0.50 -48.15
C VAL A 311 39.31 -1.31 -47.89
N ASN A 312 39.63 -2.27 -48.76
CA ASN A 312 40.90 -2.99 -48.60
C ASN A 312 42.11 -2.13 -48.93
N ARG A 313 41.92 -1.04 -49.67
CA ARG A 313 43.03 -0.11 -49.90
C ARG A 313 43.52 0.59 -48.63
N THR A 314 42.78 0.55 -47.52
CA THR A 314 43.31 1.13 -46.31
C THR A 314 44.29 0.19 -45.61
N PHE A 315 43.93 -1.08 -45.49
CA PHE A 315 44.86 -2.02 -44.89
C PHE A 315 45.96 -2.45 -45.85
N GLU A 316 45.84 -2.16 -47.14
CA GLU A 316 46.92 -2.49 -48.05
C GLU A 316 48.12 -1.58 -47.85
N GLU A 317 47.89 -0.29 -47.56
CA GLU A 317 48.99 0.65 -47.44
C GLU A 317 49.71 0.56 -46.11
N LEU A 318 49.16 -0.17 -45.13
CA LEU A 318 49.90 -0.43 -43.91
C LEU A 318 50.95 -1.51 -44.10
N THR A 319 50.92 -2.24 -45.20
CA THR A 319 51.97 -3.21 -45.52
C THR A 319 53.02 -2.62 -46.44
N LEU A 320 53.24 -1.32 -46.36
CA LEU A 320 54.38 -0.68 -47.00
C LEU A 320 55.47 -0.34 -45.99
N LEU A 321 55.19 -0.56 -44.71
CA LEU A 321 56.23 -0.52 -43.69
C LEU A 321 57.13 -1.75 -43.73
N ARG A 322 56.69 -2.82 -44.39
CA ARG A 322 57.42 -4.08 -44.34
C ARG A 322 58.37 -4.29 -45.52
N ASP A 323 58.05 -3.77 -46.72
CA ASP A 323 58.92 -4.04 -47.85
C ASP A 323 60.15 -3.13 -47.85
N VAL A 324 60.16 -2.13 -46.98
CA VAL A 324 61.37 -1.35 -46.82
C VAL A 324 62.41 -2.20 -46.10
N ARG A 325 61.97 -3.19 -45.30
CA ARG A 325 62.94 -4.14 -44.75
C ARG A 325 63.55 -4.99 -45.86
N GLU A 326 62.79 -5.27 -46.92
CA GLU A 326 63.32 -5.97 -48.08
C GLU A 326 64.37 -5.14 -48.80
N VAL A 327 64.07 -3.85 -49.00
CA VAL A 327 65.04 -2.97 -49.64
C VAL A 327 66.27 -2.80 -48.76
N TRP A 328 66.07 -2.72 -47.45
CA TRP A 328 67.18 -2.58 -46.52
C TRP A 328 68.05 -3.83 -46.47
N GLU A 329 67.44 -5.01 -46.52
CA GLU A 329 68.26 -6.22 -46.48
C GLU A 329 68.96 -6.47 -47.81
N MET A 330 68.44 -5.96 -48.93
CA MET A 330 69.23 -6.07 -50.15
C MET A 330 70.24 -4.94 -50.31
N LEU A 331 70.17 -3.88 -49.51
CA LEU A 331 71.15 -2.80 -49.58
C LEU A 331 72.22 -2.87 -48.49
N GLY A 332 71.89 -3.43 -47.33
CA GLY A 332 72.75 -3.39 -46.15
C GLY A 332 74.08 -4.12 -46.23
N PRO A 333 74.08 -5.39 -46.64
CA PRO A 333 75.37 -6.07 -46.86
C PRO A 333 76.24 -5.44 -47.91
N ARG A 334 75.65 -4.76 -48.91
CA ARG A 334 76.46 -4.03 -49.89
C ARG A 334 77.22 -2.90 -49.22
N ILE A 335 76.59 -2.21 -48.28
CA ILE A 335 77.27 -1.16 -47.52
C ILE A 335 78.28 -1.76 -46.57
N PHE A 336 77.91 -2.85 -45.88
CA PHE A 336 78.74 -3.39 -44.80
C PHE A 336 79.98 -4.10 -45.33
N THR A 337 79.93 -4.60 -46.56
CA THR A 337 81.11 -5.20 -47.17
C THR A 337 82.09 -4.18 -47.72
N PHE A 338 81.77 -2.89 -47.62
CA PHE A 338 82.71 -1.82 -47.93
C PHE A 338 83.50 -1.44 -46.69
N MET A 339 84.11 -2.44 -46.04
CA MET A 339 84.78 -2.28 -44.76
C MET A 339 86.17 -2.85 -44.89
N ASN A 340 87.17 -2.04 -44.50
CA ASN A 340 88.61 -2.33 -44.39
C ASN A 340 89.31 -2.48 -45.74
N ASP A 341 88.55 -2.47 -46.83
CA ASP A 341 89.12 -2.39 -48.18
C ASP A 341 88.64 -1.17 -48.94
N SER A 342 87.32 -0.95 -48.97
CA SER A 342 86.77 0.23 -49.62
C SER A 342 86.98 1.49 -48.79
N SER A 343 87.07 1.34 -47.47
CA SER A 343 87.28 2.50 -46.60
C SER A 343 88.68 3.08 -46.75
N ASN A 344 89.63 2.31 -47.28
CA ASN A 344 90.97 2.79 -47.56
C ASN A 344 91.17 3.13 -49.03
N VAL A 345 90.60 2.34 -49.93
CA VAL A 345 90.85 2.48 -51.36
C VAL A 345 89.72 3.23 -52.06
N ALA A 346 88.48 2.80 -51.85
CA ALA A 346 87.40 3.30 -52.68
C ALA A 346 86.83 4.64 -52.23
N MET A 347 87.13 5.09 -51.00
CA MET A 347 86.55 6.35 -50.55
C MET A 347 87.54 7.29 -49.91
N LEU A 348 88.62 6.76 -49.33
CA LEU A 348 89.57 7.61 -48.59
C LEU A 348 90.35 8.50 -49.54
N GLN A 349 90.74 7.99 -50.70
CA GLN A 349 91.40 8.82 -51.70
C GLN A 349 90.42 9.51 -52.63
N ARG A 350 89.13 9.54 -52.27
CA ARG A 350 88.13 10.36 -52.96
C ARG A 350 87.47 11.40 -52.06
N LEU A 351 87.35 11.14 -50.76
CA LEU A 351 86.72 12.05 -49.83
C LEU A 351 87.73 12.81 -48.97
N LEU A 352 88.71 12.10 -48.40
CA LEU A 352 89.57 12.66 -47.38
C LEU A 352 90.64 13.62 -47.93
N GLN A 353 90.68 13.83 -49.25
CA GLN A 353 91.65 14.77 -49.83
C GLN A 353 91.34 16.20 -49.39
N MET A 354 90.09 16.62 -49.53
CA MET A 354 89.67 17.94 -49.06
C MET A 354 89.10 17.82 -47.66
N PHE A 376 87.98 19.59 -43.85
CA PHE A 376 87.68 20.50 -42.74
C PHE A 376 86.71 19.83 -41.76
N LEU A 377 85.65 20.55 -41.37
CA LEU A 377 84.68 20.02 -40.41
C LEU A 377 83.90 18.85 -40.98
N ASP A 378 83.35 19.01 -42.17
CA ASP A 378 82.52 17.98 -42.79
C ASP A 378 83.30 16.83 -43.44
N PRO A 379 84.47 17.02 -44.06
CA PRO A 379 85.31 15.84 -44.34
C PRO A 379 85.78 15.11 -43.10
N GLY A 380 85.92 15.80 -41.96
CA GLY A 380 86.12 15.11 -40.70
C GLY A 380 84.86 14.45 -40.18
N SER A 381 83.69 14.90 -40.64
CA SER A 381 82.43 14.30 -40.25
C SER A 381 82.06 13.09 -41.10
N GLY A 382 82.57 13.04 -42.33
CA GLY A 382 82.26 11.92 -43.20
C GLY A 382 82.89 10.61 -42.74
N GLY A 383 84.15 10.67 -42.31
CA GLY A 383 84.79 9.48 -41.75
C GLY A 383 84.32 9.13 -40.35
N TYR A 384 83.77 10.10 -39.64
CA TYR A 384 83.19 9.89 -38.31
C TYR A 384 81.69 9.61 -38.42
N SER A 385 81.33 8.66 -39.27
CA SER A 385 79.94 8.30 -39.49
C SER A 385 79.69 6.81 -39.69
N TRP A 386 80.72 6.00 -39.86
CA TRP A 386 80.55 4.65 -40.41
C TRP A 386 79.92 3.69 -39.41
N GLN A 387 80.26 3.83 -38.13
CA GLN A 387 79.96 2.79 -37.15
C GLN A 387 78.48 2.72 -36.82
N ASP A 388 77.85 3.88 -36.60
CA ASP A 388 76.47 3.94 -36.17
C ASP A 388 75.52 4.34 -37.29
N ALA A 389 75.95 4.27 -38.55
CA ALA A 389 75.02 4.57 -39.64
C ALA A 389 74.12 3.36 -39.91
N HIS A 390 74.72 2.27 -40.41
CA HIS A 390 73.90 1.17 -40.92
C HIS A 390 73.32 0.34 -39.79
N ALA A 391 74.05 0.21 -38.69
CA ALA A 391 73.58 -0.54 -37.53
C ALA A 391 72.39 0.12 -36.87
N ASP A 392 72.40 1.45 -36.77
CA ASP A 392 71.27 2.10 -36.12
C ASP A 392 70.03 2.15 -37.02
N VAL A 393 70.21 2.34 -38.32
CA VAL A 393 69.03 2.37 -39.19
C VAL A 393 68.49 0.95 -39.40
N GLY A 394 69.34 -0.06 -39.20
CA GLY A 394 68.84 -1.41 -39.19
C GLY A 394 68.17 -1.77 -37.89
N HIS A 395 68.64 -1.21 -36.77
CA HIS A 395 67.97 -1.44 -35.52
C HIS A 395 66.64 -0.70 -35.46
N LEU A 396 66.55 0.41 -36.20
CA LEU A 396 65.30 1.15 -36.33
C LEU A 396 64.29 0.35 -37.14
N VAL A 397 64.73 -0.25 -38.25
CA VAL A 397 63.77 -0.93 -39.12
C VAL A 397 63.58 -2.39 -38.72
N GLY A 398 64.40 -2.91 -37.80
CA GLY A 398 64.16 -4.23 -37.26
C GLY A 398 62.90 -4.30 -36.42
N THR A 399 62.61 -3.23 -35.68
CA THR A 399 61.35 -3.14 -34.97
C THR A 399 60.21 -2.80 -35.91
N LEU A 400 60.36 -1.72 -36.68
CA LEU A 400 59.30 -1.22 -37.54
C LEU A 400 59.21 -2.13 -38.76
N GLY A 401 58.21 -2.98 -38.76
CA GLY A 401 58.00 -3.91 -39.85
C GLY A 401 57.48 -5.23 -39.35
N ARG A 402 57.71 -5.51 -38.07
CA ARG A 402 57.08 -6.64 -37.42
C ARG A 402 55.72 -6.29 -36.85
N VAL A 403 55.37 -5.00 -36.84
CA VAL A 403 54.01 -4.58 -36.55
C VAL A 403 53.10 -4.93 -37.72
N THR A 404 53.64 -4.88 -38.94
CA THR A 404 52.91 -5.37 -40.10
C THR A 404 52.78 -6.88 -40.10
N GLU A 405 53.72 -7.57 -39.44
CA GLU A 405 53.69 -9.03 -39.43
C GLU A 405 52.66 -9.58 -38.46
N CYS A 406 52.07 -8.72 -37.62
CA CYS A 406 51.00 -9.14 -36.73
C CYS A 406 49.63 -8.79 -37.28
N LEU A 407 49.54 -7.71 -38.06
CA LEU A 407 48.34 -7.44 -38.84
C LEU A 407 48.11 -8.54 -39.86
N SER A 408 46.85 -8.97 -39.98
CA SER A 408 46.48 -9.96 -40.98
C SER A 408 46.67 -9.39 -42.38
N LEU A 409 47.17 -10.23 -43.29
CA LEU A 409 47.24 -9.82 -44.70
C LEU A 409 45.85 -9.60 -45.26
N ASP A 410 44.92 -10.49 -44.93
CA ASP A 410 43.55 -10.42 -45.43
C ASP A 410 42.59 -10.26 -44.26
N LYS A 411 41.70 -9.30 -44.39
CA LYS A 411 40.57 -9.16 -43.49
C LYS A 411 39.24 -9.34 -44.17
N LEU A 412 39.13 -8.99 -45.44
CA LEU A 412 37.87 -9.16 -46.13
C LEU A 412 37.63 -10.63 -46.43
N GLU A 413 36.36 -10.99 -46.50
CA GLU A 413 35.92 -12.33 -46.86
C GLU A 413 34.47 -12.24 -47.27
N ALA A 414 34.15 -12.74 -48.44
CA ALA A 414 32.79 -12.64 -48.95
C ALA A 414 31.84 -13.58 -48.19
N ALA A 415 30.59 -13.55 -48.61
CA ALA A 415 29.57 -14.44 -48.11
C ALA A 415 28.49 -14.54 -49.17
N PRO A 416 27.66 -15.55 -49.13
CA PRO A 416 26.59 -15.60 -50.12
C PRO A 416 25.43 -14.67 -49.79
N SER A 417 25.02 -14.61 -48.52
CA SER A 417 23.93 -13.73 -48.09
C SER A 417 23.97 -13.61 -46.58
N GLU A 418 23.06 -12.79 -46.06
CA GLU A 418 23.11 -12.33 -44.67
C GLU A 418 22.89 -13.48 -43.70
N ALA A 419 22.03 -14.43 -44.06
CA ALA A 419 21.73 -15.54 -43.17
C ALA A 419 22.89 -16.51 -43.04
N ALA A 420 23.81 -16.51 -44.00
CA ALA A 420 25.06 -17.23 -43.83
C ALA A 420 26.08 -16.39 -43.10
N LEU A 421 25.96 -15.05 -43.20
CA LEU A 421 26.86 -14.18 -42.47
C LEU A 421 26.66 -14.29 -40.96
N VAL A 422 25.41 -14.43 -40.51
CA VAL A 422 25.16 -14.58 -39.08
C VAL A 422 25.75 -15.89 -38.56
N SER A 423 25.61 -16.97 -39.33
CA SER A 423 26.14 -18.25 -38.90
C SER A 423 27.66 -18.25 -38.90
N ARG A 424 28.28 -17.71 -39.95
CA ARG A 424 29.74 -17.64 -40.02
C ARG A 424 30.30 -16.69 -38.97
N ALA A 425 29.55 -15.63 -38.65
CA ALA A 425 29.94 -14.71 -37.61
C ALA A 425 29.94 -15.37 -36.24
N LEU A 426 28.87 -16.08 -35.90
CA LEU A 426 28.83 -16.77 -34.63
C LEU A 426 29.75 -17.98 -34.59
N GLN A 427 30.22 -18.46 -35.75
CA GLN A 427 31.35 -19.38 -35.77
C GLN A 427 32.64 -18.68 -35.36
N LEU A 428 32.88 -17.48 -35.93
CA LEU A 428 34.14 -16.77 -35.71
C LEU A 428 34.22 -16.14 -34.34
N LEU A 429 33.08 -15.89 -33.72
CA LEU A 429 33.07 -15.08 -32.51
C LEU A 429 33.62 -15.85 -31.32
N ALA A 430 33.26 -17.14 -31.21
CA ALA A 430 33.81 -17.99 -30.16
C ALA A 430 35.25 -18.40 -30.43
N GLU A 431 35.75 -18.17 -31.64
CA GLU A 431 37.15 -18.32 -31.97
C GLU A 431 37.95 -17.09 -31.56
N HIS A 432 37.23 -16.02 -31.13
CA HIS A 432 37.76 -14.72 -30.67
C HIS A 432 38.42 -13.94 -31.80
N ARG A 433 37.77 -13.90 -32.97
CA ARG A 433 38.35 -13.23 -34.11
C ARG A 433 37.32 -12.49 -34.94
N PHE A 434 36.42 -11.72 -34.34
CA PHE A 434 35.40 -11.02 -35.12
C PHE A 434 35.49 -9.51 -34.93
N TRP A 435 35.54 -8.76 -36.04
CA TRP A 435 35.32 -7.32 -35.92
C TRP A 435 33.88 -6.94 -36.24
N ALA A 436 33.44 -7.08 -37.48
CA ALA A 436 32.08 -6.66 -37.81
C ALA A 436 31.67 -7.26 -39.13
N GLY A 437 30.38 -7.16 -39.43
CA GLY A 437 29.91 -7.58 -40.72
C GLY A 437 29.08 -6.58 -41.49
N VAL A 438 29.59 -6.09 -42.57
CA VAL A 438 28.86 -5.21 -43.44
C VAL A 438 27.86 -6.05 -44.23
N VAL A 439 26.63 -5.59 -44.35
CA VAL A 439 25.60 -6.28 -45.15
C VAL A 439 25.02 -5.25 -46.09
N PHE A 440 25.34 -5.34 -47.37
CA PHE A 440 24.64 -4.49 -48.31
C PHE A 440 23.26 -5.05 -48.54
N LEU A 441 22.40 -4.25 -49.13
CA LEU A 441 20.97 -4.48 -48.93
C LEU A 441 20.24 -3.84 -50.08
N GLY A 442 18.95 -4.12 -50.16
CA GLY A 442 18.10 -3.51 -51.13
C GLY A 442 17.97 -4.35 -52.37
N PRO A 443 16.95 -4.07 -53.20
CA PRO A 443 16.73 -4.83 -54.43
C PRO A 443 17.71 -4.47 -55.52
N PRO A 459 19.19 0.84 -57.33
CA PRO A 459 19.72 1.74 -58.33
C PRO A 459 21.00 2.41 -57.88
N GLY A 460 20.92 3.69 -57.54
CA GLY A 460 22.04 4.41 -56.97
C GLY A 460 22.00 4.48 -55.47
N HIS A 461 20.84 4.25 -54.87
CA HIS A 461 20.74 4.30 -53.43
C HIS A 461 21.46 3.12 -52.82
N VAL A 462 22.20 3.38 -51.76
CA VAL A 462 23.03 2.36 -51.10
C VAL A 462 22.50 2.24 -49.69
N ARG A 463 22.44 1.03 -49.15
CA ARG A 463 21.76 0.79 -47.87
C ARG A 463 22.61 -0.05 -46.94
N ILE A 464 23.83 0.39 -46.68
CA ILE A 464 24.79 -0.26 -45.81
C ILE A 464 24.22 -0.59 -44.44
N LYS A 465 24.74 -1.61 -43.77
CA LYS A 465 24.19 -2.06 -42.52
C LYS A 465 25.29 -2.73 -41.74
N ILE A 466 25.68 -2.19 -40.62
CA ILE A 466 26.79 -2.75 -39.87
C ILE A 466 26.24 -3.56 -38.72
N ARG A 467 26.58 -4.85 -38.69
CA ARG A 467 26.11 -5.78 -37.69
C ARG A 467 27.34 -6.12 -36.89
N MET A 468 27.34 -5.73 -35.64
CA MET A 468 28.50 -5.83 -34.78
C MET A 468 28.17 -6.91 -33.75
N ASP A 469 28.99 -7.08 -32.73
CA ASP A 469 28.65 -7.90 -31.56
C ASP A 469 27.58 -7.17 -30.72
N ILE A 470 27.31 -7.62 -29.51
CA ILE A 470 26.42 -6.87 -28.62
C ILE A 470 27.10 -6.45 -27.33
N ASP A 471 28.30 -6.91 -27.05
CA ASP A 471 29.11 -6.26 -26.02
C ASP A 471 29.89 -5.08 -26.59
N VAL A 472 29.73 -4.80 -27.88
CA VAL A 472 30.64 -3.96 -28.65
C VAL A 472 29.93 -2.82 -29.39
N VAL A 473 28.66 -2.90 -29.71
CA VAL A 473 27.96 -1.78 -30.32
C VAL A 473 26.96 -1.34 -29.27
N THR A 474 26.49 -0.10 -29.36
CA THR A 474 25.56 0.33 -28.34
C THR A 474 24.17 -0.18 -28.71
N ARG A 475 23.40 -0.48 -27.69
CA ARG A 475 22.13 -1.15 -27.88
C ARG A 475 21.09 -0.19 -28.41
N THR A 476 20.15 -0.73 -29.18
CA THR A 476 19.44 0.07 -30.16
C THR A 476 17.93 0.10 -29.99
N ASN A 477 17.42 -0.16 -28.80
CA ASN A 477 16.00 -0.02 -28.58
C ASN A 477 15.60 1.33 -28.03
N LYS A 478 16.55 2.22 -27.79
CA LYS A 478 16.28 3.57 -27.31
C LYS A 478 17.09 4.55 -28.13
N ILE A 479 16.67 5.81 -28.09
CA ILE A 479 17.46 6.88 -28.68
C ILE A 479 17.91 7.87 -27.63
N ARG A 480 17.70 7.56 -26.36
CA ARG A 480 17.89 8.51 -25.28
C ARG A 480 17.91 7.69 -24.00
N ASP A 481 17.79 8.32 -22.86
CA ASP A 481 17.88 7.66 -21.58
C ASP A 481 16.63 7.98 -20.78
N ARG A 482 16.24 7.07 -19.89
CA ARG A 482 14.99 7.27 -19.15
C ARG A 482 15.13 8.36 -18.11
N PHE A 483 16.20 8.32 -17.34
CA PHE A 483 16.38 9.19 -16.19
C PHE A 483 17.58 10.08 -16.47
N TRP A 484 17.35 11.37 -16.56
CA TRP A 484 18.39 12.34 -16.90
C TRP A 484 19.49 12.36 -15.86
N ASP A 485 20.70 12.10 -16.28
CA ASP A 485 21.87 12.22 -15.42
C ASP A 485 22.59 13.49 -15.78
N PRO A 486 22.97 14.32 -14.87
CA PRO A 486 23.54 15.59 -15.27
C PRO A 486 25.02 15.53 -15.53
N GLY A 487 25.51 14.47 -16.15
CA GLY A 487 26.91 14.35 -16.47
C GLY A 487 27.10 14.90 -17.86
N PRO A 488 28.26 14.71 -18.47
CA PRO A 488 28.34 14.92 -19.91
C PRO A 488 28.14 13.65 -20.69
N ALA A 489 27.93 12.55 -19.96
CA ALA A 489 27.93 11.18 -20.45
C ALA A 489 29.15 10.89 -21.29
N ALA A 490 30.31 11.11 -20.71
CA ALA A 490 31.57 10.86 -21.39
C ALA A 490 32.49 10.12 -20.47
N ASP A 491 32.35 8.80 -20.47
CA ASP A 491 33.10 7.85 -19.72
C ASP A 491 33.66 6.92 -20.76
N PRO A 492 34.98 6.66 -20.80
CA PRO A 492 35.55 6.04 -21.99
C PRO A 492 35.12 4.62 -22.23
N LEU A 493 34.49 3.97 -21.26
CA LEU A 493 34.18 2.55 -21.37
C LEU A 493 32.70 2.30 -21.47
N THR A 494 31.90 2.94 -20.65
CA THR A 494 30.52 2.55 -20.50
C THR A 494 29.56 3.30 -21.40
N ASP A 495 29.95 4.40 -22.04
CA ASP A 495 29.03 4.99 -23.00
C ASP A 495 29.67 5.54 -24.26
N LEU A 496 30.95 5.37 -24.48
CA LEU A 496 31.50 5.58 -25.81
C LEU A 496 31.69 4.25 -26.54
N ARG A 497 30.64 3.46 -26.68
CA ARG A 497 30.83 2.12 -27.20
C ARG A 497 31.00 2.08 -28.71
N TYR A 498 30.56 3.10 -29.41
CA TYR A 498 30.89 3.25 -30.81
C TYR A 498 32.34 3.56 -31.07
N VAL A 499 33.08 4.05 -30.09
CA VAL A 499 34.44 4.47 -30.38
C VAL A 499 35.40 3.32 -30.20
N TRP A 500 35.38 2.66 -29.05
CA TRP A 500 36.32 1.58 -28.85
C TRP A 500 35.85 0.28 -29.45
N GLY A 501 34.55 0.08 -29.58
CA GLY A 501 34.06 -1.06 -30.31
C GLY A 501 34.44 -1.04 -31.76
N GLY A 502 34.53 0.13 -32.33
CA GLY A 502 34.98 0.27 -33.68
C GLY A 502 33.89 0.42 -34.70
N PHE A 503 32.68 0.77 -34.29
CA PHE A 503 31.62 1.03 -35.24
C PHE A 503 31.96 2.21 -36.13
N VAL A 504 32.33 3.33 -35.52
CA VAL A 504 32.46 4.57 -36.28
C VAL A 504 33.79 4.61 -37.00
N TYR A 505 34.75 3.75 -36.66
CA TYR A 505 35.94 3.61 -37.46
C TYR A 505 35.70 2.80 -38.72
N LEU A 506 34.64 2.01 -38.77
CA LEU A 506 34.31 1.20 -39.94
C LEU A 506 33.27 1.86 -40.82
N GLN A 507 32.35 2.58 -40.19
CA GLN A 507 31.34 3.38 -40.86
C GLN A 507 31.96 4.25 -41.93
N ASP A 508 32.83 5.19 -41.58
CA ASP A 508 33.36 6.06 -42.62
C ASP A 508 34.57 5.51 -43.34
N LEU A 509 34.89 4.23 -43.19
CA LEU A 509 35.68 3.58 -44.23
C LEU A 509 34.75 3.14 -45.34
N VAL A 510 33.59 2.61 -44.96
CA VAL A 510 32.63 2.13 -45.95
C VAL A 510 31.97 3.31 -46.65
N GLU A 511 31.59 4.34 -45.90
CA GLU A 511 30.94 5.52 -46.46
C GLU A 511 31.85 6.22 -47.44
N ARG A 512 33.13 6.34 -47.09
CA ARG A 512 34.08 7.00 -47.95
C ARG A 512 34.29 6.21 -49.22
N ALA A 513 34.22 4.88 -49.13
CA ALA A 513 34.32 4.04 -50.33
C ALA A 513 33.08 4.16 -51.21
N ALA A 514 31.89 4.25 -50.60
CA ALA A 514 30.68 4.41 -51.38
C ALA A 514 30.61 5.78 -52.04
N VAL A 515 31.13 6.81 -51.37
CA VAL A 515 31.25 8.13 -51.95
C VAL A 515 32.18 8.10 -53.13
N ARG A 516 33.28 7.37 -53.01
CA ARG A 516 34.25 7.27 -54.08
C ARG A 516 33.76 6.44 -55.25
N VAL A 517 32.80 5.54 -55.04
CA VAL A 517 32.32 4.66 -56.11
C VAL A 517 31.11 5.25 -56.83
N LEU A 518 30.13 5.78 -56.09
CA LEU A 518 28.88 6.28 -56.66
C LEU A 518 29.06 7.51 -57.53
N SER A 519 30.15 8.24 -57.39
CA SER A 519 30.32 9.51 -58.06
C SER A 519 31.52 9.59 -58.97
N GLY A 520 32.52 8.74 -58.77
CA GLY A 520 33.84 9.04 -59.26
C GLY A 520 34.45 10.08 -58.34
N ALA A 521 35.59 10.63 -58.78
CA ALA A 521 36.15 11.86 -58.23
C ALA A 521 36.48 11.74 -56.75
N ASN A 522 37.59 11.08 -56.46
CA ASN A 522 38.16 10.81 -55.13
C ASN A 522 38.13 12.05 -54.26
N PRO A 523 37.24 12.11 -53.27
CA PRO A 523 37.14 13.28 -52.42
C PRO A 523 38.24 13.24 -51.38
N ARG A 524 38.49 14.40 -50.79
CA ARG A 524 39.51 14.49 -49.75
C ARG A 524 39.00 15.50 -48.73
N ALA A 525 38.42 14.99 -47.65
CA ALA A 525 37.96 15.85 -46.56
C ALA A 525 37.93 14.99 -45.31
N GLY A 526 38.96 15.08 -44.48
CA GLY A 526 39.01 14.24 -43.29
C GLY A 526 38.04 14.70 -42.24
N LEU A 527 37.54 13.76 -41.45
CA LEU A 527 36.55 14.06 -40.43
C LEU A 527 37.15 13.86 -39.06
N TYR A 528 36.84 14.76 -38.13
CA TYR A 528 37.33 14.75 -36.76
C TYR A 528 36.12 14.78 -35.84
N LEU A 529 35.94 13.77 -35.01
CA LEU A 529 34.86 13.89 -34.03
C LEU A 529 35.28 14.82 -32.91
N GLN A 530 34.31 15.42 -32.22
CA GLN A 530 34.62 16.37 -31.17
C GLN A 530 33.40 16.49 -30.28
N GLN A 531 33.53 16.08 -29.03
CA GLN A 531 32.40 16.13 -28.13
C GLN A 531 32.24 17.56 -27.65
N MET A 532 31.05 17.92 -27.24
CA MET A 532 30.84 19.30 -26.84
C MET A 532 31.36 19.56 -25.41
N PRO A 533 31.78 20.78 -25.10
CA PRO A 533 32.11 21.12 -23.73
C PRO A 533 30.86 21.22 -22.87
N TYR A 534 31.07 21.20 -21.57
CA TYR A 534 29.94 21.06 -20.68
C TYR A 534 30.19 21.86 -19.41
N PRO A 535 29.18 22.46 -18.80
CA PRO A 535 29.43 23.36 -17.68
C PRO A 535 29.68 22.65 -16.36
N CYS A 536 30.01 23.48 -15.39
CA CYS A 536 30.21 23.13 -13.98
C CYS A 536 28.93 22.52 -13.43
N TYR A 537 29.00 21.44 -12.65
CA TYR A 537 27.73 20.87 -12.19
C TYR A 537 27.89 20.14 -10.87
N VAL A 538 26.77 19.64 -10.31
CA VAL A 538 26.81 18.73 -9.17
C VAL A 538 25.93 17.52 -9.47
N ASP A 539 26.30 16.40 -8.86
CA ASP A 539 25.57 15.15 -8.99
C ASP A 539 25.08 14.81 -7.60
N ASP A 540 23.76 14.79 -7.44
CA ASP A 540 23.10 14.66 -6.15
C ASP A 540 21.88 13.78 -6.40
N VAL A 541 22.04 12.48 -6.20
CA VAL A 541 21.00 11.54 -6.57
C VAL A 541 19.91 11.51 -5.53
N PHE A 542 20.21 11.95 -4.31
CA PHE A 542 19.19 11.98 -3.27
C PHE A 542 18.17 13.06 -3.53
N LEU A 543 18.61 14.24 -3.93
CA LEU A 543 17.66 15.31 -4.02
C LEU A 543 16.98 15.35 -5.37
N ARG A 544 17.49 14.61 -6.36
CA ARG A 544 16.76 14.46 -7.61
C ARG A 544 15.54 13.58 -7.43
N VAL A 545 15.58 12.68 -6.46
CA VAL A 545 14.39 11.96 -6.03
C VAL A 545 14.11 12.24 -4.55
N LEU A 546 13.45 13.35 -4.32
CA LEU A 546 12.95 13.78 -3.02
C LEU A 546 11.55 14.30 -3.16
N SER A 547 11.15 14.61 -4.38
CA SER A 547 9.78 14.85 -4.73
C SER A 547 8.98 13.58 -4.73
N ARG A 548 9.62 12.42 -4.63
CA ARG A 548 8.97 11.12 -4.62
C ARG A 548 9.10 10.38 -3.31
N SER A 549 10.02 10.78 -2.44
CA SER A 549 10.23 10.04 -1.21
C SER A 549 10.09 10.85 0.05
N LEU A 550 9.74 12.11 -0.04
CA LEU A 550 9.23 12.86 1.09
C LEU A 550 7.72 12.71 1.28
N PRO A 551 6.85 12.73 0.25
CA PRO A 551 5.44 12.42 0.53
C PRO A 551 5.17 11.04 1.08
N LEU A 552 5.91 10.04 0.63
CA LEU A 552 5.74 8.68 1.14
C LEU A 552 6.16 8.57 2.59
N PHE A 553 7.24 9.20 2.96
CA PHE A 553 7.69 9.08 4.33
C PHE A 553 6.95 9.95 5.29
N LEU A 554 6.00 10.77 4.85
CA LEU A 554 5.14 11.45 5.81
C LEU A 554 3.70 11.00 5.74
N THR A 555 3.27 10.39 4.64
CA THR A 555 2.01 9.67 4.66
C THR A 555 2.09 8.46 5.58
N LEU A 556 3.23 7.78 5.64
CA LEU A 556 3.36 6.69 6.60
C LEU A 556 3.66 7.16 8.01
N ALA A 557 4.21 8.35 8.20
CA ALA A 557 4.57 8.76 9.53
C ALA A 557 3.42 9.37 10.28
N TRP A 558 2.35 9.74 9.58
CA TRP A 558 1.14 10.27 10.18
C TRP A 558 -0.04 9.34 10.00
N ILE A 559 0.20 8.06 9.72
CA ILE A 559 -0.91 7.14 9.55
C ILE A 559 -1.29 6.49 10.85
N TYR A 560 -0.51 6.69 11.90
CA TYR A 560 -0.90 6.23 13.22
C TYR A 560 -1.69 7.27 14.00
N SER A 561 -1.46 8.55 13.75
CA SER A 561 -2.34 9.53 14.36
C SER A 561 -3.68 9.61 13.66
N VAL A 562 -3.77 9.34 12.36
CA VAL A 562 -5.08 9.34 11.72
C VAL A 562 -5.91 8.17 12.17
N THR A 563 -5.30 7.04 12.51
CA THR A 563 -6.12 5.98 13.03
C THR A 563 -6.49 6.22 14.49
N LEU A 564 -5.69 6.99 15.24
CA LEU A 564 -6.14 7.30 16.58
C LEU A 564 -7.26 8.34 16.60
N THR A 565 -7.26 9.34 15.70
CA THR A 565 -8.35 10.29 15.72
C THR A 565 -9.64 9.66 15.22
N VAL A 566 -9.57 8.76 14.22
CA VAL A 566 -10.80 8.13 13.76
C VAL A 566 -11.35 7.17 14.81
N LYS A 567 -10.47 6.46 15.52
CA LYS A 567 -10.93 5.61 16.62
C LYS A 567 -11.58 6.40 17.74
N ALA A 568 -11.00 7.54 18.13
CA ALA A 568 -11.60 8.32 19.23
C ALA A 568 -12.93 8.93 18.85
N VAL A 569 -13.03 9.50 17.65
CA VAL A 569 -14.26 10.13 17.19
C VAL A 569 -15.38 9.09 17.06
N VAL A 570 -15.05 7.87 16.61
CA VAL A 570 -16.10 6.88 16.46
C VAL A 570 -16.49 6.26 17.80
N ARG A 571 -15.57 6.09 18.75
CA ARG A 571 -15.99 5.53 20.04
C ARG A 571 -16.75 6.56 20.88
N GLU A 572 -16.72 7.82 20.51
CA GLU A 572 -17.54 8.80 21.19
C GLU A 572 -18.97 8.80 20.64
N LYS A 573 -19.24 7.94 19.69
CA LYS A 573 -20.52 7.77 19.01
C LYS A 573 -21.06 6.36 19.12
N GLU A 574 -20.18 5.35 19.11
CA GLU A 574 -20.58 3.96 19.28
C GLU A 574 -21.20 3.75 20.64
N THR A 575 -20.61 4.32 21.66
CA THR A 575 -21.07 4.13 23.01
C THR A 575 -22.20 5.02 23.37
N ARG A 576 -22.96 5.55 22.40
CA ARG A 576 -24.23 6.24 22.60
C ARG A 576 -24.07 7.46 23.49
N LEU A 577 -22.91 8.08 23.44
CA LEU A 577 -22.55 9.09 24.40
C LEU A 577 -22.19 10.41 23.75
N ARG A 578 -22.27 10.49 22.44
CA ARG A 578 -22.49 11.79 21.86
C ARG A 578 -23.94 12.21 22.00
N ASP A 579 -24.85 11.26 22.16
CA ASP A 579 -26.26 11.58 22.27
C ASP A 579 -26.61 12.12 23.63
N THR A 580 -25.94 11.67 24.67
CA THR A 580 -26.25 12.11 26.02
C THR A 580 -25.56 13.41 26.39
N MET A 581 -24.82 14.00 25.46
CA MET A 581 -24.35 15.37 25.62
C MET A 581 -25.19 16.34 24.84
N ARG A 582 -25.58 16.00 23.62
CA ARG A 582 -26.44 16.89 22.85
C ARG A 582 -27.86 16.91 23.40
N ALA A 583 -28.23 15.94 24.24
CA ALA A 583 -29.44 16.03 25.03
C ALA A 583 -29.19 16.60 26.40
N MET A 584 -28.11 17.34 26.58
CA MET A 584 -27.79 17.99 27.83
C MET A 584 -27.50 19.47 27.60
N GLY A 585 -27.83 19.98 26.42
CA GLY A 585 -27.70 21.38 26.12
C GLY A 585 -26.51 21.72 25.27
N LEU A 586 -25.69 20.75 24.92
CA LEU A 586 -24.45 21.05 24.26
C LEU A 586 -24.75 21.20 22.77
N SER A 587 -23.89 21.90 22.07
CA SER A 587 -24.19 22.26 20.70
C SER A 587 -23.67 21.19 19.74
N ARG A 588 -23.64 21.48 18.46
CA ARG A 588 -22.80 20.74 17.54
C ARG A 588 -21.67 21.59 17.01
N ALA A 589 -21.68 22.88 17.28
CA ALA A 589 -20.47 23.64 17.03
C ALA A 589 -19.43 23.29 18.06
N VAL A 590 -19.83 23.15 19.31
CA VAL A 590 -18.90 22.94 20.41
C VAL A 590 -18.31 21.54 20.30
N LEU A 591 -19.14 20.53 20.09
CA LEU A 591 -18.68 19.15 19.98
C LEU A 591 -17.68 18.96 18.87
N TRP A 592 -17.83 19.67 17.76
CA TRP A 592 -16.85 19.47 16.70
C TRP A 592 -15.65 20.35 16.86
N LEU A 593 -15.80 21.51 17.49
CA LEU A 593 -14.65 22.36 17.70
C LEU A 593 -13.74 21.82 18.79
N GLY A 594 -14.30 21.12 19.78
CA GLY A 594 -13.48 20.44 20.75
C GLY A 594 -12.73 19.24 20.20
N TRP A 595 -13.18 18.67 19.09
CA TRP A 595 -12.42 17.62 18.43
C TRP A 595 -11.38 18.18 17.49
N PHE A 596 -11.68 19.30 16.82
CA PHE A 596 -10.68 19.96 16.00
C PHE A 596 -9.50 20.44 16.83
N LEU A 597 -9.74 21.25 17.86
CA LEU A 597 -8.64 21.81 18.62
C LEU A 597 -7.89 20.81 19.47
N SER A 598 -8.37 19.59 19.59
CA SER A 598 -7.66 18.61 20.40
C SER A 598 -7.04 17.50 19.59
N CYS A 599 -7.49 17.28 18.36
CA CYS A 599 -6.80 16.36 17.46
C CYS A 599 -5.76 17.06 16.60
N LEU A 600 -5.60 18.37 16.76
CA LEU A 600 -4.54 19.18 16.19
C LEU A 600 -3.48 19.45 17.24
N GLY A 601 -3.23 18.46 18.04
CA GLY A 601 -2.28 18.55 19.10
C GLY A 601 -1.03 17.90 18.59
N PRO A 602 -0.93 16.59 18.78
CA PRO A 602 0.17 15.80 18.22
C PRO A 602 0.46 15.98 16.75
N PHE A 603 -0.53 16.29 15.92
CA PHE A 603 -0.27 16.57 14.52
C PHE A 603 0.61 17.79 14.35
N LEU A 604 0.39 18.81 15.15
CA LEU A 604 1.02 20.09 14.95
C LEU A 604 2.22 20.23 15.86
N LEU A 605 2.52 19.20 16.64
CA LEU A 605 3.72 19.10 17.45
C LEU A 605 4.73 18.14 16.84
N SER A 606 4.29 17.10 16.16
CA SER A 606 5.20 16.28 15.40
C SER A 606 5.46 16.84 14.02
N ALA A 607 4.86 17.96 13.64
CA ALA A 607 5.21 18.68 12.42
C ALA A 607 5.94 19.95 12.73
N ALA A 608 6.54 20.01 13.89
CA ALA A 608 7.34 21.11 14.33
C ALA A 608 8.59 20.57 14.94
N LEU A 609 8.67 19.27 15.09
CA LEU A 609 9.80 18.55 15.62
C LEU A 609 10.41 17.65 14.56
N LEU A 610 9.80 17.56 13.38
CA LEU A 610 10.48 17.02 12.21
C LEU A 610 10.93 18.10 11.24
N VAL A 611 10.56 19.35 11.44
CA VAL A 611 11.20 20.44 10.71
C VAL A 611 12.64 20.63 11.17
N LEU A 612 12.91 20.36 12.46
CA LEU A 612 14.29 20.32 12.95
C LEU A 612 15.09 19.22 12.27
N VAL A 613 14.50 18.04 12.10
CA VAL A 613 15.22 16.94 11.46
C VAL A 613 15.53 17.30 10.00
N LEU A 614 14.57 17.86 9.27
CA LEU A 614 14.81 18.22 7.88
C LEU A 614 15.88 19.28 7.73
N LYS A 615 15.78 20.40 8.44
CA LYS A 615 16.76 21.46 8.22
C LYS A 615 18.11 21.12 8.87
N LEU A 616 18.12 20.29 9.90
CA LEU A 616 19.30 20.13 10.72
C LEU A 616 20.04 18.82 10.47
N GLY A 617 19.39 17.82 9.91
CA GLY A 617 20.08 16.66 9.37
C GLY A 617 20.25 16.74 7.87
N ASP A 618 20.10 17.94 7.33
CA ASP A 618 20.49 18.30 5.97
C ASP A 618 19.65 17.63 4.89
N ILE A 619 18.43 17.23 5.18
CA ILE A 619 17.57 16.76 4.10
C ILE A 619 17.10 17.92 3.25
N LEU A 620 16.80 19.05 3.87
CA LEU A 620 16.44 20.28 3.16
C LEU A 620 17.23 21.46 3.68
N PRO A 621 18.52 21.53 3.41
CA PRO A 621 19.28 22.71 3.82
C PRO A 621 19.04 23.82 2.80
N TYR A 622 19.50 25.02 3.16
CA TYR A 622 19.31 26.31 2.49
C TYR A 622 17.88 26.82 2.58
N SER A 623 16.97 26.00 3.08
CA SER A 623 15.59 26.43 3.24
C SER A 623 15.48 27.19 4.55
N HIS A 624 14.30 27.73 4.84
CA HIS A 624 14.13 28.49 6.05
C HIS A 624 12.97 27.85 6.78
N PRO A 625 13.17 27.35 8.01
CA PRO A 625 12.19 26.45 8.62
C PRO A 625 10.82 27.05 8.88
N GLY A 626 10.67 28.37 8.86
CA GLY A 626 9.35 28.96 9.00
C GLY A 626 8.45 28.60 7.85
N VAL A 627 8.97 28.67 6.63
CA VAL A 627 8.17 28.42 5.44
C VAL A 627 7.94 26.93 5.24
N VAL A 628 8.78 26.08 5.81
CA VAL A 628 8.50 24.66 5.73
C VAL A 628 7.49 24.26 6.79
N PHE A 629 7.57 24.85 8.00
CA PHE A 629 6.58 24.52 9.03
C PHE A 629 5.20 25.00 8.65
N LEU A 630 5.10 26.20 8.13
CA LEU A 630 3.80 26.75 7.79
C LEU A 630 3.20 26.13 6.54
N PHE A 631 3.92 25.24 5.87
CA PHE A 631 3.38 24.40 4.82
C PHE A 631 3.10 23.00 5.33
N LEU A 632 3.76 22.57 6.39
CA LEU A 632 3.38 21.34 7.06
C LEU A 632 2.38 21.55 8.18
N ALA A 633 1.97 22.78 8.45
CA ALA A 633 0.89 23.05 9.38
C ALA A 633 -0.32 23.60 8.67
N ALA A 634 -0.40 23.38 7.37
CA ALA A 634 -1.62 23.47 6.61
C ALA A 634 -1.96 22.17 5.96
N PHE A 635 -0.99 21.26 5.84
CA PHE A 635 -1.30 19.87 5.55
C PHE A 635 -1.88 19.19 6.76
N ALA A 636 -1.56 19.66 7.96
CA ALA A 636 -2.06 19.04 9.17
C ALA A 636 -3.38 19.60 9.64
N VAL A 637 -3.88 20.70 9.06
CA VAL A 637 -5.26 21.10 9.28
C VAL A 637 -6.16 20.64 8.16
N ALA A 638 -5.61 19.95 7.18
CA ALA A 638 -6.39 19.36 6.11
C ALA A 638 -6.40 17.86 6.20
N THR A 639 -5.70 17.28 7.15
CA THR A 639 -5.79 15.86 7.44
C THR A 639 -6.52 15.58 8.72
N VAL A 640 -6.66 16.58 9.60
CA VAL A 640 -7.61 16.43 10.70
C VAL A 640 -9.03 16.43 10.18
N THR A 641 -9.42 17.42 9.39
CA THR A 641 -10.78 17.41 8.86
C THR A 641 -10.88 16.61 7.59
N GLN A 642 -10.30 15.47 7.56
CA GLN A 642 -10.44 14.35 6.66
C GLN A 642 -10.65 13.09 7.43
N SER A 643 -9.93 12.93 8.52
CA SER A 643 -10.21 11.87 9.45
C SER A 643 -11.49 12.12 10.23
N PHE A 644 -12.08 13.30 10.14
CA PHE A 644 -13.44 13.45 10.62
C PHE A 644 -14.42 12.96 9.56
N LEU A 645 -14.20 13.33 8.31
CA LEU A 645 -15.09 12.93 7.21
C LEU A 645 -15.06 11.43 6.98
N LEU A 646 -13.93 10.77 7.23
CA LEU A 646 -13.88 9.33 7.13
C LEU A 646 -14.62 8.65 8.26
N SER A 647 -14.87 9.35 9.35
CA SER A 647 -15.58 8.76 10.47
C SER A 647 -17.03 9.19 10.50
N ALA A 648 -17.52 9.80 9.43
CA ALA A 648 -18.94 10.06 9.32
C ALA A 648 -19.65 8.93 8.61
N PHE A 649 -18.90 7.94 8.16
CA PHE A 649 -19.44 6.76 7.49
C PHE A 649 -19.64 5.59 8.43
N PHE A 650 -18.81 5.45 9.45
CA PHE A 650 -18.73 4.23 10.23
C PHE A 650 -19.51 4.35 11.52
N SER A 651 -19.73 3.22 12.17
CA SER A 651 -20.38 3.24 13.47
C SER A 651 -19.73 2.32 14.49
N ARG A 652 -18.73 1.55 14.12
CA ARG A 652 -18.02 0.68 15.03
C ARG A 652 -16.61 1.22 15.23
N ALA A 653 -16.14 1.20 16.46
CA ALA A 653 -14.88 1.85 16.78
C ALA A 653 -13.68 0.97 16.56
N ASN A 654 -13.86 -0.28 16.14
CA ASN A 654 -12.72 -1.15 15.89
C ASN A 654 -12.54 -1.46 14.43
N LEU A 655 -13.61 -1.41 13.64
CA LEU A 655 -13.49 -1.40 12.19
C LEU A 655 -12.90 -0.08 11.71
N ALA A 656 -13.12 1.00 12.46
CA ALA A 656 -12.74 2.34 12.02
C ALA A 656 -11.25 2.55 12.09
N ALA A 657 -10.60 1.96 13.09
CA ALA A 657 -9.16 2.00 13.15
C ALA A 657 -8.53 1.30 11.96
N ALA A 658 -9.10 0.20 11.52
CA ALA A 658 -8.56 -0.60 10.44
C ALA A 658 -9.03 -0.16 9.07
N CYS A 659 -9.90 0.84 8.98
CA CYS A 659 -10.17 1.40 7.67
C CYS A 659 -9.71 2.85 7.55
N GLY A 660 -9.40 3.53 8.66
CA GLY A 660 -8.88 4.87 8.56
C GLY A 660 -7.49 4.92 7.94
N GLY A 661 -6.61 4.04 8.38
CA GLY A 661 -5.27 3.99 7.80
C GLY A 661 -5.28 3.53 6.35
N LEU A 662 -6.16 2.59 6.01
CA LEU A 662 -6.25 2.12 4.64
C LEU A 662 -6.82 3.17 3.71
N ALA A 663 -7.81 3.94 4.14
CA ALA A 663 -8.32 4.98 3.26
C ALA A 663 -7.54 6.27 3.34
N TYR A 664 -6.58 6.37 4.25
CA TYR A 664 -5.61 7.46 4.21
C TYR A 664 -4.45 7.15 3.30
N PHE A 665 -4.06 5.89 3.20
CA PHE A 665 -3.04 5.52 2.23
C PHE A 665 -3.60 5.23 0.85
N SER A 666 -4.91 5.08 0.72
CA SER A 666 -5.51 4.92 -0.60
C SER A 666 -5.80 6.24 -1.29
N LEU A 667 -5.54 7.36 -0.66
CA LEU A 667 -5.71 8.66 -1.30
C LEU A 667 -4.40 9.21 -1.79
N TYR A 668 -3.30 8.54 -1.50
CA TYR A 668 -1.98 8.97 -1.91
C TYR A 668 -1.57 8.39 -3.24
N LEU A 669 -1.99 7.18 -3.55
CA LEU A 669 -1.68 6.49 -4.80
C LEU A 669 -2.14 7.22 -6.07
N PRO A 670 -3.17 8.08 -6.06
CA PRO A 670 -3.32 9.02 -7.17
C PRO A 670 -2.22 10.04 -7.32
N TYR A 671 -1.26 10.14 -6.40
CA TYR A 671 -0.07 10.93 -6.71
C TYR A 671 1.01 10.07 -7.32
N VAL A 672 1.13 8.83 -6.86
CA VAL A 672 2.09 7.89 -7.42
C VAL A 672 1.85 7.69 -8.90
N LEU A 673 0.60 7.50 -9.30
CA LEU A 673 0.36 7.36 -10.73
C LEU A 673 0.13 8.70 -11.42
N CYS A 674 0.54 9.79 -10.80
CA CYS A 674 0.48 11.11 -11.42
C CYS A 674 1.83 11.77 -11.51
N VAL A 675 2.83 11.24 -10.82
CA VAL A 675 4.20 11.71 -11.03
C VAL A 675 4.87 10.88 -12.12
N ALA A 676 4.38 9.68 -12.40
CA ALA A 676 4.95 8.86 -13.46
C ALA A 676 4.61 9.42 -14.83
N TRP A 677 3.32 9.61 -15.11
CA TRP A 677 2.90 10.21 -16.37
C TRP A 677 2.72 11.71 -16.24
N ARG A 678 3.76 12.38 -15.73
CA ARG A 678 3.68 13.81 -15.47
C ARG A 678 3.77 14.63 -16.74
N ASP A 679 4.46 14.12 -17.76
CA ASP A 679 4.69 14.88 -19.00
C ASP A 679 3.39 15.21 -19.70
N ARG A 680 2.46 14.26 -19.73
CA ARG A 680 1.17 14.40 -20.40
C ARG A 680 0.05 14.74 -19.44
N LEU A 681 0.34 15.49 -18.38
CA LEU A 681 -0.67 15.85 -17.39
C LEU A 681 -1.09 17.27 -17.61
N PRO A 682 -2.32 17.52 -18.08
CA PRO A 682 -2.74 18.91 -18.30
C PRO A 682 -2.94 19.63 -16.98
N ALA A 683 -2.65 20.93 -16.99
CA ALA A 683 -2.62 21.69 -15.75
C ALA A 683 -4.00 21.89 -15.13
N GLY A 684 -5.08 21.59 -15.85
CA GLY A 684 -6.38 21.54 -15.22
C GLY A 684 -6.61 20.24 -14.48
N GLY A 685 -5.97 19.17 -14.92
CA GLY A 685 -6.11 17.89 -14.26
C GLY A 685 -5.14 17.71 -13.11
N ARG A 686 -4.42 18.76 -12.76
CA ARG A 686 -3.50 18.78 -11.65
C ARG A 686 -3.94 19.75 -10.57
N VAL A 687 -4.75 20.75 -10.92
CA VAL A 687 -5.43 21.58 -9.93
C VAL A 687 -6.76 20.98 -9.54
N ALA A 688 -7.13 19.85 -10.12
CA ALA A 688 -8.33 19.13 -9.74
C ALA A 688 -8.05 17.70 -9.33
N ALA A 689 -6.79 17.29 -9.27
CA ALA A 689 -6.37 16.13 -8.51
C ALA A 689 -5.61 16.53 -7.27
N SER A 690 -5.50 17.84 -7.01
CA SER A 690 -5.07 18.38 -5.74
C SER A 690 -6.23 18.52 -4.78
N LEU A 691 -7.41 18.04 -5.14
CA LEU A 691 -8.53 18.02 -4.22
C LEU A 691 -8.53 16.78 -3.36
N LEU A 692 -7.51 15.95 -3.45
CA LEU A 692 -7.19 14.97 -2.43
C LEU A 692 -5.98 15.50 -1.68
N SER A 693 -6.05 15.48 -0.38
CA SER A 693 -5.00 16.13 0.38
C SER A 693 -3.63 15.49 0.34
N PRO A 694 -3.42 14.17 0.29
CA PRO A 694 -2.04 13.68 0.15
C PRO A 694 -1.44 13.90 -1.22
N VAL A 695 -2.21 14.36 -2.20
CA VAL A 695 -1.69 14.69 -3.52
C VAL A 695 -1.31 16.14 -3.62
N ALA A 696 -2.04 17.05 -2.97
CA ALA A 696 -1.65 18.45 -3.02
C ALA A 696 -0.42 18.71 -2.19
N PHE A 697 -0.10 17.84 -1.26
CA PHE A 697 1.20 17.84 -0.63
C PHE A 697 2.26 17.26 -1.54
N GLY A 698 1.90 16.40 -2.49
CA GLY A 698 2.87 15.96 -3.46
C GLY A 698 3.35 17.07 -4.35
N PHE A 699 2.43 17.83 -4.94
CA PHE A 699 2.78 18.88 -5.87
C PHE A 699 3.33 20.12 -5.19
N GLY A 700 3.34 20.17 -3.89
CA GLY A 700 4.00 21.25 -3.20
C GLY A 700 5.37 20.79 -2.80
N CYS A 701 5.50 19.49 -2.62
CA CYS A 701 6.80 18.95 -2.25
C CYS A 701 7.71 18.85 -3.46
N GLU A 702 7.17 18.64 -4.65
CA GLU A 702 8.00 18.66 -5.86
C GLU A 702 8.42 20.05 -6.25
N SER A 703 7.80 21.07 -5.69
CA SER A 703 8.10 22.46 -5.94
C SER A 703 8.91 23.07 -4.84
N LEU A 704 8.99 22.40 -3.70
CA LEU A 704 9.96 22.75 -2.69
C LEU A 704 11.27 22.05 -2.91
N ALA A 705 11.32 21.05 -3.78
CA ALA A 705 12.56 20.39 -4.13
C ALA A 705 13.13 20.84 -5.45
N LEU A 706 12.41 21.64 -6.22
CA LEU A 706 12.97 22.31 -7.38
C LEU A 706 13.60 23.62 -6.99
N LEU A 707 13.34 24.09 -5.78
CA LEU A 707 13.94 25.30 -5.28
C LEU A 707 15.15 24.99 -4.45
N GLU A 708 15.54 23.74 -4.36
CA GLU A 708 16.78 23.38 -3.69
C GLU A 708 17.91 23.18 -4.67
N GLU A 709 17.56 22.92 -5.92
CA GLU A 709 18.51 22.74 -6.99
C GLU A 709 18.97 24.06 -7.52
N GLN A 710 18.39 25.15 -7.05
CA GLN A 710 18.74 26.49 -7.45
C GLN A 710 19.38 27.24 -6.30
N GLY A 711 20.05 26.53 -5.42
CA GLY A 711 20.86 27.19 -4.42
C GLY A 711 20.11 27.65 -3.19
N GLU A 712 19.06 28.44 -3.37
CA GLU A 712 18.34 29.04 -2.26
C GLU A 712 16.95 28.44 -2.17
N GLY A 713 16.62 27.89 -1.01
CA GLY A 713 15.41 27.09 -0.85
C GLY A 713 14.15 27.91 -0.77
N ALA A 714 13.19 27.42 -0.03
CA ALA A 714 11.98 28.18 0.18
C ALA A 714 12.29 29.23 1.24
N GLN A 715 12.48 30.47 0.83
CA GLN A 715 12.60 31.59 1.73
C GLN A 715 11.34 32.43 1.62
N TRP A 716 11.32 33.56 2.34
CA TRP A 716 10.10 34.33 2.43
C TRP A 716 9.80 35.10 1.17
N HIS A 717 10.77 35.28 0.28
CA HIS A 717 10.60 36.20 -0.83
C HIS A 717 10.48 35.54 -2.19
N ASN A 718 10.43 34.21 -2.26
CA ASN A 718 10.11 33.51 -3.49
C ASN A 718 8.96 32.54 -3.29
N VAL A 719 8.14 32.76 -2.27
CA VAL A 719 7.10 31.84 -1.84
C VAL A 719 5.80 32.26 -2.52
N GLY A 720 5.92 33.05 -3.59
CA GLY A 720 4.75 33.33 -4.40
C GLY A 720 4.97 33.07 -5.88
N THR A 721 6.22 32.79 -6.25
CA THR A 721 6.68 32.69 -7.63
C THR A 721 7.01 31.25 -8.01
N ARG A 722 6.50 30.81 -9.15
CA ARG A 722 6.70 29.44 -9.59
C ARG A 722 8.15 29.22 -10.00
N PRO A 723 8.78 28.11 -9.58
CA PRO A 723 10.17 27.87 -9.95
C PRO A 723 10.40 27.65 -11.44
N THR A 724 9.77 26.64 -12.01
CA THR A 724 9.79 26.37 -13.43
C THR A 724 8.41 26.81 -13.94
N ALA A 725 8.06 26.51 -15.17
CA ALA A 725 6.90 27.18 -15.77
C ALA A 725 5.60 26.53 -15.35
N ASP A 726 5.48 25.22 -15.49
CA ASP A 726 4.23 24.54 -15.18
C ASP A 726 4.33 23.81 -13.83
N VAL A 727 4.51 24.57 -12.76
CA VAL A 727 4.52 24.04 -11.40
C VAL A 727 3.80 25.03 -10.50
N PHE A 728 3.52 24.58 -9.28
CA PHE A 728 2.90 25.41 -8.26
C PHE A 728 3.97 26.16 -7.50
N SER A 729 3.60 27.31 -6.96
CA SER A 729 4.43 27.95 -5.96
C SER A 729 4.14 27.31 -4.61
N LEU A 730 4.60 27.89 -3.51
CA LEU A 730 4.19 27.31 -2.25
C LEU A 730 2.95 27.99 -1.67
N ALA A 731 2.66 29.21 -2.12
CA ALA A 731 1.43 29.85 -1.67
C ALA A 731 0.22 29.25 -2.35
N GLN A 732 0.33 28.84 -3.61
CA GLN A 732 -0.81 28.21 -4.24
C GLN A 732 -1.08 26.84 -3.65
N VAL A 733 -0.05 26.14 -3.21
CA VAL A 733 -0.26 24.86 -2.54
C VAL A 733 -0.88 25.04 -1.16
N SER A 734 -0.44 26.02 -0.38
CA SER A 734 -1.10 26.23 0.91
C SER A 734 -2.53 26.73 0.75
N GLY A 735 -2.82 27.53 -0.28
CA GLY A 735 -4.19 27.91 -0.55
C GLY A 735 -5.06 26.75 -0.97
N LEU A 736 -4.53 25.86 -1.80
CA LEU A 736 -5.28 24.67 -2.15
C LEU A 736 -5.48 23.75 -0.96
N LEU A 737 -4.55 23.71 -0.02
CA LEU A 737 -4.74 22.84 1.13
C LEU A 737 -5.76 23.41 2.10
N LEU A 738 -5.88 24.73 2.22
CA LEU A 738 -6.95 25.26 3.07
C LEU A 738 -8.32 25.17 2.41
N LEU A 739 -8.42 25.42 1.11
CA LEU A 739 -9.67 25.15 0.40
C LEU A 739 -10.05 23.68 0.51
N ASP A 740 -9.07 22.81 0.43
CA ASP A 740 -9.24 21.37 0.48
C ASP A 740 -9.43 20.87 1.90
N ALA A 741 -9.32 21.74 2.90
CA ALA A 741 -9.83 21.47 4.25
C ALA A 741 -11.22 22.02 4.47
N ALA A 742 -11.53 23.18 3.90
CA ALA A 742 -12.84 23.79 4.09
C ALA A 742 -13.96 22.96 3.50
N LEU A 743 -13.86 22.55 2.24
CA LEU A 743 -14.97 21.84 1.60
C LEU A 743 -14.97 20.35 1.88
N TYR A 744 -14.37 19.94 2.96
CA TYR A 744 -13.99 18.56 3.19
C TYR A 744 -14.33 18.17 4.59
N GLY A 745 -14.48 19.14 5.48
CA GLY A 745 -15.18 19.06 6.72
C GLY A 745 -16.42 19.93 6.65
N LEU A 746 -16.80 20.31 5.44
CA LEU A 746 -18.12 20.87 5.21
C LEU A 746 -19.07 19.80 4.74
N ALA A 747 -18.55 18.68 4.26
CA ALA A 747 -19.43 17.56 4.00
C ALA A 747 -19.90 16.94 5.30
N THR A 748 -19.06 16.93 6.34
CA THR A 748 -19.42 16.32 7.62
C THR A 748 -20.60 17.02 8.28
N TRP A 749 -20.62 18.35 8.23
CA TRP A 749 -21.72 19.17 8.72
C TRP A 749 -22.90 19.17 7.78
N TYR A 750 -22.91 18.30 6.80
CA TYR A 750 -24.04 17.92 5.99
C TYR A 750 -24.28 16.43 6.03
N LEU A 751 -23.21 15.64 5.99
CA LEU A 751 -23.37 14.20 5.82
C LEU A 751 -23.85 13.55 7.09
N GLU A 752 -23.59 14.14 8.24
CA GLU A 752 -24.13 13.55 9.44
C GLU A 752 -25.53 14.07 9.76
N ALA A 753 -26.04 15.00 8.97
CA ALA A 753 -27.41 15.43 9.14
C ALA A 753 -28.39 14.56 8.36
N VAL A 754 -27.93 13.85 7.33
CA VAL A 754 -28.80 13.04 6.48
C VAL A 754 -28.48 11.56 6.57
N CYS A 755 -27.46 11.18 7.32
CA CYS A 755 -27.24 9.77 7.66
C CYS A 755 -26.62 9.66 9.05
N PRO A 756 -27.43 9.86 10.11
CA PRO A 756 -26.83 9.93 11.46
C PRO A 756 -26.35 8.59 11.99
N GLY A 757 -26.79 7.49 11.42
CA GLY A 757 -26.43 6.19 11.92
C GLY A 757 -27.63 5.27 11.87
N GLN A 758 -27.96 4.66 13.01
CA GLN A 758 -29.21 3.94 13.14
C GLN A 758 -29.94 4.22 14.43
N TYR A 759 -29.39 5.04 15.32
CA TYR A 759 -30.11 5.62 16.43
C TYR A 759 -30.09 7.13 16.28
N GLY A 760 -31.25 7.71 15.99
CA GLY A 760 -31.33 9.13 15.71
C GLY A 760 -32.18 9.40 14.49
N ILE A 761 -32.63 10.63 14.33
CA ILE A 761 -33.53 10.98 13.23
C ILE A 761 -32.74 11.66 12.11
N PRO A 762 -32.99 11.31 10.85
CA PRO A 762 -32.38 12.05 9.75
C PRO A 762 -33.13 13.35 9.49
N GLU A 763 -32.55 14.16 8.60
CA GLU A 763 -33.13 15.46 8.26
C GLU A 763 -32.71 15.80 6.83
N PRO A 764 -33.48 15.36 5.84
CA PRO A 764 -32.98 15.40 4.46
C PRO A 764 -33.03 16.79 3.83
N TRP A 765 -32.00 17.07 3.04
CA TRP A 765 -31.94 18.16 2.07
C TRP A 765 -32.02 19.53 2.75
N ASN A 766 -31.06 19.75 3.65
CA ASN A 766 -31.01 20.96 4.46
C ASN A 766 -30.66 22.19 3.65
N PHE A 767 -31.31 23.29 3.99
CA PHE A 767 -30.82 24.62 3.80
C PHE A 767 -30.76 25.24 5.19
N PRO A 768 -29.98 26.32 5.40
CA PRO A 768 -29.93 26.92 6.74
C PRO A 768 -31.09 27.85 7.07
N PHE A 769 -32.22 27.73 6.34
CA PHE A 769 -33.38 28.61 6.51
C PHE A 769 -34.10 28.45 7.84
N ARG A 770 -33.79 27.41 8.62
CA ARG A 770 -34.50 27.02 9.85
C ARG A 770 -35.99 26.79 9.60
N LEU A 824 -44.60 16.16 32.27
CA LEU A 824 -45.20 16.40 33.57
C LEU A 824 -46.69 16.61 33.41
N ARG A 825 -47.10 17.29 32.33
CA ARG A 825 -48.50 17.40 31.92
C ARG A 825 -48.72 17.03 30.46
N GLY A 826 -49.92 17.29 29.95
CA GLY A 826 -50.25 17.00 28.57
C GLY A 826 -51.75 17.08 28.37
N LEU A 827 -52.20 16.60 27.21
CA LEU A 827 -53.62 16.28 27.08
C LEU A 827 -54.00 15.14 28.01
N SER A 828 -53.24 14.07 27.98
CA SER A 828 -53.69 12.80 28.54
C SER A 828 -53.42 12.69 30.04
N LEU A 829 -52.21 12.99 30.49
CA LEU A 829 -51.79 12.65 31.84
C LEU A 829 -51.72 13.88 32.73
N ASP A 830 -51.38 13.63 34.00
CA ASP A 830 -50.99 14.68 34.94
C ASP A 830 -50.10 14.03 35.99
N PHE A 831 -48.79 14.18 35.85
CA PHE A 831 -47.85 13.72 36.86
C PHE A 831 -47.74 14.75 37.96
N TYR A 832 -47.71 14.30 39.20
CA TYR A 832 -47.87 15.21 40.32
C TYR A 832 -46.53 15.52 40.98
N GLN A 833 -46.56 16.44 41.94
CA GLN A 833 -45.36 17.06 42.46
C GLN A 833 -44.74 16.30 43.62
N GLY A 834 -45.24 15.11 43.96
CA GLY A 834 -44.67 14.40 45.08
C GLY A 834 -44.66 12.89 44.95
N HIS A 835 -44.97 12.38 43.78
CA HIS A 835 -45.19 10.95 43.61
C HIS A 835 -44.07 10.33 42.79
N ILE A 836 -44.13 9.01 42.65
CA ILE A 836 -43.09 8.21 42.01
C ILE A 836 -43.75 7.38 40.90
N THR A 837 -44.65 8.02 40.14
CA THR A 837 -45.42 7.48 39.03
C THR A 837 -44.67 6.50 38.14
N ALA A 838 -45.25 5.32 37.93
CA ALA A 838 -44.73 4.32 37.03
C ALA A 838 -45.31 4.53 35.65
N PHE A 839 -44.74 3.85 34.67
CA PHE A 839 -45.17 4.03 33.28
C PHE A 839 -44.82 2.75 32.52
N LEU A 840 -45.78 1.84 32.43
CA LEU A 840 -45.44 0.46 32.10
C LEU A 840 -46.07 -0.05 30.82
N GLY A 841 -46.53 0.84 29.94
CA GLY A 841 -47.48 0.51 28.88
C GLY A 841 -47.18 -0.62 27.91
N HIS A 842 -46.26 -0.41 26.97
CA HIS A 842 -45.82 -1.41 26.01
C HIS A 842 -44.63 -0.83 25.26
N ASN A 843 -43.65 -1.66 24.94
CA ASN A 843 -42.52 -1.19 24.14
C ASN A 843 -42.96 -1.20 22.68
N GLY A 844 -43.75 -0.19 22.32
CA GLY A 844 -44.30 -0.10 20.99
C GLY A 844 -44.38 1.34 20.51
N ALA A 845 -45.53 1.73 20.00
CA ALA A 845 -45.71 3.07 19.44
C ALA A 845 -46.16 4.10 20.47
N GLY A 846 -46.25 3.74 21.74
CA GLY A 846 -46.74 4.69 22.73
C GLY A 846 -45.71 5.19 23.72
N LYS A 847 -44.83 4.31 24.18
CA LYS A 847 -44.07 4.59 25.40
C LYS A 847 -42.77 5.35 25.13
N THR A 848 -41.96 4.87 24.18
CA THR A 848 -40.67 5.51 23.93
C THR A 848 -40.81 6.84 23.20
N THR A 849 -41.99 7.17 22.71
CA THR A 849 -42.19 8.45 22.06
C THR A 849 -42.50 9.53 23.10
N THR A 850 -43.24 9.19 24.15
CA THR A 850 -43.66 10.17 25.14
C THR A 850 -42.47 10.68 25.95
N LEU A 851 -41.58 9.77 26.37
CA LEU A 851 -40.37 10.19 27.05
C LEU A 851 -39.41 10.93 26.12
N SER A 852 -39.46 10.66 24.82
CA SER A 852 -38.67 11.42 23.87
C SER A 852 -39.17 12.85 23.75
N ILE A 853 -40.50 13.02 23.64
CA ILE A 853 -41.07 14.36 23.52
C ILE A 853 -40.89 15.15 24.79
N LEU A 854 -41.11 14.51 25.94
CA LEU A 854 -40.93 15.18 27.22
C LEU A 854 -39.46 15.45 27.50
N SER A 855 -38.57 14.64 26.97
CA SER A 855 -37.15 14.93 27.04
C SER A 855 -36.68 15.81 25.89
N GLY A 856 -37.58 16.13 24.96
CA GLY A 856 -37.36 17.16 23.96
C GLY A 856 -36.28 16.94 22.93
N LEU A 857 -36.21 15.75 22.36
CA LEU A 857 -35.26 15.50 21.28
C LEU A 857 -35.86 15.67 19.90
N PHE A 858 -37.19 15.75 19.78
CA PHE A 858 -37.83 16.15 18.54
C PHE A 858 -39.16 16.81 18.86
N PRO A 859 -39.62 17.74 18.04
CA PRO A 859 -40.92 18.36 18.27
C PRO A 859 -42.04 17.37 18.06
N PRO A 860 -43.17 17.54 18.74
CA PRO A 860 -44.23 16.53 18.68
C PRO A 860 -45.19 16.68 17.52
N SER A 861 -45.30 15.63 16.70
CA SER A 861 -46.42 15.51 15.78
C SER A 861 -46.89 14.07 15.62
N GLY A 862 -46.32 13.13 16.37
CA GLY A 862 -46.59 11.72 16.13
C GLY A 862 -47.70 11.15 16.98
N GLY A 863 -48.91 11.70 16.87
CA GLY A 863 -50.01 11.14 17.62
C GLY A 863 -50.30 11.81 18.96
N SER A 864 -49.66 11.26 20.00
CA SER A 864 -50.11 11.23 21.39
C SER A 864 -50.69 12.53 21.96
N ALA A 865 -49.89 13.60 22.03
CA ALA A 865 -50.34 14.80 22.74
C ALA A 865 -49.59 16.01 22.22
N PHE A 866 -50.11 17.18 22.57
CA PHE A 866 -49.57 18.46 22.12
C PHE A 866 -49.55 19.57 23.18
N ILE A 867 -50.05 19.34 24.39
CA ILE A 867 -49.92 20.35 25.43
C ILE A 867 -48.49 20.39 25.95
N LEU A 868 -47.92 21.58 25.98
CA LEU A 868 -46.55 21.80 26.40
C LEU A 868 -46.46 21.61 27.91
N GLY A 869 -45.51 20.80 28.36
CA GLY A 869 -45.58 20.26 29.70
C GLY A 869 -45.32 21.14 30.92
N HIS A 870 -44.08 21.49 31.21
CA HIS A 870 -43.82 22.08 32.52
C HIS A 870 -43.83 23.60 32.52
N ASP A 871 -42.87 24.22 31.83
CA ASP A 871 -42.98 25.65 31.55
C ASP A 871 -43.57 25.81 30.17
N VAL A 872 -42.76 25.47 29.18
CA VAL A 872 -43.05 25.55 27.74
C VAL A 872 -42.18 24.49 27.10
N ARG A 873 -42.77 23.69 26.19
CA ARG A 873 -41.98 22.73 25.42
C ARG A 873 -40.98 23.43 24.48
N SER A 874 -41.33 24.59 23.95
CA SER A 874 -40.49 25.30 22.99
C SER A 874 -39.60 26.36 23.64
N SER A 875 -39.54 26.41 24.96
CA SER A 875 -38.60 27.30 25.65
C SER A 875 -37.68 26.43 26.49
N MET A 876 -37.11 25.40 25.84
CA MET A 876 -36.50 24.27 26.54
C MET A 876 -35.32 24.66 27.42
N ALA A 877 -34.62 25.74 27.07
CA ALA A 877 -33.44 26.14 27.84
C ALA A 877 -33.78 26.64 29.24
N ALA A 878 -35.05 26.92 29.51
CA ALA A 878 -35.46 27.23 30.88
C ALA A 878 -35.53 25.98 31.75
N ILE A 879 -36.03 24.87 31.21
CA ILE A 879 -36.22 23.66 31.99
C ILE A 879 -35.14 22.63 31.75
N ARG A 880 -34.24 22.87 30.80
CA ARG A 880 -33.03 22.07 30.70
C ARG A 880 -32.16 22.09 31.96
N PRO A 881 -32.08 23.17 32.78
CA PRO A 881 -31.45 22.99 34.09
C PRO A 881 -32.39 22.55 35.21
N HIS A 882 -33.56 22.01 34.89
CA HIS A 882 -34.44 21.51 35.93
C HIS A 882 -34.68 20.02 35.88
N LEU A 883 -34.67 19.40 34.70
CA LEU A 883 -34.93 17.97 34.61
C LEU A 883 -33.65 17.25 34.21
N GLY A 884 -33.45 16.09 34.77
CA GLY A 884 -32.35 15.22 34.38
C GLY A 884 -32.89 13.87 33.96
N VAL A 885 -32.29 13.30 32.93
CA VAL A 885 -32.75 12.03 32.39
C VAL A 885 -31.74 10.95 32.74
N CYS A 886 -32.24 9.72 32.83
CA CYS A 886 -31.39 8.55 33.02
C CYS A 886 -31.67 7.58 31.88
N PRO A 887 -30.79 7.45 30.93
CA PRO A 887 -31.13 6.67 29.74
C PRO A 887 -31.00 5.18 29.99
N GLN A 888 -31.17 4.37 28.96
CA GLN A 888 -30.89 2.95 29.09
C GLN A 888 -29.41 2.69 29.31
N TYR A 889 -28.54 3.39 28.57
CA TYR A 889 -27.12 3.15 28.61
C TYR A 889 -26.49 3.73 29.87
N ASN A 890 -25.43 3.07 30.36
CA ASN A 890 -24.65 3.61 31.47
C ASN A 890 -23.92 4.85 31.01
N VAL A 891 -24.45 6.04 31.30
CA VAL A 891 -23.79 7.26 30.85
C VAL A 891 -22.51 7.56 31.63
N LEU A 892 -21.40 7.08 31.08
CA LEU A 892 -20.17 6.96 31.85
C LEU A 892 -18.99 6.92 30.90
N PHE A 893 -18.02 7.79 31.16
CA PHE A 893 -16.73 7.77 30.49
C PHE A 893 -15.84 6.72 31.12
N ASP A 894 -15.12 5.99 30.28
CA ASP A 894 -14.26 4.93 30.78
C ASP A 894 -13.11 5.47 31.62
N MET A 895 -12.18 6.19 31.00
CA MET A 895 -10.95 6.56 31.69
C MET A 895 -11.07 7.89 32.40
N LEU A 896 -12.14 8.09 33.15
CA LEU A 896 -12.23 9.20 34.08
C LEU A 896 -12.72 8.63 35.38
N THR A 897 -12.16 9.09 36.48
CA THR A 897 -12.51 8.47 37.74
C THR A 897 -13.87 8.94 38.25
N VAL A 898 -14.32 8.30 39.34
CA VAL A 898 -15.69 8.45 39.82
C VAL A 898 -15.95 9.87 40.30
N ASP A 899 -14.97 10.49 40.92
CA ASP A 899 -15.13 11.87 41.39
C ASP A 899 -15.22 12.83 40.20
N GLU A 900 -14.48 12.56 39.14
CA GLU A 900 -14.49 13.47 38.02
C GLU A 900 -15.78 13.37 37.20
N HIS A 901 -16.55 12.28 37.33
CA HIS A 901 -17.85 12.24 36.67
C HIS A 901 -18.84 13.17 37.33
N VAL A 902 -18.86 13.19 38.65
CA VAL A 902 -19.76 14.11 39.35
C VAL A 902 -19.31 15.55 39.12
N TRP A 903 -18.00 15.77 39.06
CA TRP A 903 -17.47 17.09 38.74
C TRP A 903 -17.85 17.53 37.32
N PHE A 904 -17.70 16.62 36.35
CA PHE A 904 -17.94 16.94 34.95
C PHE A 904 -19.42 17.17 34.69
N TYR A 905 -20.30 16.28 35.14
CA TYR A 905 -21.72 16.49 34.95
C TYR A 905 -22.31 17.49 35.93
N GLY A 906 -21.54 17.97 36.90
CA GLY A 906 -21.98 19.09 37.70
C GLY A 906 -21.70 20.40 37.02
N ARG A 907 -20.47 20.59 36.52
CA ARG A 907 -20.12 21.85 35.90
C ARG A 907 -20.78 22.03 34.53
N LEU A 908 -21.18 20.95 33.88
CA LEU A 908 -21.81 21.02 32.57
C LEU A 908 -23.27 21.39 32.65
N LYS A 909 -23.84 21.40 33.84
CA LYS A 909 -25.28 21.47 33.99
C LYS A 909 -25.60 22.67 34.87
N GLY A 910 -25.11 23.84 34.50
CA GLY A 910 -25.40 24.99 35.34
C GLY A 910 -24.30 25.30 36.33
N LEU A 911 -24.43 24.69 37.51
CA LEU A 911 -23.80 25.01 38.79
C LEU A 911 -22.37 25.55 38.77
N SER A 912 -22.14 26.62 39.51
CA SER A 912 -20.85 27.31 39.52
C SER A 912 -19.79 26.46 40.22
N ALA A 913 -18.56 26.95 40.17
CA ALA A 913 -17.40 26.13 40.54
C ALA A 913 -17.18 26.04 42.04
N ALA A 914 -18.02 26.65 42.85
CA ALA A 914 -17.92 26.51 44.30
C ALA A 914 -19.11 25.78 44.92
N VAL A 915 -20.27 25.83 44.27
CA VAL A 915 -21.45 25.16 44.79
C VAL A 915 -21.42 23.67 44.47
N VAL A 916 -20.52 23.24 43.58
CA VAL A 916 -20.41 21.83 43.21
C VAL A 916 -19.65 21.03 44.26
N GLY A 917 -19.04 21.71 45.23
CA GLY A 917 -18.19 21.10 46.23
C GLY A 917 -18.84 20.04 47.10
N PRO A 918 -19.88 20.40 47.87
CA PRO A 918 -20.58 19.39 48.69
C PRO A 918 -21.38 18.39 47.88
N GLU A 919 -21.59 18.63 46.58
CA GLU A 919 -22.38 17.71 45.76
C GLU A 919 -21.68 16.37 45.59
N GLN A 920 -20.35 16.38 45.43
CA GLN A 920 -19.58 15.14 45.36
C GLN A 920 -19.68 14.37 46.66
N ASP A 921 -19.62 15.09 47.79
CA ASP A 921 -19.77 14.46 49.10
C ASP A 921 -21.15 13.82 49.25
N ARG A 922 -22.19 14.52 48.81
CA ARG A 922 -23.55 14.06 49.00
C ARG A 922 -23.86 12.85 48.12
N LEU A 923 -23.46 12.89 46.85
CA LEU A 923 -23.69 11.74 45.97
C LEU A 923 -22.83 10.55 46.36
N LEU A 924 -21.52 10.75 46.55
CA LEU A 924 -20.64 9.64 46.91
C LEU A 924 -20.92 9.08 48.30
N GLN A 925 -21.64 9.82 49.14
CA GLN A 925 -22.12 9.26 50.38
C GLN A 925 -23.43 8.51 50.19
N ASP A 926 -24.32 9.03 49.35
CA ASP A 926 -25.66 8.47 49.24
C ASP A 926 -25.74 7.26 48.33
N VAL A 927 -24.76 7.06 47.45
CA VAL A 927 -24.77 5.89 46.60
C VAL A 927 -23.99 4.75 47.27
N GLY A 928 -23.07 5.07 48.18
CA GLY A 928 -22.26 4.07 48.83
C GLY A 928 -20.93 3.85 48.14
N LEU A 929 -20.18 4.93 47.90
CA LEU A 929 -19.00 4.85 47.06
C LEU A 929 -17.87 5.75 47.55
N VAL A 930 -17.96 6.32 48.75
CA VAL A 930 -17.03 7.35 49.18
C VAL A 930 -15.62 6.81 49.42
N SER A 931 -15.47 5.50 49.61
CA SER A 931 -14.14 4.93 49.72
C SER A 931 -13.44 4.92 48.37
N LYS A 932 -14.11 4.44 47.34
CA LYS A 932 -13.50 4.28 46.02
C LYS A 932 -13.74 5.50 45.14
N GLN A 933 -13.45 6.70 45.64
CA GLN A 933 -13.67 7.89 44.86
C GLN A 933 -12.43 8.31 44.09
N SER A 934 -11.55 7.37 43.78
CA SER A 934 -10.40 7.61 42.92
C SER A 934 -10.15 6.45 41.97
N VAL A 935 -11.13 5.60 41.74
CA VAL A 935 -11.02 4.49 40.81
C VAL A 935 -11.56 4.90 39.45
N GLN A 936 -10.87 4.51 38.39
CA GLN A 936 -11.41 4.70 37.07
C GLN A 936 -12.57 3.75 36.89
N THR A 937 -13.58 4.17 36.14
CA THR A 937 -14.81 3.40 36.06
C THR A 937 -14.76 2.31 35.03
N ARG A 938 -13.58 1.97 34.53
CA ARG A 938 -13.39 0.64 34.01
C ARG A 938 -13.42 -0.38 35.14
N HIS A 939 -12.81 -0.03 36.26
CA HIS A 939 -12.59 -0.98 37.35
C HIS A 939 -13.73 -0.89 38.36
N LEU A 940 -14.93 -1.12 37.87
CA LEU A 940 -16.12 -1.14 38.72
C LEU A 940 -17.02 -2.27 38.26
N SER A 941 -17.68 -2.90 39.22
CA SER A 941 -18.52 -4.04 38.90
C SER A 941 -19.78 -3.60 38.18
N GLY A 942 -20.23 -4.42 37.24
CA GLY A 942 -21.28 -4.04 36.29
C GLY A 942 -22.65 -3.67 36.83
N GLY A 943 -22.83 -3.71 38.14
CA GLY A 943 -24.04 -3.22 38.76
C GLY A 943 -23.73 -2.06 39.67
N MET A 944 -22.44 -1.78 39.86
CA MET A 944 -22.06 -0.58 40.58
C MET A 944 -22.04 0.61 39.65
N GLN A 945 -21.76 0.37 38.37
CA GLN A 945 -21.83 1.45 37.39
C GLN A 945 -23.26 1.90 37.20
N ARG A 946 -24.20 0.98 37.07
CA ARG A 946 -25.59 1.37 36.83
C ARG A 946 -26.20 2.03 38.06
N LYS A 947 -25.69 1.74 39.25
CA LYS A 947 -26.14 2.48 40.42
C LYS A 947 -25.40 3.80 40.59
N LEU A 948 -24.27 4.01 39.90
CA LEU A 948 -23.76 5.37 39.83
C LEU A 948 -24.45 6.18 38.72
N SER A 949 -24.66 5.59 37.56
CA SER A 949 -25.20 6.25 36.38
C SER A 949 -26.66 6.64 36.53
N VAL A 950 -27.32 6.20 37.60
CA VAL A 950 -28.64 6.69 37.95
C VAL A 950 -28.53 7.73 39.05
N ALA A 951 -27.35 7.91 39.63
CA ALA A 951 -27.19 8.95 40.63
C ALA A 951 -26.75 10.26 40.02
N ILE A 952 -26.23 10.27 38.80
CA ILE A 952 -25.88 11.50 38.13
C ILE A 952 -26.96 11.92 37.16
N ALA A 953 -28.18 11.47 37.40
CA ALA A 953 -29.38 12.11 36.90
C ALA A 953 -29.97 13.06 37.91
N PHE A 954 -29.63 12.91 39.18
CA PHE A 954 -30.16 13.76 40.24
C PHE A 954 -29.25 14.92 40.59
N VAL A 955 -28.14 15.12 39.88
CA VAL A 955 -27.22 16.19 40.25
C VAL A 955 -27.82 17.54 39.91
N GLY A 956 -27.39 18.56 40.63
CA GLY A 956 -27.88 19.90 40.36
C GLY A 956 -29.31 20.15 40.78
N GLY A 957 -29.85 19.34 41.69
CA GLY A 957 -31.17 19.58 42.25
C GLY A 957 -32.33 19.48 41.27
N SER A 958 -32.39 18.38 40.52
CA SER A 958 -33.44 18.22 39.55
C SER A 958 -34.77 17.89 40.22
N GLN A 959 -35.86 18.14 39.50
CA GLN A 959 -37.20 17.96 40.03
C GLN A 959 -38.12 17.13 39.16
N VAL A 960 -37.85 17.00 37.87
CA VAL A 960 -38.81 16.40 36.96
C VAL A 960 -38.01 15.25 36.35
N VAL A 961 -37.31 14.51 37.20
CA VAL A 961 -36.36 13.49 36.75
C VAL A 961 -37.07 12.37 36.02
N ILE A 962 -36.77 12.18 34.74
CA ILE A 962 -37.30 11.07 33.96
C ILE A 962 -36.31 9.92 34.02
N LEU A 963 -36.65 8.85 34.71
CA LEU A 963 -35.79 7.68 34.59
C LEU A 963 -36.31 6.81 33.48
N ASP A 964 -35.52 5.83 33.08
CA ASP A 964 -35.91 5.01 31.92
C ASP A 964 -35.27 3.64 32.06
N GLU A 965 -36.03 2.70 32.63
CA GLU A 965 -35.63 1.32 32.94
C GLU A 965 -34.41 1.36 33.82
N PRO A 966 -34.51 1.77 35.08
CA PRO A 966 -33.29 1.93 35.87
C PRO A 966 -32.85 0.71 36.65
N THR A 967 -33.06 -0.50 36.15
CA THR A 967 -32.56 -1.70 36.83
C THR A 967 -32.13 -2.82 35.89
N ALA A 968 -32.04 -2.61 34.59
CA ALA A 968 -31.90 -3.72 33.66
C ALA A 968 -30.52 -4.34 33.74
N GLY A 969 -30.48 -5.67 33.85
CA GLY A 969 -29.25 -6.44 33.87
C GLY A 969 -28.37 -6.18 35.05
N VAL A 970 -28.94 -6.17 36.25
CA VAL A 970 -28.27 -5.74 37.46
C VAL A 970 -28.37 -6.87 38.48
N ASP A 971 -27.28 -7.11 39.21
CA ASP A 971 -27.28 -8.07 40.32
C ASP A 971 -28.27 -7.63 41.39
N PRO A 972 -29.13 -8.54 41.88
CA PRO A 972 -30.31 -8.12 42.66
C PRO A 972 -30.03 -7.39 43.96
N ALA A 973 -28.85 -7.57 44.56
CA ALA A 973 -28.47 -6.75 45.71
C ALA A 973 -28.31 -5.30 45.30
N SER A 974 -27.68 -5.06 44.14
CA SER A 974 -27.59 -3.71 43.62
C SER A 974 -28.95 -3.20 43.15
N ARG A 975 -29.83 -4.11 42.71
CA ARG A 975 -31.17 -3.69 42.32
C ARG A 975 -32.00 -3.24 43.52
N ARG A 976 -31.73 -3.80 44.70
CA ARG A 976 -32.40 -3.24 45.86
C ARG A 976 -31.70 -1.98 46.33
N GLY A 977 -30.38 -1.85 46.11
CA GLY A 977 -29.72 -0.60 46.42
C GLY A 977 -30.27 0.55 45.58
N ILE A 978 -30.56 0.26 44.31
CA ILE A 978 -31.16 1.25 43.42
C ILE A 978 -32.56 1.62 43.90
N TRP A 979 -33.34 0.63 44.36
CA TRP A 979 -34.68 0.97 44.84
C TRP A 979 -34.64 1.78 46.12
N GLU A 980 -33.68 1.51 47.00
CA GLU A 980 -33.49 2.33 48.20
C GLU A 980 -33.13 3.76 47.83
N LEU A 981 -32.23 3.91 46.85
CA LEU A 981 -31.82 5.21 46.37
C LEU A 981 -32.99 6.00 45.80
N LEU A 982 -33.84 5.35 45.00
CA LEU A 982 -34.99 6.03 44.42
C LEU A 982 -36.01 6.39 45.48
N LEU A 983 -36.25 5.49 46.45
CA LEU A 983 -37.27 5.73 47.46
C LEU A 983 -36.91 6.87 48.38
N LYS A 984 -35.62 7.05 48.67
CA LYS A 984 -35.30 8.24 49.45
C LYS A 984 -35.28 9.51 48.59
N TYR A 985 -34.99 9.40 47.30
CA TYR A 985 -34.99 10.57 46.42
C TYR A 985 -36.36 10.79 45.77
N ARG A 986 -37.40 10.92 46.58
CA ARG A 986 -38.70 11.22 46.01
C ARG A 986 -39.50 12.26 46.77
N GLU A 987 -39.04 12.72 47.92
CA GLU A 987 -39.88 13.49 48.83
C GLU A 987 -40.19 14.88 48.28
N GLY A 988 -39.26 15.48 47.56
CA GLY A 988 -39.52 16.81 47.04
C GLY A 988 -39.33 16.91 45.55
N ARG A 989 -39.53 15.79 44.85
CA ARG A 989 -39.26 15.71 43.42
C ARG A 989 -40.41 15.02 42.69
N THR A 990 -40.18 14.64 41.44
CA THR A 990 -41.15 13.90 40.65
C THR A 990 -40.41 12.92 39.76
N LEU A 991 -40.79 11.65 39.83
CA LEU A 991 -40.09 10.59 39.11
C LEU A 991 -41.05 9.93 38.14
N ILE A 992 -40.60 9.69 36.92
CA ILE A 992 -41.46 9.20 35.85
C ILE A 992 -40.80 7.93 35.31
N LEU A 993 -40.33 7.05 36.19
CA LEU A 993 -39.62 5.87 35.72
C LEU A 993 -40.54 4.95 34.94
N SER A 994 -39.98 4.31 33.92
CA SER A 994 -40.75 3.49 32.99
C SER A 994 -40.09 2.14 32.83
N THR A 995 -40.66 1.11 33.44
CA THR A 995 -40.04 -0.21 33.47
C THR A 995 -40.98 -1.25 32.89
N HIS A 996 -40.44 -2.45 32.69
CA HIS A 996 -41.19 -3.61 32.21
C HIS A 996 -41.58 -4.57 33.32
N HIS A 997 -40.73 -4.77 34.31
CA HIS A 997 -40.97 -5.76 35.34
C HIS A 997 -41.92 -5.23 36.39
N LEU A 998 -42.99 -5.96 36.65
CA LEU A 998 -44.12 -5.43 37.41
C LEU A 998 -43.89 -5.41 38.91
N ASP A 999 -42.83 -6.08 39.39
CA ASP A 999 -42.51 -6.05 40.81
C ASP A 999 -42.16 -4.65 41.28
N GLU A 1000 -41.46 -3.90 40.41
CA GLU A 1000 -41.14 -2.50 40.73
C GLU A 1000 -42.39 -1.66 40.85
N ALA A 1001 -43.32 -1.82 39.90
CA ALA A 1001 -44.49 -0.98 39.88
C ALA A 1001 -45.46 -1.34 40.99
N GLU A 1002 -45.44 -2.58 41.46
CA GLU A 1002 -46.19 -2.91 42.66
C GLU A 1002 -45.49 -2.34 43.90
N LEU A 1003 -44.17 -2.50 43.97
CA LEU A 1003 -43.43 -2.17 45.18
C LEU A 1003 -43.28 -0.66 45.36
N LEU A 1004 -42.55 -0.03 44.45
CA LEU A 1004 -42.24 1.39 44.57
C LEU A 1004 -43.17 2.26 43.74
N GLY A 1005 -44.35 1.76 43.42
CA GLY A 1005 -45.28 2.49 42.61
C GLY A 1005 -46.00 3.58 43.37
N ASP A 1006 -46.83 4.30 42.62
CA ASP A 1006 -47.77 5.30 43.08
C ASP A 1006 -48.86 5.20 42.05
N ARG A 1007 -49.61 6.29 41.79
CA ARG A 1007 -50.53 6.31 40.66
C ARG A 1007 -49.91 5.73 39.40
N VAL A 1008 -50.37 4.56 39.00
CA VAL A 1008 -49.75 3.80 37.94
C VAL A 1008 -50.53 4.06 36.66
N ALA A 1009 -49.87 4.63 35.67
CA ALA A 1009 -50.49 4.87 34.38
C ALA A 1009 -50.01 3.83 33.40
N VAL A 1010 -50.92 3.38 32.54
CA VAL A 1010 -50.59 2.48 31.45
C VAL A 1010 -51.22 3.07 30.20
N VAL A 1011 -50.49 2.95 29.08
CA VAL A 1011 -50.95 3.32 27.75
C VAL A 1011 -50.91 2.09 26.86
N ALA A 1012 -51.75 2.10 25.84
CA ALA A 1012 -51.79 0.99 24.90
C ALA A 1012 -52.29 1.50 23.56
N GLY A 1013 -51.66 1.01 22.49
CA GLY A 1013 -52.06 1.40 21.16
C GLY A 1013 -51.84 2.85 20.80
N GLY A 1014 -50.86 3.50 21.43
CA GLY A 1014 -50.59 4.88 21.14
C GLY A 1014 -51.46 5.88 21.86
N ARG A 1015 -52.39 5.44 22.70
CA ARG A 1015 -53.24 6.33 23.46
C ARG A 1015 -53.27 5.88 24.91
N LEU A 1016 -53.67 6.79 25.79
CA LEU A 1016 -53.78 6.52 27.21
C LEU A 1016 -54.81 5.43 27.47
N CYS A 1017 -54.46 4.49 28.36
CA CYS A 1017 -55.34 3.38 28.64
C CYS A 1017 -56.04 3.55 29.98
N CYS A 1018 -55.28 3.71 31.07
CA CYS A 1018 -55.86 4.07 32.38
C CYS A 1018 -54.76 4.53 33.31
N CYS A 1019 -55.17 5.17 34.41
CA CYS A 1019 -54.23 5.62 35.43
C CYS A 1019 -54.91 5.68 36.78
N GLY A 1020 -54.13 5.95 37.81
CA GLY A 1020 -54.58 5.88 39.18
C GLY A 1020 -53.73 4.92 40.01
N SER A 1021 -54.02 4.95 41.31
CA SER A 1021 -53.29 4.10 42.26
C SER A 1021 -53.64 2.64 42.00
N PRO A 1022 -52.71 1.71 42.26
CA PRO A 1022 -53.00 0.29 41.99
C PRO A 1022 -54.10 -0.28 42.87
N LEU A 1023 -54.33 0.31 44.06
CA LEU A 1023 -55.50 -0.05 44.85
C LEU A 1023 -56.78 0.35 44.11
N PHE A 1024 -56.78 1.51 43.46
CA PHE A 1024 -57.94 1.98 42.71
C PHE A 1024 -58.20 1.10 41.49
N LEU A 1025 -57.14 0.70 40.79
CA LEU A 1025 -57.29 -0.19 39.65
C LEU A 1025 -57.73 -1.58 40.09
N ARG A 1026 -57.30 -2.01 41.28
CA ARG A 1026 -57.79 -3.25 41.84
C ARG A 1026 -59.24 -3.13 42.31
N ARG A 1027 -59.68 -1.93 42.68
CA ARG A 1027 -61.07 -1.76 43.09
C ARG A 1027 -62.00 -1.88 41.90
N HIS A 1028 -61.69 -1.19 40.81
CA HIS A 1028 -62.63 -1.12 39.70
C HIS A 1028 -62.30 -2.07 38.56
N LEU A 1029 -61.21 -2.82 38.66
CA LEU A 1029 -60.91 -3.82 37.65
C LEU A 1029 -60.51 -5.16 38.23
N GLY A 1030 -60.26 -5.26 39.53
CA GLY A 1030 -59.82 -6.51 40.11
C GLY A 1030 -60.96 -7.51 40.20
N SER A 1031 -60.62 -8.79 40.05
CA SER A 1031 -61.63 -9.84 40.08
C SER A 1031 -62.16 -10.05 41.49
N GLY A 1032 -61.28 -10.19 42.46
CA GLY A 1032 -61.70 -10.39 43.83
C GLY A 1032 -60.67 -11.19 44.60
N TYR A 1033 -60.98 -11.41 45.89
CA TYR A 1033 -60.10 -12.15 46.77
C TYR A 1033 -60.06 -13.62 46.39
N TYR A 1034 -58.96 -14.27 46.74
CA TYR A 1034 -58.81 -15.71 46.58
C TYR A 1034 -58.25 -16.29 47.88
N LEU A 1035 -58.63 -17.53 48.16
CA LEU A 1035 -58.10 -18.25 49.32
C LEU A 1035 -57.44 -19.54 48.85
N THR A 1036 -56.19 -19.74 49.25
CA THR A 1036 -55.47 -20.96 48.95
C THR A 1036 -55.31 -21.78 50.21
N LEU A 1037 -55.18 -23.10 50.04
CA LEU A 1037 -55.03 -24.01 51.17
C LEU A 1037 -53.68 -24.71 51.10
N VAL A 1038 -52.94 -24.68 52.20
CA VAL A 1038 -51.58 -25.23 52.27
C VAL A 1038 -51.62 -26.45 53.17
N LYS A 1039 -50.89 -27.49 52.75
CA LYS A 1039 -50.72 -28.73 53.49
C LYS A 1039 -49.36 -29.34 53.16
N ARG A 1072 -57.11 -37.97 47.56
CA ARG A 1072 -58.38 -37.35 47.22
C ARG A 1072 -59.39 -37.53 48.34
N VAL A 1073 -59.42 -36.58 49.27
CA VAL A 1073 -60.38 -36.62 50.36
C VAL A 1073 -61.79 -36.38 49.84
N GLY A 1074 -61.94 -35.48 48.86
CA GLY A 1074 -63.23 -35.24 48.25
C GLY A 1074 -63.46 -33.79 47.90
N THR A 1075 -63.83 -33.52 46.65
CA THR A 1075 -64.06 -32.17 46.14
C THR A 1075 -65.42 -31.55 46.48
N PRO A 1076 -66.59 -32.23 46.29
CA PRO A 1076 -67.87 -31.52 46.54
C PRO A 1076 -68.12 -31.17 48.00
N GLN A 1077 -67.49 -31.85 48.96
CA GLN A 1077 -67.58 -31.39 50.34
C GLN A 1077 -66.85 -30.05 50.51
N LEU A 1078 -65.72 -29.87 49.82
CA LEU A 1078 -65.03 -28.59 49.83
C LEU A 1078 -65.85 -27.53 49.10
N LEU A 1079 -66.56 -27.93 48.03
CA LEU A 1079 -67.45 -27.01 47.34
C LEU A 1079 -68.58 -26.53 48.26
N ALA A 1080 -69.16 -27.46 49.03
CA ALA A 1080 -70.24 -27.10 49.95
C ALA A 1080 -69.73 -26.25 51.11
N LEU A 1081 -68.51 -26.52 51.57
CA LEU A 1081 -67.95 -25.71 52.66
C LEU A 1081 -67.60 -24.31 52.19
N VAL A 1082 -67.10 -24.19 50.96
CA VAL A 1082 -66.78 -22.86 50.43
C VAL A 1082 -68.05 -22.08 50.15
N GLN A 1083 -69.05 -22.72 49.53
CA GLN A 1083 -70.32 -22.10 49.26
C GLN A 1083 -71.28 -22.14 50.45
N HIS A 1084 -70.77 -22.44 51.65
CA HIS A 1084 -71.60 -22.36 52.85
C HIS A 1084 -71.96 -20.91 53.18
N TRP A 1085 -70.97 -20.02 53.14
CA TRP A 1085 -71.24 -18.64 53.53
C TRP A 1085 -71.86 -17.86 52.39
N VAL A 1086 -71.11 -17.71 51.30
CA VAL A 1086 -71.53 -16.98 50.12
C VAL A 1086 -71.55 -17.96 48.95
N PRO A 1087 -72.68 -18.19 48.30
CA PRO A 1087 -72.75 -19.21 47.25
C PRO A 1087 -72.19 -18.77 45.91
N GLY A 1088 -71.72 -17.53 45.77
CA GLY A 1088 -71.19 -17.07 44.51
C GLY A 1088 -69.75 -17.44 44.23
N ALA A 1089 -69.08 -18.09 45.16
CA ALA A 1089 -67.67 -18.44 45.02
C ALA A 1089 -67.51 -19.64 44.10
N ARG A 1090 -66.24 -19.98 43.81
CA ARG A 1090 -65.94 -21.13 42.98
C ARG A 1090 -64.55 -21.61 43.39
N LEU A 1091 -64.23 -22.87 43.09
CA LEU A 1091 -62.89 -23.40 43.31
C LEU A 1091 -62.30 -23.67 41.93
N VAL A 1092 -61.33 -22.86 41.52
CA VAL A 1092 -61.02 -22.81 40.09
C VAL A 1092 -60.07 -23.94 39.68
N GLU A 1093 -59.13 -24.31 40.54
CA GLU A 1093 -58.17 -25.37 40.21
C GLU A 1093 -58.20 -26.44 41.30
N GLU A 1094 -58.50 -27.67 40.90
CA GLU A 1094 -58.51 -28.83 41.80
C GLU A 1094 -57.19 -29.58 41.61
N LEU A 1095 -56.29 -29.45 42.58
CA LEU A 1095 -54.99 -30.08 42.53
C LEU A 1095 -54.80 -30.97 43.76
N PRO A 1096 -54.03 -32.06 43.65
CA PRO A 1096 -53.83 -32.93 44.81
C PRO A 1096 -52.92 -32.35 45.88
N HIS A 1097 -52.29 -31.21 45.62
CA HIS A 1097 -51.35 -30.59 46.54
C HIS A 1097 -51.91 -29.36 47.22
N GLU A 1098 -52.72 -28.59 46.51
CA GLU A 1098 -53.34 -27.38 47.04
C GLU A 1098 -54.64 -27.13 46.28
N LEU A 1099 -55.38 -26.10 46.69
CA LEU A 1099 -56.52 -25.63 45.94
C LEU A 1099 -56.49 -24.10 45.95
N VAL A 1100 -57.08 -23.51 44.92
CA VAL A 1100 -57.20 -22.06 44.83
C VAL A 1100 -58.65 -21.71 44.48
N LEU A 1101 -59.19 -20.76 45.24
CA LEU A 1101 -60.57 -20.35 45.12
C LEU A 1101 -60.68 -19.08 44.27
N VAL A 1102 -61.93 -18.75 43.93
CA VAL A 1102 -62.32 -17.47 43.39
C VAL A 1102 -63.47 -17.00 44.26
N LEU A 1103 -63.21 -16.02 45.10
CA LEU A 1103 -64.18 -15.43 46.01
C LEU A 1103 -64.52 -14.01 45.53
N PRO A 1104 -65.76 -13.57 45.71
CA PRO A 1104 -66.07 -12.18 45.34
C PRO A 1104 -65.57 -11.22 46.41
N TYR A 1105 -64.96 -10.13 45.96
CA TYR A 1105 -64.52 -9.10 46.89
C TYR A 1105 -65.67 -8.30 47.48
N THR A 1106 -66.87 -8.41 46.90
CA THR A 1106 -68.07 -7.93 47.57
C THR A 1106 -68.43 -8.76 48.78
N GLY A 1107 -67.97 -10.02 48.84
CA GLY A 1107 -68.27 -10.88 49.97
C GLY A 1107 -67.64 -10.40 51.27
N ALA A 1108 -66.44 -9.85 51.19
CA ALA A 1108 -65.79 -9.26 52.34
C ALA A 1108 -66.26 -7.84 52.63
N HIS A 1109 -67.01 -7.24 51.71
CA HIS A 1109 -67.50 -5.87 51.90
C HIS A 1109 -68.67 -5.79 52.86
N ASP A 1110 -69.32 -6.92 53.15
CA ASP A 1110 -70.44 -6.96 54.09
C ASP A 1110 -69.99 -7.07 55.52
N GLY A 1111 -68.68 -7.09 55.78
CA GLY A 1111 -68.18 -7.44 57.09
C GLY A 1111 -68.02 -8.93 57.31
N SER A 1112 -68.40 -9.75 56.32
CA SER A 1112 -68.30 -11.20 56.43
C SER A 1112 -66.88 -11.64 56.02
N PHE A 1113 -65.93 -11.29 56.90
CA PHE A 1113 -64.60 -11.86 56.89
C PHE A 1113 -64.36 -12.72 58.11
N ALA A 1114 -64.67 -12.17 59.28
CA ALA A 1114 -64.31 -12.82 60.52
C ALA A 1114 -65.19 -14.02 60.80
N THR A 1115 -66.41 -14.04 60.24
CA THR A 1115 -67.25 -15.23 60.33
C THR A 1115 -66.63 -16.39 59.57
N LEU A 1116 -66.18 -16.11 58.33
CA LEU A 1116 -65.51 -17.06 57.46
C LEU A 1116 -64.33 -17.72 58.17
N PHE A 1117 -63.46 -16.90 58.74
CA PHE A 1117 -62.20 -17.40 59.24
C PHE A 1117 -62.26 -17.83 60.69
N ARG A 1118 -63.26 -17.36 61.45
CA ARG A 1118 -63.45 -17.96 62.78
C ARG A 1118 -64.12 -19.32 62.66
N GLU A 1119 -64.90 -19.55 61.60
CA GLU A 1119 -65.39 -20.91 61.39
C GLU A 1119 -64.31 -21.80 60.80
N LEU A 1120 -63.49 -21.27 59.89
CA LEU A 1120 -62.40 -22.05 59.32
C LEU A 1120 -61.30 -22.34 60.35
N ASP A 1121 -61.13 -21.46 61.35
CA ASP A 1121 -60.22 -21.75 62.44
C ASP A 1121 -60.70 -22.94 63.26
N THR A 1122 -62.01 -23.16 63.31
CA THR A 1122 -62.60 -24.32 63.96
C THR A 1122 -62.83 -25.47 63.00
N ARG A 1123 -62.55 -25.29 61.70
CA ARG A 1123 -62.78 -26.35 60.73
C ARG A 1123 -61.53 -26.91 60.10
N LEU A 1124 -60.42 -26.15 60.06
CA LEU A 1124 -59.17 -26.67 59.54
C LEU A 1124 -58.54 -27.75 60.42
N ALA A 1125 -59.02 -27.94 61.65
CA ALA A 1125 -58.52 -29.02 62.49
C ALA A 1125 -58.94 -30.39 61.97
N GLU A 1126 -60.09 -30.48 61.30
CA GLU A 1126 -60.61 -31.77 60.86
C GLU A 1126 -60.73 -31.89 59.34
N LEU A 1127 -60.26 -30.91 58.59
CA LEU A 1127 -60.30 -30.97 57.13
C LEU A 1127 -59.05 -31.62 56.53
N ARG A 1128 -58.18 -32.18 57.38
CA ARG A 1128 -56.93 -32.87 56.97
C ARG A 1128 -56.00 -31.94 56.20
N LEU A 1129 -56.00 -30.67 56.58
CA LEU A 1129 -55.21 -29.63 55.92
C LEU A 1129 -54.50 -28.81 56.99
N THR A 1130 -53.29 -28.35 56.69
CA THR A 1130 -52.46 -27.75 57.72
C THR A 1130 -52.61 -26.23 57.80
N GLY A 1131 -53.39 -25.61 56.93
CA GLY A 1131 -53.54 -24.18 57.05
C GLY A 1131 -54.00 -23.55 55.75
N TYR A 1132 -54.31 -22.27 55.84
CA TYR A 1132 -54.82 -21.51 54.70
C TYR A 1132 -54.05 -20.19 54.56
N GLY A 1133 -54.22 -19.58 53.39
CA GLY A 1133 -53.60 -18.31 53.10
C GLY A 1133 -54.46 -17.50 52.14
N ILE A 1134 -54.27 -16.20 52.17
CA ILE A 1134 -55.16 -15.29 51.45
C ILE A 1134 -54.36 -14.66 50.32
N SER A 1135 -55.06 -14.23 49.27
CA SER A 1135 -54.43 -13.55 48.14
C SER A 1135 -55.42 -12.62 47.48
N ASP A 1136 -54.90 -11.66 46.74
CA ASP A 1136 -55.67 -10.74 45.93
C ASP A 1136 -55.48 -11.07 44.46
N THR A 1137 -56.05 -10.24 43.59
CA THR A 1137 -55.79 -10.32 42.16
C THR A 1137 -54.46 -9.64 41.88
N SER A 1138 -53.53 -10.37 41.26
CA SER A 1138 -52.22 -9.83 40.94
C SER A 1138 -52.33 -8.77 39.86
N LEU A 1139 -51.43 -7.78 39.93
CA LEU A 1139 -51.53 -6.57 39.11
C LEU A 1139 -51.32 -6.86 37.63
N GLU A 1140 -50.60 -7.93 37.31
CA GLU A 1140 -50.42 -8.31 35.91
C GLU A 1140 -51.72 -8.79 35.29
N GLU A 1141 -52.63 -9.34 36.08
CA GLU A 1141 -53.94 -9.76 35.56
C GLU A 1141 -54.75 -8.55 35.11
N ILE A 1142 -54.76 -7.50 35.94
CA ILE A 1142 -55.39 -6.23 35.57
C ILE A 1142 -54.73 -5.66 34.33
N PHE A 1143 -53.39 -5.72 34.27
CA PHE A 1143 -52.65 -5.17 33.14
C PHE A 1143 -53.02 -5.86 31.83
N LEU A 1144 -52.97 -7.19 31.80
CA LEU A 1144 -53.26 -7.92 30.56
C LEU A 1144 -54.74 -7.82 30.18
N LYS A 1145 -55.63 -7.81 31.17
CA LYS A 1145 -57.06 -7.75 30.87
C LYS A 1145 -57.45 -6.37 30.34
N VAL A 1146 -56.80 -5.31 30.81
CA VAL A 1146 -57.11 -3.98 30.31
C VAL A 1146 -56.37 -3.71 28.99
N VAL A 1147 -55.25 -4.39 28.74
CA VAL A 1147 -54.64 -4.38 27.41
C VAL A 1147 -55.57 -5.05 26.40
N GLU A 1148 -56.28 -6.11 26.82
CA GLU A 1148 -57.21 -6.81 25.95
C GLU A 1148 -58.34 -5.92 25.42
N GLU A 1149 -58.70 -4.88 26.16
CA GLU A 1149 -59.78 -4.00 25.70
C GLU A 1149 -59.34 -3.12 24.55
N CYS A 1150 -58.14 -2.55 24.63
CA CYS A 1150 -57.71 -1.53 23.67
C CYS A 1150 -56.89 -2.09 22.52
N ALA A 1151 -56.35 -3.30 22.64
CA ALA A 1151 -55.50 -3.87 21.59
C ALA A 1151 -56.34 -4.30 20.39
N TRP A 1214 -29.98 -47.77 3.12
CA TRP A 1214 -28.71 -47.19 3.54
C TRP A 1214 -28.63 -45.73 3.10
N ALA A 1215 -29.78 -45.17 2.73
CA ALA A 1215 -29.85 -43.84 2.14
C ALA A 1215 -30.57 -42.82 3.01
N LEU A 1216 -31.05 -43.22 4.19
CA LEU A 1216 -31.86 -42.33 5.01
C LEU A 1216 -31.07 -41.23 5.69
N THR A 1217 -29.74 -41.28 5.68
CA THR A 1217 -28.94 -40.26 6.32
C THR A 1217 -28.52 -39.13 5.37
N ARG A 1218 -28.63 -39.34 4.06
CA ARG A 1218 -28.12 -38.37 3.09
C ARG A 1218 -29.18 -37.44 2.54
N GLN A 1219 -30.41 -37.49 3.08
CA GLN A 1219 -31.40 -36.46 2.75
C GLN A 1219 -31.39 -35.32 3.74
N GLN A 1220 -30.53 -35.36 4.76
CA GLN A 1220 -30.43 -34.29 5.73
C GLN A 1220 -29.20 -33.41 5.52
N LEU A 1221 -28.48 -33.63 4.42
CA LEU A 1221 -27.55 -32.61 3.95
C LEU A 1221 -28.31 -31.34 3.58
N GLN A 1222 -29.51 -31.53 3.02
CA GLN A 1222 -30.36 -30.44 2.54
C GLN A 1222 -30.78 -29.51 3.66
N ALA A 1223 -30.85 -30.03 4.90
CA ALA A 1223 -31.18 -29.20 6.06
C ALA A 1223 -30.13 -28.13 6.31
N LEU A 1224 -28.85 -28.50 6.20
CA LEU A 1224 -27.79 -27.51 6.27
C LEU A 1224 -27.76 -26.68 4.99
N LEU A 1225 -28.06 -27.32 3.86
CA LEU A 1225 -27.83 -26.73 2.55
C LEU A 1225 -28.76 -25.56 2.30
N LEU A 1226 -30.02 -25.66 2.72
CA LEU A 1226 -30.92 -24.54 2.49
C LEU A 1226 -30.70 -23.38 3.45
N LYS A 1227 -30.22 -23.63 4.67
CA LYS A 1227 -29.88 -22.50 5.53
C LYS A 1227 -28.65 -21.77 4.97
N ARG A 1228 -27.68 -22.53 4.43
CA ARG A 1228 -26.52 -21.88 3.83
C ARG A 1228 -26.88 -21.23 2.50
N PHE A 1229 -27.85 -21.82 1.79
CA PHE A 1229 -28.29 -21.29 0.51
C PHE A 1229 -29.05 -19.99 0.68
N LEU A 1230 -29.90 -19.91 1.72
CA LEU A 1230 -30.58 -18.65 1.99
C LEU A 1230 -29.65 -17.62 2.60
N LEU A 1231 -28.61 -18.06 3.32
CA LEU A 1231 -27.52 -17.16 3.70
C LEU A 1231 -26.86 -16.54 2.47
N ALA A 1232 -26.62 -17.36 1.44
CA ALA A 1232 -26.08 -16.86 0.18
C ALA A 1232 -27.06 -15.95 -0.56
N ARG A 1233 -28.34 -16.31 -0.58
CA ARG A 1233 -29.32 -15.58 -1.39
C ARG A 1233 -29.67 -14.23 -0.78
N ARG A 1234 -29.92 -14.18 0.54
CA ARG A 1234 -30.37 -12.92 1.11
C ARG A 1234 -29.24 -11.91 1.30
N SER A 1235 -27.99 -12.34 1.28
CA SER A 1235 -26.86 -11.46 1.56
C SER A 1235 -26.32 -10.85 0.27
N ARG A 1236 -27.16 -10.04 -0.37
CA ARG A 1236 -26.75 -9.24 -1.51
C ARG A 1236 -26.20 -7.88 -1.08
N ARG A 1237 -26.14 -7.62 0.23
CA ARG A 1237 -25.68 -6.34 0.75
C ARG A 1237 -24.37 -6.42 1.50
N GLY A 1238 -23.95 -7.61 1.93
CA GLY A 1238 -22.72 -7.77 2.66
C GLY A 1238 -21.81 -8.83 2.09
N LEU A 1239 -22.20 -9.39 0.95
CA LEU A 1239 -21.46 -10.48 0.31
C LEU A 1239 -21.39 -10.21 -1.20
N PHE A 1240 -21.10 -11.28 -1.95
CA PHE A 1240 -20.48 -11.34 -3.29
C PHE A 1240 -19.20 -10.48 -3.42
N ALA A 1241 -18.55 -10.15 -2.30
CA ALA A 1241 -17.14 -9.80 -2.27
C ALA A 1241 -16.27 -11.05 -2.18
N GLN A 1242 -16.90 -12.22 -2.08
CA GLN A 1242 -16.23 -13.51 -2.14
C GLN A 1242 -16.14 -14.07 -3.56
N ILE A 1243 -16.66 -13.36 -4.55
CA ILE A 1243 -16.60 -13.86 -5.92
C ILE A 1243 -15.97 -12.84 -6.86
N VAL A 1244 -16.31 -11.56 -6.70
CA VAL A 1244 -15.93 -10.55 -7.68
C VAL A 1244 -14.49 -10.10 -7.47
N LEU A 1245 -14.08 -9.98 -6.20
CA LEU A 1245 -12.73 -9.54 -5.85
C LEU A 1245 -11.58 -10.33 -6.47
N PRO A 1246 -11.54 -11.69 -6.47
CA PRO A 1246 -10.39 -12.34 -7.10
C PRO A 1246 -10.37 -12.23 -8.60
N ALA A 1247 -11.53 -12.23 -9.26
CA ALA A 1247 -11.58 -12.01 -10.69
C ALA A 1247 -11.10 -10.62 -11.07
N LEU A 1248 -11.50 -9.61 -10.27
CA LEU A 1248 -11.04 -8.24 -10.47
C LEU A 1248 -9.53 -8.13 -10.29
N PHE A 1249 -8.99 -8.75 -9.24
CA PHE A 1249 -7.56 -8.63 -8.98
C PHE A 1249 -6.73 -9.40 -10.00
N VAL A 1250 -7.21 -10.56 -10.47
CA VAL A 1250 -6.45 -11.29 -11.48
C VAL A 1250 -6.54 -10.58 -12.83
N GLY A 1251 -7.66 -9.90 -13.10
CA GLY A 1251 -7.73 -9.08 -14.31
C GLY A 1251 -6.78 -7.90 -14.25
N LEU A 1252 -6.73 -7.21 -13.11
CA LEU A 1252 -5.82 -6.08 -12.96
C LEU A 1252 -4.36 -6.52 -13.02
N ALA A 1253 -4.05 -7.70 -12.47
CA ALA A 1253 -2.69 -8.22 -12.50
C ALA A 1253 -2.27 -8.61 -13.91
N LEU A 1254 -3.18 -9.23 -14.69
CA LEU A 1254 -2.81 -9.56 -16.06
C LEU A 1254 -2.73 -8.32 -16.94
N VAL A 1255 -3.57 -7.31 -16.68
CA VAL A 1255 -3.48 -6.06 -17.43
C VAL A 1255 -2.18 -5.34 -17.10
N PHE A 1256 -1.75 -5.40 -15.84
CA PHE A 1256 -0.49 -4.81 -15.43
C PHE A 1256 0.72 -5.52 -16.04
N SER A 1257 0.55 -6.75 -16.53
CA SER A 1257 1.57 -7.45 -17.30
C SER A 1257 1.48 -7.11 -18.79
N LEU A 1258 1.43 -5.82 -19.09
CA LEU A 1258 1.44 -5.35 -20.47
C LEU A 1258 2.38 -4.18 -20.71
N ILE A 1259 2.72 -3.39 -19.67
CA ILE A 1259 3.54 -2.20 -19.88
C ILE A 1259 5.00 -2.56 -20.21
N VAL A 1260 5.50 -3.68 -19.69
CA VAL A 1260 6.91 -4.02 -19.81
C VAL A 1260 7.11 -4.82 -21.09
N PRO A 1261 7.98 -4.38 -22.00
CA PRO A 1261 8.31 -5.20 -23.16
C PRO A 1261 9.31 -6.28 -22.77
N PRO A 1262 9.26 -7.45 -23.40
CA PRO A 1262 10.22 -8.51 -23.05
C PRO A 1262 11.65 -8.21 -23.48
N PHE A 1263 12.60 -9.06 -23.12
CA PHE A 1263 14.00 -8.79 -23.36
C PHE A 1263 14.54 -9.72 -24.44
N GLY A 1264 15.77 -9.43 -24.87
CA GLY A 1264 16.37 -10.15 -25.97
C GLY A 1264 16.04 -9.58 -27.32
N HIS A 1265 15.23 -8.54 -27.37
CA HIS A 1265 14.78 -8.00 -28.64
C HIS A 1265 15.58 -6.74 -29.03
N TYR A 1266 16.86 -6.67 -28.62
CA TYR A 1266 17.69 -5.53 -29.01
C TYR A 1266 17.63 -5.31 -30.51
N PRO A 1267 17.90 -6.35 -31.40
CA PRO A 1267 18.31 -6.00 -32.75
C PRO A 1267 17.11 -5.42 -33.48
N ALA A 1268 17.10 -4.12 -33.55
CA ALA A 1268 16.17 -3.46 -34.43
C ALA A 1268 17.01 -2.70 -35.44
N LEU A 1269 16.51 -2.64 -36.67
CA LEU A 1269 17.00 -1.68 -37.63
C LEU A 1269 16.90 -0.32 -37.02
N ARG A 1270 17.92 0.51 -37.20
CA ARG A 1270 17.84 1.86 -36.68
C ARG A 1270 18.50 2.72 -37.73
N LEU A 1271 17.71 3.40 -38.56
CA LEU A 1271 18.27 4.37 -39.49
C LEU A 1271 19.06 5.40 -38.74
N SER A 1272 20.36 5.46 -38.99
CA SER A 1272 21.25 6.39 -38.31
C SER A 1272 20.98 7.90 -38.47
N PRO A 1273 20.58 8.35 -39.67
CA PRO A 1273 20.39 9.82 -39.79
C PRO A 1273 19.49 10.49 -38.76
N THR A 1274 19.47 11.81 -38.71
CA THR A 1274 18.96 12.53 -37.55
C THR A 1274 17.42 12.48 -37.39
N MET A 1275 17.00 11.89 -36.27
CA MET A 1275 15.76 11.17 -36.07
C MET A 1275 15.15 11.74 -34.81
N TYR A 1276 15.78 12.73 -34.23
CA TYR A 1276 15.44 13.30 -32.95
C TYR A 1276 14.32 14.31 -33.06
N GLY A 1277 14.01 14.75 -34.26
CA GLY A 1277 12.82 15.53 -34.48
C GLY A 1277 13.14 16.96 -34.78
N ALA A 1278 12.75 17.83 -33.87
CA ALA A 1278 13.01 19.25 -33.97
C ALA A 1278 14.17 19.62 -33.08
N GLN A 1279 15.13 20.35 -33.62
CA GLN A 1279 16.40 20.47 -32.97
C GLN A 1279 17.12 21.69 -33.52
N VAL A 1280 18.14 22.11 -32.81
CA VAL A 1280 19.02 23.19 -33.20
C VAL A 1280 20.34 22.59 -33.64
N SER A 1281 20.91 23.09 -34.72
CA SER A 1281 22.19 22.56 -35.13
C SER A 1281 22.91 23.66 -35.88
N PHE A 1282 24.12 23.97 -35.47
CA PHE A 1282 24.83 25.13 -35.95
C PHE A 1282 25.68 24.80 -37.17
N PHE A 1283 26.51 25.74 -37.58
CA PHE A 1283 27.63 25.50 -38.48
C PHE A 1283 28.58 26.66 -38.33
N SER A 1284 29.82 26.55 -38.80
CA SER A 1284 30.71 27.70 -38.77
C SER A 1284 31.82 27.57 -39.78
N GLU A 1285 31.69 28.23 -40.91
CA GLU A 1285 32.74 28.16 -41.92
C GLU A 1285 34.01 28.84 -41.43
N ASP A 1286 35.15 28.17 -41.55
CA ASP A 1286 36.43 28.75 -41.11
C ASP A 1286 37.14 29.55 -42.20
N ALA A 1287 37.39 28.97 -43.37
CA ALA A 1287 38.08 29.75 -44.38
C ALA A 1287 37.42 29.55 -45.72
N PRO A 1288 37.01 30.63 -46.38
CA PRO A 1288 36.30 30.55 -47.67
C PRO A 1288 37.12 30.79 -48.94
N GLY A 1289 38.42 31.04 -48.80
CA GLY A 1289 39.29 31.29 -49.94
C GLY A 1289 39.20 30.32 -51.11
N ASP A 1290 38.87 29.05 -50.85
CA ASP A 1290 38.81 28.08 -51.94
C ASP A 1290 37.37 27.81 -52.37
N PRO A 1291 37.10 27.80 -53.67
CA PRO A 1291 35.74 27.54 -54.18
C PRO A 1291 35.17 26.17 -53.88
N GLY A 1292 36.02 25.16 -53.71
CA GLY A 1292 35.52 23.80 -53.47
C GLY A 1292 34.79 23.65 -52.15
N ARG A 1293 35.37 24.17 -51.07
CA ARG A 1293 34.70 24.05 -49.79
C ARG A 1293 33.62 25.09 -49.59
N ALA A 1294 33.33 25.90 -50.60
CA ALA A 1294 32.12 26.69 -50.64
C ALA A 1294 30.95 25.93 -51.27
N ARG A 1295 31.20 24.75 -51.83
CA ARG A 1295 30.13 23.88 -52.31
C ARG A 1295 29.67 22.92 -51.24
N LEU A 1296 30.62 22.34 -50.52
CA LEU A 1296 30.30 21.40 -49.45
C LEU A 1296 29.44 22.06 -48.39
N LEU A 1297 29.71 23.32 -48.07
CA LEU A 1297 28.87 24.07 -47.12
C LEU A 1297 27.42 24.14 -47.60
N GLU A 1298 27.21 24.46 -48.87
CA GLU A 1298 25.86 24.54 -49.42
C GLU A 1298 25.19 23.19 -49.37
N ALA A 1299 25.94 22.12 -49.65
CA ALA A 1299 25.35 20.79 -49.61
C ALA A 1299 24.98 20.40 -48.20
N LEU A 1300 25.75 20.85 -47.21
CA LEU A 1300 25.41 20.59 -45.81
C LEU A 1300 24.10 21.27 -45.45
N LEU A 1301 23.91 22.51 -45.92
CA LEU A 1301 22.66 23.19 -45.64
C LEU A 1301 21.51 22.51 -46.35
N GLN A 1302 21.74 21.99 -47.56
CA GLN A 1302 20.62 21.35 -48.23
C GLN A 1302 20.36 19.97 -47.66
N GLU A 1303 21.28 19.46 -46.84
CA GLU A 1303 20.99 18.27 -46.06
C GLU A 1303 20.08 18.62 -44.92
N ALA A 1304 20.24 19.83 -44.37
CA ALA A 1304 19.52 20.16 -43.16
C ALA A 1304 18.06 20.44 -43.41
N GLY A 1305 17.70 20.74 -44.65
CA GLY A 1305 16.33 21.01 -45.02
C GLY A 1305 16.12 22.38 -45.61
N LEU A 1306 17.14 23.24 -45.54
CA LEU A 1306 17.11 24.54 -46.19
C LEU A 1306 16.86 24.38 -47.68
N GLU A 1307 16.01 25.23 -48.23
CA GLU A 1307 15.73 25.22 -49.65
C GLU A 1307 16.96 25.67 -50.42
N GLU A 1308 16.99 25.35 -51.70
CA GLU A 1308 18.00 25.93 -52.57
C GLU A 1308 17.79 27.44 -52.63
N PRO A 1309 18.86 28.23 -52.56
CA PRO A 1309 18.70 29.68 -52.50
C PRO A 1309 18.17 30.23 -53.81
N PRO A 1310 17.00 30.86 -53.79
CA PRO A 1310 16.40 31.35 -55.03
C PRO A 1310 17.11 32.61 -55.50
N VAL A 1311 16.70 33.07 -56.69
CA VAL A 1311 17.33 34.26 -57.26
C VAL A 1311 16.85 35.54 -56.56
N GLN A 1312 15.68 35.49 -55.91
CA GLN A 1312 15.24 36.59 -55.06
C GLN A 1312 15.69 36.33 -53.63
N HIS A 1313 16.13 37.40 -52.96
CA HIS A 1313 16.76 37.34 -51.63
C HIS A 1313 17.92 36.35 -51.60
N SER A 1314 18.74 36.38 -52.67
CA SER A 1314 19.71 35.31 -52.92
C SER A 1314 20.79 35.27 -51.86
N SER A 1315 21.31 36.44 -51.47
CA SER A 1315 22.15 36.55 -50.29
C SER A 1315 21.31 36.93 -49.07
N HIS A 1316 20.20 36.22 -48.86
CA HIS A 1316 19.37 36.43 -47.68
C HIS A 1316 18.63 35.14 -47.37
N ARG A 1317 19.20 34.35 -46.47
CA ARG A 1317 18.50 33.25 -45.85
C ARG A 1317 18.55 33.30 -44.34
N PHE A 1318 19.53 33.98 -43.77
CA PHE A 1318 19.78 33.98 -42.36
C PHE A 1318 19.53 35.37 -41.80
N SER A 1319 18.93 35.43 -40.62
CA SER A 1319 18.59 36.71 -40.03
C SER A 1319 18.49 36.55 -38.52
N ALA A 1320 19.13 37.45 -37.79
CA ALA A 1320 19.22 37.32 -36.35
C ALA A 1320 17.88 37.65 -35.71
N PRO A 1321 17.60 37.12 -34.54
CA PRO A 1321 16.43 37.58 -33.79
C PRO A 1321 16.63 38.95 -33.18
N GLU A 1322 15.69 39.41 -32.36
CA GLU A 1322 15.77 40.74 -31.77
C GLU A 1322 16.66 40.69 -30.55
N VAL A 1323 17.82 41.34 -30.62
CA VAL A 1323 18.70 41.49 -29.46
C VAL A 1323 18.03 42.40 -28.45
N PRO A 1324 17.97 42.05 -27.17
CA PRO A 1324 17.44 42.98 -26.17
C PRO A 1324 18.46 44.04 -25.78
N ALA A 1325 17.95 45.19 -25.36
CA ALA A 1325 18.78 46.39 -25.25
C ALA A 1325 19.70 46.35 -24.03
N GLU A 1326 19.24 45.74 -22.94
CA GLU A 1326 20.08 45.60 -21.75
C GLU A 1326 21.28 44.71 -22.04
N VAL A 1327 21.07 43.67 -22.85
CA VAL A 1327 22.15 42.84 -23.35
C VAL A 1327 23.14 43.67 -24.15
N ALA A 1328 22.64 44.56 -25.01
CA ALA A 1328 23.52 45.39 -25.82
C ALA A 1328 24.36 46.33 -24.96
N LYS A 1329 23.77 46.91 -23.93
CA LYS A 1329 24.54 47.85 -23.12
C LYS A 1329 25.38 47.18 -22.06
N VAL A 1330 25.20 45.88 -21.80
CA VAL A 1330 26.19 45.21 -20.96
C VAL A 1330 27.28 44.57 -21.81
N LEU A 1331 27.00 44.23 -23.06
CA LEU A 1331 28.03 43.66 -23.92
C LEU A 1331 28.96 44.74 -24.42
N ALA A 1332 28.44 45.74 -25.11
CA ALA A 1332 29.33 46.74 -25.71
C ALA A 1332 29.77 47.80 -24.70
N SER A 1333 30.23 47.36 -23.53
CA SER A 1333 30.88 48.20 -22.54
C SER A 1333 32.06 47.52 -21.89
N GLY A 1334 32.18 46.19 -21.99
CA GLY A 1334 33.34 45.45 -21.57
C GLY A 1334 34.31 45.14 -22.68
N ASN A 1335 34.10 45.72 -23.87
CA ASN A 1335 35.04 45.73 -25.00
C ASN A 1335 35.38 44.31 -25.46
N TRP A 1336 34.39 43.62 -26.02
CA TRP A 1336 34.64 42.25 -26.45
C TRP A 1336 34.39 42.18 -27.95
N THR A 1337 35.09 41.26 -28.59
CA THR A 1337 34.94 40.86 -29.98
C THR A 1337 34.69 39.36 -29.97
N PRO A 1338 34.11 38.77 -31.03
CA PRO A 1338 33.72 37.35 -30.97
C PRO A 1338 34.83 36.33 -30.65
N GLU A 1339 36.09 36.69 -30.74
CA GLU A 1339 37.15 35.83 -30.21
C GLU A 1339 37.51 36.11 -28.75
N SER A 1340 36.75 36.95 -28.05
CA SER A 1340 37.05 37.31 -26.67
C SER A 1340 36.09 36.61 -25.70
N PRO A 1341 36.45 36.45 -24.43
CA PRO A 1341 35.51 35.85 -23.49
C PRO A 1341 34.33 36.75 -23.20
N SER A 1342 33.20 36.12 -22.97
CA SER A 1342 31.91 36.73 -22.66
C SER A 1342 31.83 36.98 -21.15
N PRO A 1343 30.77 37.60 -20.62
CA PRO A 1343 30.62 37.65 -19.16
C PRO A 1343 30.49 36.26 -18.55
N ALA A 1344 31.00 36.12 -17.35
CA ALA A 1344 31.13 34.80 -16.75
C ALA A 1344 29.79 34.31 -16.20
N CYS A 1345 29.81 33.06 -15.76
CA CYS A 1345 28.69 32.41 -15.12
C CYS A 1345 29.16 31.91 -13.76
N GLN A 1346 28.23 31.76 -12.83
CA GLN A 1346 28.58 31.52 -11.43
C GLN A 1346 28.45 30.05 -11.09
N CYS A 1347 29.57 29.42 -10.73
CA CYS A 1347 29.56 28.05 -10.23
C CYS A 1347 29.08 27.94 -8.79
N SER A 1348 29.34 26.78 -8.21
CA SER A 1348 28.74 26.35 -6.96
C SER A 1348 29.61 26.81 -5.80
N ARG A 1349 29.21 27.90 -5.14
CA ARG A 1349 29.96 28.47 -4.02
C ARG A 1349 29.98 27.51 -2.81
N PRO A 1350 30.88 27.72 -1.84
CA PRO A 1350 30.85 26.85 -0.66
C PRO A 1350 29.71 27.14 0.29
N GLY A 1351 28.56 26.53 -0.01
CA GLY A 1351 27.34 26.70 0.74
C GLY A 1351 26.21 27.21 -0.13
N ALA A 1352 26.35 27.07 -1.45
CA ALA A 1352 25.28 27.42 -2.36
C ALA A 1352 25.23 26.48 -3.56
N ARG A 1353 25.30 25.17 -3.31
CA ARG A 1353 25.39 24.20 -4.39
C ARG A 1353 24.13 24.20 -5.25
N ARG A 1354 24.30 23.87 -6.52
CA ARG A 1354 23.26 23.97 -7.53
C ARG A 1354 23.64 23.07 -8.69
N LEU A 1355 22.66 22.64 -9.48
CA LEU A 1355 23.04 21.83 -10.63
C LEU A 1355 23.82 22.63 -11.66
N LEU A 1356 23.16 23.48 -12.39
CA LEU A 1356 23.85 24.09 -13.50
C LEU A 1356 23.93 25.58 -13.24
N PRO A 1357 25.00 26.24 -13.64
CA PRO A 1357 25.28 27.60 -13.19
C PRO A 1357 24.22 28.63 -13.60
N ASP A 1358 24.26 29.77 -12.93
CA ASP A 1358 23.24 30.80 -13.08
C ASP A 1358 23.76 31.85 -14.04
N CYS A 1359 23.31 31.80 -15.21
CA CYS A 1359 23.98 32.60 -16.23
C CYS A 1359 23.19 33.85 -16.54
N PRO A 1360 23.83 35.02 -16.54
CA PRO A 1360 23.18 36.25 -17.00
C PRO A 1360 22.77 36.16 -18.47
N ALA A 1361 21.95 37.11 -18.89
CA ALA A 1361 21.36 37.01 -20.23
C ALA A 1361 22.37 37.30 -21.32
N ALA A 1362 23.40 38.07 -21.05
CA ALA A 1362 24.49 38.24 -22.01
C ALA A 1362 25.66 37.34 -21.64
N ALA A 1363 25.42 36.05 -21.64
CA ALA A 1363 26.46 35.06 -21.49
C ALA A 1363 26.53 34.31 -22.81
N GLY A 1364 27.62 34.47 -23.54
CA GLY A 1364 27.75 33.88 -24.83
C GLY A 1364 27.49 34.83 -25.97
N GLY A 1365 26.88 35.97 -25.71
CA GLY A 1365 26.75 37.00 -26.71
C GLY A 1365 25.37 37.16 -27.28
N PRO A 1366 25.25 37.99 -28.31
CA PRO A 1366 23.97 38.16 -28.97
C PRO A 1366 23.60 36.90 -29.72
N PRO A 1367 22.29 36.66 -29.94
CA PRO A 1367 21.86 35.41 -30.60
C PRO A 1367 22.26 35.35 -32.07
N PRO A 1368 22.77 34.21 -32.52
CA PRO A 1368 23.44 34.14 -33.81
C PRO A 1368 22.46 34.06 -34.96
N PRO A 1369 22.89 34.38 -36.18
CA PRO A 1369 21.95 34.52 -37.30
C PRO A 1369 21.30 33.23 -37.77
N GLN A 1370 20.24 32.83 -37.11
CA GLN A 1370 19.66 31.53 -37.32
C GLN A 1370 18.74 31.53 -38.53
N ALA A 1371 18.26 30.34 -38.90
CA ALA A 1371 17.26 30.16 -39.95
C ALA A 1371 16.50 28.88 -39.67
N VAL A 1372 15.32 28.75 -40.24
CA VAL A 1372 14.43 27.64 -39.90
C VAL A 1372 13.97 26.98 -41.19
N THR A 1373 13.81 25.66 -41.15
CA THR A 1373 13.79 24.84 -42.36
C THR A 1373 12.39 24.55 -42.90
N GLY A 1374 11.59 23.85 -42.14
CA GLY A 1374 10.39 23.23 -42.67
C GLY A 1374 10.24 21.82 -42.13
N SER A 1375 11.36 21.17 -41.87
CA SER A 1375 11.34 20.02 -40.98
C SER A 1375 11.33 20.43 -39.53
N GLY A 1376 11.64 21.70 -39.24
CA GLY A 1376 11.70 22.20 -37.88
C GLY A 1376 13.08 22.11 -37.28
N GLU A 1377 14.09 22.64 -37.97
CA GLU A 1377 15.48 22.45 -37.58
C GLU A 1377 16.19 23.79 -37.64
N VAL A 1378 16.34 24.44 -36.49
CA VAL A 1378 16.97 25.75 -36.43
C VAL A 1378 18.46 25.62 -36.74
N VAL A 1379 18.93 26.31 -37.76
CA VAL A 1379 20.30 26.20 -38.25
C VAL A 1379 20.98 27.54 -38.09
N GLN A 1380 21.91 27.65 -37.16
CA GLN A 1380 22.48 28.93 -36.78
C GLN A 1380 23.83 29.17 -37.46
N ASN A 1381 23.94 30.25 -38.24
CA ASN A 1381 25.24 30.65 -38.75
C ASN A 1381 26.08 31.07 -37.57
N LEU A 1382 27.22 30.47 -37.41
CA LEU A 1382 28.02 30.71 -36.23
C LEU A 1382 29.47 30.92 -36.64
N THR A 1383 29.65 31.54 -37.80
CA THR A 1383 30.96 31.80 -38.37
C THR A 1383 31.74 32.80 -37.55
N GLY A 1384 32.97 32.45 -37.20
CA GLY A 1384 33.88 33.39 -36.59
C GLY A 1384 33.50 33.84 -35.21
N ARG A 1385 32.94 32.95 -34.40
CA ARG A 1385 32.70 33.24 -33.00
C ARG A 1385 33.43 32.21 -32.15
N ASN A 1386 33.61 32.54 -30.88
CA ASN A 1386 34.25 31.61 -29.97
C ASN A 1386 33.26 30.49 -29.75
N LEU A 1387 33.61 29.28 -30.15
CA LEU A 1387 32.61 28.24 -30.27
C LEU A 1387 32.60 27.31 -29.09
N SER A 1388 33.61 27.35 -28.23
CA SER A 1388 33.55 26.64 -26.98
C SER A 1388 33.29 27.56 -25.81
N ASP A 1389 32.90 28.79 -26.09
CA ASP A 1389 32.36 29.73 -25.14
C ASP A 1389 30.88 29.93 -25.34
N PHE A 1390 30.41 29.78 -26.56
CA PHE A 1390 29.00 29.83 -26.79
C PHE A 1390 28.33 28.57 -26.29
N LEU A 1391 28.95 27.43 -26.52
CA LEU A 1391 28.31 26.15 -26.24
C LEU A 1391 28.30 25.78 -24.76
N VAL A 1392 29.02 26.50 -23.92
CA VAL A 1392 29.06 26.23 -22.50
C VAL A 1392 28.06 27.10 -21.76
N LYS A 1393 28.00 28.37 -22.14
CA LYS A 1393 27.22 29.38 -21.47
C LYS A 1393 25.76 29.41 -21.93
N THR A 1394 25.39 28.68 -22.97
CA THR A 1394 23.98 28.57 -23.29
C THR A 1394 23.42 27.17 -23.15
N TYR A 1395 24.17 26.23 -22.61
CA TYR A 1395 23.58 24.91 -22.34
C TYR A 1395 22.48 24.93 -21.28
N PRO A 1396 22.62 25.52 -20.08
CA PRO A 1396 21.56 25.35 -19.10
C PRO A 1396 20.25 26.07 -19.41
N ARG A 1397 20.16 26.85 -20.48
CA ARG A 1397 18.90 27.46 -20.86
C ARG A 1397 18.29 26.83 -22.09
N LEU A 1398 18.99 25.93 -22.79
CA LEU A 1398 18.35 25.11 -23.80
C LEU A 1398 17.55 24.00 -23.15
N VAL A 1399 18.18 23.28 -22.22
CA VAL A 1399 17.51 22.27 -21.43
C VAL A 1399 17.03 22.92 -20.13
N ARG A 1400 15.79 23.39 -20.17
CA ARG A 1400 15.19 23.83 -18.92
C ARG A 1400 13.79 23.27 -18.79
N GLN A 1401 13.13 22.98 -19.90
CA GLN A 1401 11.85 22.30 -19.79
C GLN A 1401 12.02 20.85 -19.42
N GLY A 1402 13.19 20.29 -19.64
CA GLY A 1402 13.40 18.94 -19.19
C GLY A 1402 13.86 18.84 -17.76
N LEU A 1403 14.05 19.95 -17.07
CA LEU A 1403 14.44 19.91 -15.68
C LEU A 1403 13.25 19.94 -14.74
N LYS A 1404 12.04 19.77 -15.26
CA LYS A 1404 10.87 19.71 -14.41
C LYS A 1404 10.52 18.29 -14.04
N THR A 1405 10.57 17.38 -15.00
CA THR A 1405 10.23 15.99 -14.79
C THR A 1405 11.44 15.08 -14.72
N LYS A 1406 12.55 15.47 -15.37
CA LYS A 1406 13.79 14.68 -15.49
C LYS A 1406 13.55 13.30 -16.11
N LYS A 1407 12.69 13.22 -17.10
CA LYS A 1407 12.44 11.95 -17.77
C LYS A 1407 12.25 12.18 -19.25
N TRP A 1408 13.00 11.44 -20.05
CA TRP A 1408 13.09 11.60 -21.51
C TRP A 1408 13.33 13.05 -21.87
N VAL A 1409 14.48 13.56 -21.44
CA VAL A 1409 14.76 14.98 -21.56
C VAL A 1409 15.21 15.29 -22.97
N ASN A 1410 14.44 16.10 -23.68
CA ASN A 1410 14.82 16.55 -25.01
C ASN A 1410 15.75 17.72 -24.85
N GLU A 1411 17.05 17.45 -24.75
CA GLU A 1411 18.05 18.45 -25.03
C GLU A 1411 17.92 18.86 -26.48
N VAL A 1412 18.06 20.13 -26.77
CA VAL A 1412 17.59 20.60 -28.06
C VAL A 1412 18.68 20.54 -29.12
N ARG A 1413 19.93 20.83 -28.78
CA ARG A 1413 21.03 20.91 -29.72
C ARG A 1413 21.85 19.65 -29.63
N TYR A 1414 21.95 18.91 -30.74
CA TYR A 1414 22.60 17.62 -30.74
C TYR A 1414 23.90 17.56 -31.48
N GLY A 1415 24.20 18.52 -32.33
CA GLY A 1415 25.48 18.49 -32.99
C GLY A 1415 25.50 19.45 -34.14
N GLY A 1416 26.65 19.52 -34.78
CA GLY A 1416 26.75 20.40 -35.92
C GLY A 1416 28.15 20.35 -36.44
N PHE A 1417 28.41 21.13 -37.46
CA PHE A 1417 29.63 20.95 -38.22
C PHE A 1417 30.52 22.15 -38.09
N SER A 1418 31.76 22.01 -38.51
CA SER A 1418 32.66 23.15 -38.52
C SER A 1418 33.70 22.90 -39.60
N LEU A 1419 33.59 23.58 -40.72
CA LEU A 1419 34.45 23.33 -41.86
C LEU A 1419 35.83 23.94 -41.69
N GLY A 1420 36.54 24.08 -42.79
CA GLY A 1420 37.79 24.81 -42.73
C GLY A 1420 38.92 24.02 -43.31
N GLY A 1421 39.84 24.71 -43.96
CA GLY A 1421 40.94 24.05 -44.64
C GLY A 1421 41.99 23.50 -43.71
N ARG A 1422 43.18 23.23 -44.24
CA ARG A 1422 44.23 22.53 -43.52
C ARG A 1422 44.75 23.36 -42.34
N ASP A 1423 45.65 22.74 -41.58
CA ASP A 1423 46.18 23.38 -40.37
C ASP A 1423 47.07 24.54 -40.76
N PRO A 1424 46.83 25.74 -40.22
CA PRO A 1424 47.75 26.85 -40.46
C PRO A 1424 49.03 26.64 -39.65
N GLY A 1425 50.16 26.64 -40.33
CA GLY A 1425 51.41 26.27 -39.73
C GLY A 1425 52.51 26.10 -40.76
N LEU A 1426 53.17 24.96 -40.71
CA LEU A 1426 54.34 24.73 -41.56
C LEU A 1426 53.94 24.53 -43.03
N PRO A 1427 54.51 25.30 -43.95
CA PRO A 1427 54.12 25.23 -45.36
C PRO A 1427 54.85 24.16 -46.16
N SER A 1428 54.78 24.30 -47.48
CA SER A 1428 55.54 23.55 -48.48
C SER A 1428 55.18 22.08 -48.56
N GLY A 1429 53.92 21.78 -48.89
CA GLY A 1429 53.52 20.43 -49.19
C GLY A 1429 53.93 19.92 -50.55
N GLN A 1430 54.44 20.79 -51.42
CA GLN A 1430 54.84 20.40 -52.77
C GLN A 1430 56.35 20.34 -52.98
N GLU A 1431 57.14 20.77 -52.00
CA GLU A 1431 58.60 20.75 -52.17
C GLU A 1431 59.15 19.33 -52.06
N LEU A 1432 58.60 18.53 -51.15
CA LEU A 1432 59.03 17.14 -51.01
C LEU A 1432 58.70 16.33 -52.25
N GLY A 1433 57.53 16.56 -52.85
CA GLY A 1433 57.19 15.87 -54.07
C GLY A 1433 58.10 16.24 -55.23
N ARG A 1434 58.49 17.51 -55.29
CA ARG A 1434 59.47 17.95 -56.27
C ARG A 1434 60.82 17.27 -56.06
N SER A 1435 61.22 17.12 -54.79
CA SER A 1435 62.50 16.46 -54.47
C SER A 1435 62.49 14.99 -54.86
N VAL A 1436 61.39 14.28 -54.58
CA VAL A 1436 61.34 12.86 -54.93
C VAL A 1436 61.20 12.69 -56.44
N GLU A 1437 60.49 13.60 -57.12
CA GLU A 1437 60.38 13.50 -58.58
C GLU A 1437 61.71 13.78 -59.27
N GLU A 1438 62.53 14.66 -58.70
CA GLU A 1438 63.87 14.87 -59.25
C GLU A 1438 64.79 13.71 -58.92
N LEU A 1439 64.70 13.17 -57.70
CA LEU A 1439 65.52 12.03 -57.31
C LEU A 1439 65.00 10.70 -57.84
N TRP A 1440 63.87 10.71 -58.55
CA TRP A 1440 63.46 9.53 -59.29
C TRP A 1440 64.38 9.26 -60.48
N ALA A 1441 65.06 10.29 -60.98
CA ALA A 1441 66.05 10.09 -62.02
C ALA A 1441 67.24 9.30 -61.49
N LEU A 1442 67.81 8.47 -62.37
CA LEU A 1442 68.96 7.59 -62.21
C LEU A 1442 68.71 6.41 -61.27
N LEU A 1443 67.53 6.30 -60.66
CA LEU A 1443 67.18 5.15 -59.82
C LEU A 1443 65.78 4.69 -60.22
N SER A 1444 65.71 3.81 -61.22
CA SER A 1444 64.49 3.07 -61.52
C SER A 1444 64.84 1.69 -62.06
N PRO A 1445 65.38 0.78 -61.20
CA PRO A 1445 65.71 -0.56 -61.67
C PRO A 1445 64.48 -1.40 -61.97
N LEU A 1446 63.58 -1.48 -60.99
CA LEU A 1446 62.36 -2.27 -61.13
C LEU A 1446 61.16 -1.34 -61.19
N PRO A 1447 60.49 -1.21 -62.33
CA PRO A 1447 59.32 -0.34 -62.40
C PRO A 1447 58.12 -0.92 -61.67
N GLY A 1448 58.11 -0.77 -60.36
CA GLY A 1448 57.06 -1.33 -59.53
C GLY A 1448 57.37 -2.68 -58.93
N GLY A 1449 58.60 -3.17 -59.05
CA GLY A 1449 58.96 -4.46 -58.48
C GLY A 1449 59.33 -4.37 -57.01
N ALA A 1450 58.38 -3.90 -56.18
CA ALA A 1450 58.50 -3.73 -54.73
C ALA A 1450 59.63 -2.81 -54.31
N LEU A 1451 60.12 -1.97 -55.22
CA LEU A 1451 61.02 -0.88 -54.88
C LEU A 1451 60.44 0.48 -55.27
N ASP A 1452 60.01 0.63 -56.52
CA ASP A 1452 59.52 1.92 -56.98
C ASP A 1452 58.14 2.25 -56.44
N ARG A 1453 57.40 1.28 -55.88
CA ARG A 1453 56.13 1.55 -55.23
C ARG A 1453 56.33 2.44 -54.00
N VAL A 1454 57.49 2.32 -53.34
CA VAL A 1454 57.87 3.24 -52.27
C VAL A 1454 57.95 4.67 -52.80
N LEU A 1455 58.52 4.84 -54.00
CA LEU A 1455 58.63 6.18 -54.57
C LEU A 1455 57.28 6.70 -55.04
N LYS A 1456 56.42 5.82 -55.56
CA LYS A 1456 55.05 6.20 -55.92
C LYS A 1456 54.29 6.71 -54.70
N ASN A 1457 54.35 5.96 -53.60
CA ASN A 1457 53.59 6.34 -52.43
C ASN A 1457 54.22 7.55 -51.72
N LEU A 1458 55.52 7.76 -51.87
CA LEU A 1458 56.11 8.94 -51.27
C LEU A 1458 55.75 10.21 -52.05
N THR A 1459 55.72 10.11 -53.38
CA THR A 1459 55.21 11.22 -54.18
C THR A 1459 53.73 11.47 -53.90
N ALA A 1460 52.96 10.40 -53.69
CA ALA A 1460 51.55 10.54 -53.37
C ALA A 1460 51.35 11.17 -51.99
N TRP A 1461 52.18 10.77 -51.03
CA TRP A 1461 52.10 11.29 -49.68
C TRP A 1461 52.47 12.78 -49.63
N ALA A 1462 53.43 13.19 -50.45
CA ALA A 1462 53.75 14.60 -50.52
C ALA A 1462 52.66 15.39 -51.25
N HIS A 1463 52.25 14.92 -52.43
CA HIS A 1463 51.38 15.72 -53.30
C HIS A 1463 49.95 15.83 -52.78
N SER A 1464 49.51 14.91 -51.92
CA SER A 1464 48.14 14.92 -51.41
C SER A 1464 48.06 15.40 -49.97
N LEU A 1465 48.99 16.26 -49.57
CA LEU A 1465 49.07 16.74 -48.19
C LEU A 1465 48.45 18.11 -48.01
N ASP A 1466 48.69 19.02 -48.96
CA ASP A 1466 48.30 20.42 -48.82
C ASP A 1466 46.84 20.68 -49.14
N ALA A 1467 46.15 19.75 -49.79
CA ALA A 1467 44.80 20.01 -50.28
C ALA A 1467 43.71 19.33 -49.47
N GLN A 1468 44.02 18.86 -48.27
CA GLN A 1468 43.01 18.24 -47.43
C GLN A 1468 42.10 19.30 -46.84
N ASP A 1469 40.83 18.97 -46.71
CA ASP A 1469 39.86 19.81 -46.02
C ASP A 1469 39.79 19.39 -44.56
N SER A 1470 38.74 19.79 -43.86
CA SER A 1470 38.43 19.22 -42.57
C SER A 1470 36.93 19.17 -42.42
N LEU A 1471 36.50 18.64 -41.28
CA LEU A 1471 35.18 18.87 -40.72
C LEU A 1471 35.31 18.46 -39.27
N LYS A 1472 35.17 19.37 -38.33
CA LYS A 1472 34.91 18.87 -37.00
C LYS A 1472 33.45 18.58 -36.91
N ILE A 1473 33.09 17.53 -36.22
CA ILE A 1473 31.72 17.11 -36.02
C ILE A 1473 31.51 17.22 -34.53
N TRP A 1474 30.76 18.21 -34.08
CA TRP A 1474 30.51 18.33 -32.68
C TRP A 1474 29.29 17.51 -32.38
N PHE A 1475 29.37 16.66 -31.38
CA PHE A 1475 28.25 15.82 -31.01
C PHE A 1475 27.94 15.98 -29.54
N ASN A 1476 26.87 15.34 -29.09
CA ASN A 1476 26.34 15.51 -27.75
C ASN A 1476 25.96 14.12 -27.30
N ASN A 1477 26.66 13.57 -26.34
CA ASN A 1477 26.61 12.13 -26.13
C ASN A 1477 25.44 11.68 -25.29
N LYS A 1478 24.63 12.60 -24.82
CA LYS A 1478 23.43 12.25 -24.08
C LYS A 1478 22.29 11.82 -24.96
N GLY A 1479 22.48 11.83 -26.27
CA GLY A 1479 21.47 11.39 -27.19
C GLY A 1479 21.74 10.04 -27.82
N TRP A 1480 22.84 9.40 -27.46
CA TRP A 1480 23.22 8.02 -27.73
C TRP A 1480 23.50 7.64 -29.16
N HIS A 1481 23.20 8.48 -30.11
CA HIS A 1481 23.35 8.09 -31.51
C HIS A 1481 23.74 9.33 -32.31
N SER A 1482 24.31 10.35 -31.66
CA SER A 1482 24.59 11.61 -32.33
C SER A 1482 25.90 11.56 -33.08
N MET A 1483 26.84 10.77 -32.55
CA MET A 1483 28.12 10.51 -33.17
C MET A 1483 27.96 10.01 -34.58
N VAL A 1484 27.15 8.97 -34.75
CA VAL A 1484 27.02 8.32 -36.04
C VAL A 1484 25.95 8.94 -36.94
N ALA A 1485 24.94 9.59 -36.37
CA ALA A 1485 24.04 10.40 -37.17
C ALA A 1485 24.79 11.51 -37.89
N PHE A 1486 25.66 12.20 -37.19
CA PHE A 1486 26.29 13.30 -37.89
C PHE A 1486 27.48 12.85 -38.74
N VAL A 1487 28.10 11.70 -38.43
CA VAL A 1487 29.08 11.15 -39.38
C VAL A 1487 28.39 10.77 -40.68
N ASN A 1488 27.16 10.25 -40.59
CA ASN A 1488 26.43 9.90 -41.79
C ASN A 1488 26.00 11.13 -42.60
N ARG A 1489 25.55 12.19 -41.94
CA ARG A 1489 25.20 13.39 -42.70
C ARG A 1489 26.42 14.02 -43.35
N ALA A 1490 27.59 13.95 -42.70
CA ALA A 1490 28.79 14.47 -43.33
C ALA A 1490 29.16 13.68 -44.58
N SER A 1491 29.06 12.34 -44.53
CA SER A 1491 29.42 11.54 -45.70
C SER A 1491 28.44 11.73 -46.84
N ASN A 1492 27.18 11.86 -46.51
CA ASN A 1492 26.15 12.04 -47.53
C ASN A 1492 26.28 13.41 -48.19
N ALA A 1493 26.67 14.45 -47.44
CA ALA A 1493 26.87 15.76 -48.03
C ALA A 1493 28.15 15.85 -48.83
N ILE A 1494 29.17 15.05 -48.48
CA ILE A 1494 30.34 15.01 -49.35
C ILE A 1494 30.00 14.30 -50.65
N LEU A 1495 29.08 13.32 -50.61
CA LEU A 1495 28.66 12.68 -51.86
C LEU A 1495 27.99 13.66 -52.79
N ARG A 1496 26.97 14.39 -52.31
CA ARG A 1496 26.27 15.25 -53.28
C ARG A 1496 26.93 16.63 -53.42
N ALA A 1497 28.25 16.64 -53.57
CA ALA A 1497 28.96 17.84 -53.94
C ALA A 1497 29.82 17.58 -55.15
N HIS A 1498 30.28 16.35 -55.31
CA HIS A 1498 31.07 15.98 -56.48
C HIS A 1498 30.22 15.45 -57.62
N LEU A 1499 28.91 15.45 -57.49
CA LEU A 1499 28.04 15.22 -58.63
C LEU A 1499 28.14 16.38 -59.61
N PRO A 1500 28.39 16.11 -60.89
CA PRO A 1500 28.68 17.17 -61.86
C PRO A 1500 27.52 18.13 -62.14
N PRO A 1501 26.21 17.68 -62.35
CA PRO A 1501 25.20 18.67 -62.78
C PRO A 1501 24.88 19.77 -61.78
N GLY A 1502 24.47 19.38 -60.59
CA GLY A 1502 24.26 20.29 -59.50
C GLY A 1502 24.47 19.51 -58.24
N PRO A 1503 24.87 20.19 -57.15
CA PRO A 1503 24.99 19.50 -55.87
C PRO A 1503 23.69 18.87 -55.39
N ALA A 1504 22.55 19.47 -55.68
CA ALA A 1504 21.26 18.85 -55.36
C ALA A 1504 20.98 17.75 -56.38
N ARG A 1505 21.66 16.61 -56.21
CA ARG A 1505 21.33 15.43 -56.99
C ARG A 1505 20.44 14.54 -56.14
N HIS A 1506 19.27 14.22 -56.69
CA HIS A 1506 18.24 13.47 -55.98
C HIS A 1506 18.21 12.01 -56.36
N ALA A 1507 19.21 11.54 -57.11
CA ALA A 1507 19.23 10.14 -57.50
C ALA A 1507 19.71 9.26 -56.37
N HIS A 1508 20.94 9.48 -55.89
CA HIS A 1508 21.63 8.53 -55.03
C HIS A 1508 22.14 9.11 -53.72
N SER A 1509 22.27 8.22 -52.73
CA SER A 1509 22.35 8.58 -51.33
C SER A 1509 22.78 7.43 -50.44
N ILE A 1510 23.82 7.61 -49.64
CA ILE A 1510 24.23 6.57 -48.69
C ILE A 1510 23.27 6.58 -47.50
N THR A 1511 22.80 5.40 -47.08
CA THR A 1511 22.28 5.24 -45.72
C THR A 1511 22.97 4.10 -45.01
N THR A 1512 23.03 4.19 -43.68
CA THR A 1512 23.49 3.07 -42.87
C THR A 1512 22.45 2.76 -41.84
N LEU A 1513 22.52 1.54 -41.35
CA LEU A 1513 21.66 1.08 -40.28
C LEU A 1513 22.56 0.62 -39.15
N ASN A 1514 21.97 0.05 -38.11
CA ASN A 1514 22.75 -0.44 -36.98
C ASN A 1514 21.93 -1.59 -36.43
N HIS A 1515 22.32 -2.82 -36.74
CA HIS A 1515 21.51 -3.98 -36.43
C HIS A 1515 22.40 -5.00 -35.75
N PRO A 1516 22.32 -5.12 -34.43
CA PRO A 1516 23.23 -6.00 -33.73
C PRO A 1516 22.97 -7.46 -34.00
N LEU A 1517 23.96 -8.28 -33.69
CA LEU A 1517 23.96 -9.65 -34.16
C LEU A 1517 23.20 -10.50 -33.17
N ASN A 1518 22.74 -11.67 -33.66
CA ASN A 1518 21.85 -12.57 -32.94
C ASN A 1518 22.40 -12.95 -31.58
N LEU A 1519 21.54 -13.00 -30.59
CA LEU A 1519 21.99 -13.27 -29.24
C LEU A 1519 22.23 -14.77 -29.07
N THR A 1520 22.83 -15.14 -27.94
CA THR A 1520 23.06 -16.54 -27.65
C THR A 1520 22.34 -16.93 -26.36
N LYS A 1521 22.55 -18.17 -25.92
CA LYS A 1521 21.69 -18.75 -24.88
C LYS A 1521 21.85 -18.05 -23.54
N GLU A 1522 23.08 -17.75 -23.15
CA GLU A 1522 23.32 -16.94 -21.96
C GLU A 1522 23.05 -15.47 -22.19
N GLN A 1523 22.75 -15.07 -23.43
CA GLN A 1523 22.37 -13.70 -23.74
C GLN A 1523 20.87 -13.52 -23.81
N LEU A 1524 20.12 -14.50 -24.30
CA LEU A 1524 18.67 -14.44 -24.12
C LEU A 1524 18.30 -14.64 -22.68
N SER A 1525 18.84 -15.69 -22.05
CA SER A 1525 18.26 -16.22 -20.81
C SER A 1525 18.56 -15.31 -19.63
N GLU A 1526 19.77 -14.73 -19.58
CA GLU A 1526 20.13 -13.86 -18.47
C GLU A 1526 19.26 -12.62 -18.44
N GLY A 1527 19.08 -11.97 -19.59
CA GLY A 1527 18.22 -10.80 -19.65
C GLY A 1527 16.75 -11.14 -19.47
N ALA A 1528 16.33 -12.34 -19.89
CA ALA A 1528 14.95 -12.74 -19.70
C ALA A 1528 14.64 -12.98 -18.23
N LEU A 1529 15.53 -13.68 -17.52
CA LEU A 1529 15.32 -13.94 -16.11
C LEU A 1529 15.51 -12.68 -15.26
N MET A 1530 16.31 -11.73 -15.74
CA MET A 1530 16.31 -10.43 -15.08
C MET A 1530 14.99 -9.70 -15.30
N ALA A 1531 14.45 -9.78 -16.52
CA ALA A 1531 13.16 -9.16 -16.81
C ALA A 1531 11.98 -9.94 -16.28
N SER A 1532 12.16 -11.22 -15.95
CA SER A 1532 11.06 -12.05 -15.45
C SER A 1532 10.78 -11.74 -13.98
N SER A 1533 10.23 -10.55 -13.74
CA SER A 1533 9.85 -10.14 -12.40
C SER A 1533 8.48 -9.51 -12.30
N VAL A 1534 7.90 -9.01 -13.40
CA VAL A 1534 6.54 -8.53 -13.36
C VAL A 1534 5.57 -9.70 -13.29
N ASP A 1535 5.92 -10.81 -13.93
CA ASP A 1535 5.14 -12.03 -13.80
C ASP A 1535 5.18 -12.59 -12.38
N VAL A 1536 6.26 -12.30 -11.64
CA VAL A 1536 6.28 -12.60 -10.21
C VAL A 1536 5.20 -11.81 -9.48
N LEU A 1537 5.05 -10.52 -9.82
CA LEU A 1537 3.98 -9.69 -9.25
C LEU A 1537 2.61 -10.22 -9.64
N VAL A 1538 2.48 -10.70 -10.87
CA VAL A 1538 1.26 -11.36 -11.33
C VAL A 1538 0.95 -12.59 -10.47
N SER A 1539 1.98 -13.40 -10.21
CA SER A 1539 1.77 -14.63 -9.45
C SER A 1539 1.44 -14.34 -7.99
N ILE A 1540 2.04 -13.30 -7.42
CA ILE A 1540 1.73 -12.90 -6.05
C ILE A 1540 0.29 -12.41 -5.94
N CYS A 1541 -0.15 -11.63 -6.93
CA CYS A 1541 -1.55 -11.18 -6.93
C CYS A 1541 -2.51 -12.34 -7.14
N VAL A 1542 -2.13 -13.33 -7.95
CA VAL A 1542 -2.98 -14.50 -8.17
C VAL A 1542 -3.14 -15.30 -6.88
N VAL A 1543 -2.03 -15.57 -6.18
CA VAL A 1543 -2.14 -16.40 -4.98
C VAL A 1543 -2.81 -15.62 -3.85
N PHE A 1544 -2.63 -14.30 -3.79
CA PHE A 1544 -3.30 -13.49 -2.77
C PHE A 1544 -4.80 -13.42 -3.03
N ALA A 1545 -5.19 -13.12 -4.27
CA ALA A 1545 -6.61 -13.03 -4.59
C ALA A 1545 -7.30 -14.38 -4.52
N MET A 1546 -6.59 -15.47 -4.77
CA MET A 1546 -7.25 -16.75 -4.73
C MET A 1546 -7.24 -17.35 -3.33
N SER A 1547 -6.35 -16.89 -2.45
CA SER A 1547 -6.42 -17.19 -1.03
C SER A 1547 -7.38 -16.26 -0.29
N PHE A 1548 -7.80 -15.18 -0.95
CA PHE A 1548 -8.64 -14.17 -0.32
C PHE A 1548 -9.98 -14.73 0.14
N VAL A 1549 -10.80 -15.18 -0.80
CA VAL A 1549 -12.21 -15.47 -0.52
C VAL A 1549 -12.54 -16.62 0.44
N PRO A 1550 -11.67 -17.60 0.75
CA PRO A 1550 -11.97 -18.41 1.93
C PRO A 1550 -11.94 -17.64 3.25
N ALA A 1551 -11.22 -16.51 3.32
CA ALA A 1551 -11.33 -15.67 4.50
C ALA A 1551 -12.68 -14.97 4.57
N SER A 1552 -13.37 -14.84 3.44
CA SER A 1552 -14.78 -14.48 3.47
C SER A 1552 -15.65 -15.69 3.84
N PHE A 1553 -15.21 -16.90 3.48
CA PHE A 1553 -15.97 -18.10 3.86
C PHE A 1553 -15.98 -18.31 5.36
N THR A 1554 -14.86 -18.08 6.03
CA THR A 1554 -14.77 -18.43 7.45
C THR A 1554 -15.49 -17.44 8.36
N LEU A 1555 -15.91 -16.28 7.85
CA LEU A 1555 -16.69 -15.34 8.66
C LEU A 1555 -18.03 -15.93 9.06
N VAL A 1556 -18.60 -16.79 8.21
CA VAL A 1556 -19.87 -17.43 8.52
C VAL A 1556 -19.70 -18.36 9.72
N LEU A 1557 -18.54 -18.98 9.84
CA LEU A 1557 -18.21 -19.82 10.99
C LEU A 1557 -17.69 -19.05 12.18
N ILE A 1558 -17.33 -17.77 12.02
CA ILE A 1558 -16.78 -17.01 13.14
C ILE A 1558 -17.85 -16.73 14.19
N GLU A 1559 -19.03 -16.28 13.77
CA GLU A 1559 -20.13 -16.08 14.71
C GLU A 1559 -21.07 -17.28 14.83
N GLU A 1560 -20.64 -18.45 14.38
CA GLU A 1560 -21.47 -19.66 14.44
C GLU A 1560 -20.65 -20.82 14.99
N ARG A 1561 -19.68 -20.49 15.84
CA ARG A 1561 -18.78 -21.43 16.50
C ARG A 1561 -19.53 -22.49 17.31
N VAL A 1562 -20.20 -22.05 18.39
CA VAL A 1562 -20.82 -22.95 19.36
C VAL A 1562 -22.23 -22.48 19.73
N THR A 1563 -22.67 -21.37 19.15
CA THR A 1563 -23.76 -20.59 19.72
C THR A 1563 -25.13 -21.29 19.62
N ARG A 1564 -25.47 -21.88 18.49
CA ARG A 1564 -26.67 -22.73 18.59
C ARG A 1564 -26.48 -24.12 18.02
N ALA A 1565 -25.86 -24.24 16.83
CA ALA A 1565 -25.87 -25.50 16.10
C ALA A 1565 -24.98 -26.54 16.79
N LYS A 1566 -23.81 -26.11 17.27
CA LYS A 1566 -22.90 -27.04 17.94
C LYS A 1566 -23.43 -27.48 19.29
N HIS A 1567 -24.30 -26.69 19.92
CA HIS A 1567 -24.84 -27.03 21.23
C HIS A 1567 -26.36 -27.15 21.26
N LEU A 1568 -27.04 -27.11 20.13
CA LEU A 1568 -28.36 -27.72 20.05
C LEU A 1568 -28.42 -28.78 18.95
N GLN A 1569 -28.08 -28.41 17.72
CA GLN A 1569 -28.28 -29.28 16.57
C GLN A 1569 -27.32 -30.46 16.56
N LEU A 1570 -26.15 -30.31 17.17
CA LEU A 1570 -25.19 -31.41 17.19
C LEU A 1570 -25.09 -32.12 18.54
N MET A 1571 -25.77 -31.62 19.57
CA MET A 1571 -25.67 -32.21 20.91
C MET A 1571 -26.97 -32.81 21.38
N GLY A 1572 -28.11 -32.18 21.05
CA GLY A 1572 -29.40 -32.67 21.50
C GLY A 1572 -29.84 -33.96 20.85
N GLY A 1573 -29.25 -34.31 19.71
CA GLY A 1573 -29.54 -35.56 19.05
C GLY A 1573 -28.29 -36.29 18.60
N LEU A 1574 -27.13 -35.64 18.81
CA LEU A 1574 -25.79 -36.18 18.59
C LEU A 1574 -25.58 -36.61 17.13
N SER A 1575 -25.55 -35.60 16.27
CA SER A 1575 -25.17 -35.77 14.85
C SER A 1575 -24.08 -34.78 14.50
N PRO A 1576 -22.80 -35.05 14.87
CA PRO A 1576 -21.71 -34.18 14.39
C PRO A 1576 -21.10 -34.66 13.09
N THR A 1577 -21.34 -35.92 12.74
CA THR A 1577 -20.66 -36.57 11.63
C THR A 1577 -21.01 -35.93 10.29
N LEU A 1578 -22.28 -35.56 10.09
CA LEU A 1578 -22.66 -34.86 8.87
C LEU A 1578 -22.16 -33.41 8.84
N TYR A 1579 -22.33 -32.68 9.94
CA TYR A 1579 -22.24 -31.22 9.90
C TYR A 1579 -20.81 -30.73 9.65
N TRP A 1580 -19.85 -31.29 10.39
CA TRP A 1580 -18.51 -30.73 10.36
C TRP A 1580 -17.73 -31.14 9.12
N LEU A 1581 -18.28 -32.00 8.27
CA LEU A 1581 -17.81 -32.14 6.90
C LEU A 1581 -18.79 -31.56 5.88
N GLY A 1582 -20.05 -31.36 6.27
CA GLY A 1582 -20.98 -30.72 5.36
C GLY A 1582 -20.68 -29.26 5.16
N ASN A 1583 -20.03 -28.63 6.14
CA ASN A 1583 -19.48 -27.29 5.93
C ASN A 1583 -18.43 -27.28 4.81
N PHE A 1584 -17.55 -28.30 4.80
CA PHE A 1584 -16.58 -28.46 3.72
C PHE A 1584 -17.27 -28.69 2.39
N LEU A 1585 -18.30 -29.54 2.38
CA LEU A 1585 -19.01 -29.85 1.14
C LEU A 1585 -19.69 -28.60 0.57
N TRP A 1586 -20.26 -27.77 1.43
CA TRP A 1586 -20.89 -26.57 0.92
C TRP A 1586 -19.85 -25.53 0.51
N ASP A 1587 -18.69 -25.51 1.18
CA ASP A 1587 -17.61 -24.60 0.77
C ASP A 1587 -17.06 -24.96 -0.61
N MET A 1588 -16.88 -26.25 -0.90
CA MET A 1588 -16.43 -26.60 -2.23
C MET A 1588 -17.54 -26.42 -3.26
N CYS A 1589 -18.80 -26.62 -2.85
CA CYS A 1589 -19.94 -26.39 -3.73
C CYS A 1589 -20.04 -24.93 -4.17
N ASN A 1590 -19.89 -23.99 -3.23
CA ASN A 1590 -19.91 -22.60 -3.63
C ASN A 1590 -18.51 -22.04 -3.87
N TYR A 1591 -17.50 -22.91 -3.97
CA TYR A 1591 -16.20 -22.50 -4.47
C TYR A 1591 -16.05 -22.82 -5.95
N LEU A 1592 -16.72 -23.89 -6.41
CA LEU A 1592 -16.55 -24.39 -7.77
C LEU A 1592 -16.87 -23.35 -8.83
N VAL A 1593 -17.93 -22.57 -8.64
CA VAL A 1593 -18.23 -21.49 -9.59
C VAL A 1593 -17.41 -20.22 -9.39
N PRO A 1594 -16.99 -19.78 -8.21
CA PRO A 1594 -15.93 -18.76 -8.14
C PRO A 1594 -14.53 -19.32 -8.34
N ALA A 1595 -14.37 -20.59 -8.69
CA ALA A 1595 -13.14 -21.01 -9.31
C ALA A 1595 -13.17 -20.71 -10.80
N CYS A 1596 -14.21 -21.20 -11.49
CA CYS A 1596 -14.33 -21.06 -12.93
C CYS A 1596 -14.49 -19.60 -13.36
N ILE A 1597 -15.14 -18.78 -12.52
CA ILE A 1597 -15.32 -17.37 -12.88
C ILE A 1597 -14.03 -16.59 -12.71
N VAL A 1598 -13.04 -17.15 -12.02
CA VAL A 1598 -11.70 -16.58 -11.99
C VAL A 1598 -10.84 -17.20 -13.09
N VAL A 1599 -11.13 -18.45 -13.47
CA VAL A 1599 -10.42 -19.10 -14.57
C VAL A 1599 -10.65 -18.35 -15.88
N LEU A 1600 -11.88 -17.94 -16.13
CA LEU A 1600 -12.19 -17.28 -17.40
C LEU A 1600 -11.69 -15.84 -17.50
N ILE A 1601 -11.13 -15.26 -16.44
CA ILE A 1601 -10.53 -13.94 -16.58
C ILE A 1601 -9.17 -14.04 -17.27
N PHE A 1602 -8.56 -15.23 -17.24
CA PHE A 1602 -7.39 -15.49 -18.09
C PHE A 1602 -7.77 -15.37 -19.55
N LEU A 1603 -8.91 -15.93 -19.92
CA LEU A 1603 -9.39 -15.93 -21.30
C LEU A 1603 -9.95 -14.58 -21.73
N ALA A 1604 -10.50 -13.81 -20.78
CA ALA A 1604 -11.16 -12.55 -21.11
C ALA A 1604 -10.20 -11.50 -21.62
N PHE A 1605 -8.94 -11.55 -21.21
CA PHE A 1605 -7.90 -10.62 -21.65
C PHE A 1605 -6.76 -11.44 -22.21
N GLN A 1606 -6.42 -11.20 -23.49
CA GLN A 1606 -5.37 -11.98 -24.16
C GLN A 1606 -4.01 -11.54 -23.66
N GLN A 1607 -3.67 -12.01 -22.47
CA GLN A 1607 -2.41 -11.67 -21.80
C GLN A 1607 -1.71 -12.87 -21.18
N ARG A 1608 -2.42 -13.96 -20.88
CA ARG A 1608 -1.84 -15.20 -20.38
C ARG A 1608 -2.37 -16.44 -21.11
N ALA A 1609 -3.66 -16.48 -21.45
CA ALA A 1609 -4.36 -17.70 -21.81
C ALA A 1609 -3.84 -18.40 -23.07
N TYR A 1610 -4.01 -17.76 -24.23
CA TYR A 1610 -3.37 -18.14 -25.50
C TYR A 1610 -3.74 -19.56 -25.91
N VAL A 1611 -5.01 -19.73 -26.30
CA VAL A 1611 -5.70 -21.01 -26.51
C VAL A 1611 -4.93 -22.04 -27.34
N ALA A 1612 -4.70 -23.19 -26.70
CA ALA A 1612 -3.93 -24.32 -27.20
C ALA A 1612 -4.06 -25.44 -26.16
N PRO A 1613 -3.85 -26.70 -26.56
CA PRO A 1613 -3.77 -27.76 -25.54
C PRO A 1613 -2.55 -27.64 -24.63
N ALA A 1614 -1.47 -27.01 -25.09
CA ALA A 1614 -0.24 -26.96 -24.32
C ALA A 1614 -0.37 -26.07 -23.09
N ASN A 1615 -1.26 -25.09 -23.13
CA ASN A 1615 -1.50 -24.22 -21.98
C ASN A 1615 -2.94 -24.38 -21.50
N LEU A 1616 -3.09 -24.39 -20.18
CA LEU A 1616 -4.33 -24.69 -19.48
C LEU A 1616 -5.05 -26.00 -19.87
N PRO A 1617 -4.36 -27.19 -19.81
CA PRO A 1617 -5.16 -28.42 -19.67
C PRO A 1617 -5.28 -28.89 -18.22
N ALA A 1618 -4.42 -28.34 -17.37
CA ALA A 1618 -4.38 -28.69 -15.95
C ALA A 1618 -4.39 -27.50 -15.03
N LEU A 1619 -4.07 -26.30 -15.53
CA LEU A 1619 -4.26 -25.08 -14.76
C LEU A 1619 -5.74 -24.86 -14.45
N LEU A 1620 -6.62 -25.29 -15.35
CA LEU A 1620 -8.04 -25.43 -15.04
C LEU A 1620 -8.24 -26.30 -13.81
N LEU A 1621 -7.63 -27.49 -13.82
CA LEU A 1621 -7.76 -28.40 -12.70
C LEU A 1621 -6.99 -27.90 -11.48
N LEU A 1622 -5.94 -27.11 -11.70
CA LEU A 1622 -5.19 -26.50 -10.61
C LEU A 1622 -6.08 -25.50 -9.84
N LEU A 1623 -6.76 -24.63 -10.60
CA LEU A 1623 -7.68 -23.66 -9.99
C LEU A 1623 -8.95 -24.30 -9.51
N LEU A 1624 -9.24 -25.54 -9.91
CA LEU A 1624 -10.32 -26.28 -9.29
C LEU A 1624 -9.90 -26.91 -7.96
N LEU A 1625 -8.67 -27.40 -7.84
CA LEU A 1625 -8.25 -28.05 -6.60
C LEU A 1625 -7.70 -27.11 -5.53
N TYR A 1626 -7.55 -25.80 -5.81
CA TYR A 1626 -7.11 -24.88 -4.75
C TYR A 1626 -8.06 -24.83 -3.55
N GLY A 1627 -9.36 -24.72 -3.79
CA GLY A 1627 -10.27 -24.61 -2.67
C GLY A 1627 -10.61 -25.93 -2.03
N TRP A 1628 -10.45 -27.02 -2.77
CA TRP A 1628 -10.49 -28.34 -2.16
C TRP A 1628 -9.30 -28.52 -1.22
N SER A 1629 -8.18 -27.85 -1.52
CA SER A 1629 -7.02 -27.94 -0.64
C SER A 1629 -7.10 -26.98 0.55
N ILE A 1630 -7.41 -25.70 0.32
CA ILE A 1630 -7.18 -24.66 1.32
C ILE A 1630 -8.23 -24.64 2.43
N THR A 1631 -9.34 -25.35 2.27
CA THR A 1631 -10.47 -25.24 3.20
C THR A 1631 -10.18 -25.71 4.63
N PRO A 1632 -9.55 -26.87 4.91
CA PRO A 1632 -9.36 -27.23 6.32
C PRO A 1632 -8.30 -26.41 7.06
N LEU A 1633 -7.29 -25.92 6.36
CA LEU A 1633 -6.14 -25.37 7.06
C LEU A 1633 -6.36 -23.95 7.58
N MET A 1634 -7.54 -23.36 7.38
CA MET A 1634 -7.76 -22.03 7.95
C MET A 1634 -9.16 -21.81 8.53
N TYR A 1635 -9.95 -22.86 8.69
CA TYR A 1635 -11.06 -22.84 9.66
C TYR A 1635 -10.68 -22.44 11.09
N PRO A 1636 -9.59 -22.99 11.76
CA PRO A 1636 -9.54 -22.88 13.23
C PRO A 1636 -9.25 -21.52 13.84
N ALA A 1637 -9.31 -20.44 13.05
CA ALA A 1637 -9.51 -19.13 13.67
C ALA A 1637 -10.92 -18.99 14.24
N SER A 1638 -11.87 -19.81 13.78
CA SER A 1638 -13.23 -19.78 14.31
C SER A 1638 -13.33 -20.54 15.63
N PHE A 1639 -13.11 -21.86 15.59
CA PHE A 1639 -13.34 -22.71 16.76
C PHE A 1639 -12.09 -22.86 17.63
N PHE A 1640 -11.15 -21.94 17.52
CA PHE A 1640 -10.01 -21.88 18.44
C PHE A 1640 -9.56 -20.44 18.49
N PHE A 1641 -9.44 -19.91 19.71
CA PHE A 1641 -9.19 -18.49 19.99
C PHE A 1641 -10.24 -17.63 19.32
N SER A 1642 -11.47 -17.77 19.83
CA SER A 1642 -12.65 -17.06 19.37
C SER A 1642 -12.48 -15.54 19.41
N VAL A 1643 -12.40 -14.93 18.24
CA VAL A 1643 -12.39 -13.47 18.11
C VAL A 1643 -13.47 -13.06 17.11
N PRO A 1644 -14.34 -12.09 17.47
CA PRO A 1644 -15.39 -11.68 16.54
C PRO A 1644 -14.98 -10.63 15.52
N SER A 1645 -14.80 -11.06 14.26
CA SER A 1645 -14.66 -10.19 13.08
C SER A 1645 -13.52 -9.18 13.20
N THR A 1646 -12.43 -9.59 13.86
CA THR A 1646 -11.28 -8.73 14.10
C THR A 1646 -9.98 -9.29 13.55
N ALA A 1647 -9.81 -10.62 13.54
CA ALA A 1647 -8.63 -11.26 12.95
C ALA A 1647 -8.73 -11.44 11.43
N TYR A 1648 -9.68 -10.76 10.78
CA TYR A 1648 -9.71 -10.72 9.32
C TYR A 1648 -8.45 -10.03 8.78
N VAL A 1649 -7.99 -8.99 9.48
CA VAL A 1649 -6.68 -8.41 9.21
C VAL A 1649 -5.58 -9.45 9.40
N VAL A 1650 -5.69 -10.26 10.46
CA VAL A 1650 -4.68 -11.26 10.78
C VAL A 1650 -4.67 -12.37 9.72
N LEU A 1651 -5.84 -12.78 9.25
CA LEU A 1651 -5.92 -13.84 8.25
C LEU A 1651 -5.41 -13.36 6.88
N THR A 1652 -5.75 -12.12 6.50
CA THR A 1652 -5.20 -11.57 5.25
C THR A 1652 -3.69 -11.38 5.36
N CYS A 1653 -3.19 -10.98 6.54
CA CYS A 1653 -1.76 -10.82 6.76
C CYS A 1653 -1.02 -12.16 6.70
N ILE A 1654 -1.59 -13.23 7.27
CA ILE A 1654 -0.89 -14.50 7.26
C ILE A 1654 -0.90 -15.11 5.85
N ASN A 1655 -1.97 -14.89 5.07
CA ASN A 1655 -1.94 -15.34 3.68
C ASN A 1655 -0.94 -14.53 2.85
N LEU A 1656 -0.79 -13.23 3.17
CA LEU A 1656 0.26 -12.43 2.53
C LEU A 1656 1.65 -12.90 2.92
N PHE A 1657 1.83 -13.37 4.15
CA PHE A 1657 3.11 -13.93 4.58
C PHE A 1657 3.44 -15.22 3.83
N ILE A 1658 2.43 -16.05 3.60
CA ILE A 1658 2.58 -17.25 2.76
C ILE A 1658 3.01 -16.85 1.35
N GLY A 1659 2.34 -15.84 0.79
CA GLY A 1659 2.68 -15.38 -0.54
C GLY A 1659 4.08 -14.80 -0.66
N ILE A 1660 4.53 -14.10 0.38
CA ILE A 1660 5.88 -13.52 0.30
C ILE A 1660 6.96 -14.57 0.55
N ASN A 1661 6.66 -15.63 1.30
CA ASN A 1661 7.58 -16.77 1.37
C ASN A 1661 7.71 -17.46 0.01
N GLY A 1662 6.57 -17.61 -0.69
CA GLY A 1662 6.61 -18.15 -2.03
C GLY A 1662 7.33 -17.24 -3.00
N SER A 1663 7.25 -15.93 -2.79
CA SER A 1663 7.92 -14.97 -3.67
C SER A 1663 9.43 -15.04 -3.52
N MET A 1664 9.93 -15.07 -2.28
CA MET A 1664 11.37 -15.15 -2.11
C MET A 1664 11.91 -16.58 -2.21
N ALA A 1665 11.04 -17.58 -2.39
CA ALA A 1665 11.50 -18.96 -2.56
C ALA A 1665 12.34 -19.13 -3.84
N THR A 1666 11.80 -18.72 -4.98
CA THR A 1666 12.52 -18.96 -6.24
C THR A 1666 13.63 -17.96 -6.48
N PHE A 1667 13.65 -16.85 -5.76
CA PHE A 1667 14.64 -15.80 -6.00
C PHE A 1667 15.85 -16.00 -5.08
N VAL A 1668 16.45 -17.18 -5.21
CA VAL A 1668 17.68 -17.51 -4.48
C VAL A 1668 18.91 -16.93 -5.14
N LEU A 1669 18.78 -16.40 -6.36
CA LEU A 1669 19.90 -15.87 -7.14
C LEU A 1669 19.51 -14.51 -7.67
N GLU A 1670 20.41 -13.53 -7.53
CA GLU A 1670 20.27 -12.26 -8.22
C GLU A 1670 21.47 -11.99 -9.13
N LEU A 1671 22.68 -11.98 -8.59
CA LEU A 1671 23.88 -11.74 -9.37
C LEU A 1671 24.99 -12.76 -9.11
N PHE A 1672 25.13 -13.22 -7.87
CA PHE A 1672 26.25 -14.06 -7.47
C PHE A 1672 25.81 -15.51 -7.25
N SER A 1673 26.80 -16.39 -7.25
CA SER A 1673 26.63 -17.80 -6.90
C SER A 1673 27.88 -18.28 -6.20
N ASP A 1674 27.75 -19.37 -5.45
CA ASP A 1674 28.86 -19.94 -4.70
C ASP A 1674 29.28 -21.28 -5.31
N GLN A 1675 30.21 -21.96 -4.64
CA GLN A 1675 31.03 -22.97 -5.28
C GLN A 1675 30.45 -24.39 -5.25
N LYS A 1676 29.82 -24.79 -4.14
CA LYS A 1676 29.58 -26.21 -3.84
C LYS A 1676 28.13 -26.61 -4.05
N LEU A 1677 27.52 -26.15 -5.16
CA LEU A 1677 26.17 -26.55 -5.60
C LEU A 1677 25.12 -26.11 -4.58
N GLN A 1678 25.33 -24.98 -3.92
CA GLN A 1678 24.44 -24.58 -2.84
C GLN A 1678 23.12 -24.01 -3.36
N GLU A 1679 23.12 -23.33 -4.51
CA GLU A 1679 21.87 -22.88 -5.08
C GLU A 1679 21.07 -24.06 -5.64
N VAL A 1680 21.75 -25.03 -6.25
CA VAL A 1680 21.06 -26.21 -6.75
C VAL A 1680 20.56 -27.06 -5.59
N SER A 1681 21.33 -27.14 -4.49
CA SER A 1681 20.84 -27.85 -3.31
C SER A 1681 19.69 -27.11 -2.66
N ARG A 1682 19.69 -25.77 -2.69
CA ARG A 1682 18.59 -25.00 -2.10
C ARG A 1682 17.32 -25.11 -2.94
N ILE A 1683 17.45 -25.13 -4.27
CA ILE A 1683 16.26 -25.33 -5.08
C ILE A 1683 15.81 -26.80 -5.05
N LEU A 1684 16.74 -27.74 -4.84
CA LEU A 1684 16.35 -29.13 -4.63
C LEU A 1684 15.65 -29.30 -3.29
N LYS A 1685 16.00 -28.49 -2.30
CA LYS A 1685 15.29 -28.51 -1.04
C LYS A 1685 13.94 -27.80 -1.14
N GLN A 1686 13.82 -26.76 -1.98
CA GLN A 1686 12.49 -26.16 -2.11
C GLN A 1686 11.56 -27.01 -2.97
N VAL A 1687 12.13 -27.94 -3.76
CA VAL A 1687 11.32 -28.97 -4.40
C VAL A 1687 10.59 -29.80 -3.34
N PHE A 1688 11.32 -30.20 -2.30
CA PHE A 1688 10.73 -31.00 -1.23
C PHE A 1688 10.00 -30.16 -0.19
N LEU A 1689 10.22 -28.84 -0.16
CA LEU A 1689 9.64 -27.97 0.85
C LEU A 1689 8.15 -27.72 0.60
N ILE A 1690 7.64 -28.12 -0.56
CA ILE A 1690 6.21 -28.01 -0.85
C ILE A 1690 5.40 -29.08 -0.13
N PHE A 1691 6.07 -30.04 0.55
CA PHE A 1691 5.40 -31.16 1.19
C PHE A 1691 4.36 -30.75 2.25
N PRO A 1692 4.68 -29.98 3.29
CA PRO A 1692 3.65 -29.72 4.31
C PRO A 1692 2.87 -28.41 4.13
N HIS A 1693 2.98 -27.76 2.99
CA HIS A 1693 2.48 -26.38 2.84
C HIS A 1693 1.73 -26.29 1.51
N PHE A 1694 0.40 -26.46 1.57
CA PHE A 1694 -0.39 -26.60 0.36
C PHE A 1694 -0.79 -25.25 -0.23
N CYS A 1695 -0.43 -24.15 0.42
CA CYS A 1695 -0.71 -22.81 -0.06
C CYS A 1695 0.46 -22.22 -0.86
N LEU A 1696 1.62 -22.86 -0.84
CA LEU A 1696 2.86 -22.33 -1.40
C LEU A 1696 3.43 -23.20 -2.50
N GLY A 1697 3.18 -24.52 -2.44
CA GLY A 1697 3.73 -25.44 -3.44
C GLY A 1697 3.20 -25.13 -4.82
N ARG A 1698 1.94 -24.69 -4.86
CA ARG A 1698 1.32 -24.29 -6.12
C ARG A 1698 1.98 -22.98 -6.55
N GLY A 1699 2.24 -22.11 -5.57
CA GLY A 1699 2.89 -20.84 -5.81
C GLY A 1699 4.28 -20.91 -6.40
N LEU A 1700 4.85 -22.10 -6.51
CA LEU A 1700 6.03 -22.27 -7.33
C LEU A 1700 5.74 -23.00 -8.62
N ILE A 1701 4.69 -23.83 -8.65
CA ILE A 1701 4.37 -24.57 -9.87
C ILE A 1701 3.79 -23.67 -10.94
N ASP A 1702 3.01 -22.65 -10.56
CA ASP A 1702 2.55 -21.68 -11.58
C ASP A 1702 3.71 -20.90 -12.19
N MET A 1703 4.70 -20.52 -11.37
CA MET A 1703 5.91 -19.86 -11.84
C MET A 1703 6.67 -20.71 -12.85
N VAL A 1704 6.96 -21.96 -12.45
CA VAL A 1704 7.78 -22.82 -13.31
C VAL A 1704 6.99 -23.23 -14.54
N ARG A 1705 5.66 -23.25 -14.45
CA ARG A 1705 4.87 -23.65 -15.60
C ARG A 1705 4.83 -22.53 -16.63
N ASN A 1706 4.75 -21.27 -16.17
CA ASN A 1706 4.84 -20.15 -17.09
C ASN A 1706 6.21 -20.08 -17.76
N GLN A 1707 7.27 -20.35 -16.98
CA GLN A 1707 8.61 -20.35 -17.54
C GLN A 1707 8.80 -21.46 -18.57
N ALA A 1708 8.27 -22.67 -18.29
CA ALA A 1708 8.36 -23.76 -19.24
C ALA A 1708 7.53 -23.49 -20.49
N MET A 1709 6.39 -22.81 -20.33
CA MET A 1709 5.57 -22.40 -21.47
C MET A 1709 6.34 -21.50 -22.41
N ALA A 1710 6.93 -20.43 -21.88
CA ALA A 1710 7.65 -19.49 -22.72
C ALA A 1710 8.94 -20.10 -23.27
N ASP A 1711 9.55 -21.02 -22.52
CA ASP A 1711 10.73 -21.75 -22.99
C ASP A 1711 10.41 -22.58 -24.21
N ALA A 1712 9.32 -23.36 -24.14
CA ALA A 1712 8.92 -24.17 -25.29
C ALA A 1712 8.50 -23.31 -26.46
N PHE A 1713 7.83 -22.17 -26.19
CA PHE A 1713 7.42 -21.24 -27.25
C PHE A 1713 8.63 -20.71 -28.00
N GLU A 1714 9.65 -20.25 -27.26
CA GLU A 1714 10.86 -19.72 -27.89
C GLU A 1714 11.62 -20.81 -28.62
N ARG A 1715 11.77 -21.99 -28.02
CA ARG A 1715 12.64 -23.01 -28.58
C ARG A 1715 11.99 -23.71 -29.76
N LEU A 1716 10.67 -23.60 -29.91
CA LEU A 1716 10.01 -24.15 -31.10
C LEU A 1716 9.79 -23.10 -32.18
N GLY A 1717 9.60 -21.83 -31.81
CA GLY A 1717 9.49 -20.80 -32.82
C GLY A 1717 10.81 -20.28 -33.34
N ASP A 1718 11.91 -20.61 -32.67
CA ASP A 1718 13.25 -20.25 -33.13
C ASP A 1718 14.03 -21.44 -33.65
N ARG A 1719 13.78 -22.63 -33.13
CA ARG A 1719 14.62 -23.80 -33.39
C ARG A 1719 13.70 -24.98 -33.65
N GLN A 1720 14.25 -26.19 -33.58
CA GLN A 1720 13.50 -27.40 -33.88
C GLN A 1720 12.46 -27.69 -32.78
N PHE A 1721 11.69 -28.75 -33.00
CA PHE A 1721 10.54 -29.05 -32.16
C PHE A 1721 10.95 -29.98 -31.04
N GLN A 1722 10.59 -29.62 -29.82
CA GLN A 1722 10.87 -30.39 -28.61
C GLN A 1722 9.54 -30.83 -28.01
N SER A 1723 9.62 -31.76 -27.06
CA SER A 1723 8.44 -32.26 -26.39
C SER A 1723 7.84 -31.21 -25.48
N PRO A 1724 6.54 -30.94 -25.57
CA PRO A 1724 5.85 -30.20 -24.51
C PRO A 1724 5.79 -31.03 -23.23
N LEU A 1725 5.78 -30.32 -22.11
CA LEU A 1725 5.77 -30.95 -20.78
C LEU A 1725 4.54 -30.53 -19.99
N ARG A 1726 3.35 -30.58 -20.60
CA ARG A 1726 2.17 -30.05 -19.93
C ARG A 1726 1.71 -30.91 -18.75
N TRP A 1727 2.01 -32.21 -18.76
CA TRP A 1727 1.56 -33.06 -17.67
C TRP A 1727 2.71 -33.74 -16.92
N GLU A 1728 3.95 -33.41 -17.25
CA GLU A 1728 5.08 -34.22 -16.80
C GLU A 1728 5.38 -34.00 -15.32
N VAL A 1729 6.26 -34.87 -14.82
CA VAL A 1729 6.32 -35.21 -13.39
C VAL A 1729 6.85 -34.04 -12.56
N VAL A 1730 7.84 -33.31 -13.09
CA VAL A 1730 8.51 -32.26 -12.32
C VAL A 1730 7.64 -31.05 -12.02
N GLY A 1731 6.50 -30.90 -12.68
CA GLY A 1731 5.58 -29.84 -12.30
C GLY A 1731 4.20 -30.26 -11.85
N LYS A 1732 3.67 -31.34 -12.41
CA LYS A 1732 2.24 -31.64 -12.32
C LYS A 1732 1.92 -32.88 -11.50
N ASN A 1733 2.57 -34.01 -11.78
CA ASN A 1733 2.25 -35.24 -11.06
C ASN A 1733 2.75 -35.20 -9.61
N LEU A 1734 3.94 -34.61 -9.39
CA LEU A 1734 4.42 -34.45 -8.01
C LEU A 1734 3.55 -33.47 -7.23
N LEU A 1735 3.07 -32.41 -7.89
CA LEU A 1735 2.17 -31.47 -7.24
C LEU A 1735 0.83 -32.12 -6.92
N ALA A 1736 0.32 -32.97 -7.83
CA ALA A 1736 -0.90 -33.70 -7.55
C ALA A 1736 -0.73 -34.66 -6.38
N MET A 1737 0.43 -35.33 -6.30
CA MET A 1737 0.70 -36.21 -5.17
C MET A 1737 0.86 -35.43 -3.86
N VAL A 1738 1.36 -34.20 -3.94
CA VAL A 1738 1.44 -33.35 -2.75
C VAL A 1738 0.05 -32.91 -2.29
N ILE A 1739 -0.76 -32.39 -3.23
CA ILE A 1739 -1.99 -31.69 -2.87
C ILE A 1739 -3.15 -32.65 -2.66
N GLN A 1740 -3.07 -33.89 -3.15
CA GLN A 1740 -4.20 -34.81 -3.10
C GLN A 1740 -4.36 -35.48 -1.68
N GLY A 1741 -3.78 -34.89 -0.64
CA GLY A 1741 -4.07 -35.33 0.71
C GLY A 1741 -4.60 -34.31 1.73
N PRO A 1742 -5.56 -33.44 1.41
CA PRO A 1742 -6.09 -32.55 2.45
C PRO A 1742 -7.12 -33.20 3.36
N LEU A 1743 -7.49 -34.46 3.08
CA LEU A 1743 -8.40 -35.18 3.96
C LEU A 1743 -7.74 -35.47 5.30
N PHE A 1744 -6.42 -35.56 5.34
CA PHE A 1744 -5.70 -35.67 6.61
C PHE A 1744 -5.90 -34.42 7.47
N LEU A 1745 -5.83 -33.26 6.85
CA LEU A 1745 -6.10 -32.02 7.58
C LEU A 1745 -7.57 -31.90 7.94
N LEU A 1746 -8.45 -32.45 7.10
CA LEU A 1746 -9.87 -32.54 7.45
C LEU A 1746 -10.08 -33.42 8.66
N PHE A 1747 -9.32 -34.51 8.77
CA PHE A 1747 -9.44 -35.39 9.93
C PHE A 1747 -8.83 -34.76 11.17
N THR A 1748 -7.78 -33.95 11.03
CA THR A 1748 -7.27 -33.16 12.15
C THR A 1748 -8.32 -32.15 12.64
N LEU A 1749 -8.98 -31.49 11.68
CA LEU A 1749 -10.02 -30.52 11.98
C LEU A 1749 -11.22 -31.17 12.65
N LEU A 1750 -11.59 -32.37 12.20
CA LEU A 1750 -12.69 -33.11 12.82
C LEU A 1750 -12.27 -33.76 14.13
N LEU A 1751 -10.98 -34.01 14.32
CA LEU A 1751 -10.44 -34.50 15.58
C LEU A 1751 -10.38 -33.40 16.63
N GLN A 1752 -10.39 -32.14 16.19
CA GLN A 1752 -10.67 -31.05 17.12
C GLN A 1752 -12.06 -31.21 17.72
N HIS A 1753 -13.05 -31.59 16.90
CA HIS A 1753 -14.40 -31.83 17.38
C HIS A 1753 -14.54 -33.17 18.09
N ARG A 1754 -13.69 -34.14 17.78
CA ARG A 1754 -13.70 -35.41 18.51
C ARG A 1754 -13.15 -35.23 19.91
N SER A 1755 -12.26 -34.26 20.10
CA SER A 1755 -11.88 -33.78 21.42
C SER A 1755 -12.77 -32.64 21.90
N GLN A 1756 -13.67 -32.17 21.03
CA GLN A 1756 -14.67 -31.11 21.22
C GLN A 1756 -14.09 -29.72 21.45
N LEU A 1757 -12.77 -29.56 21.42
CA LEU A 1757 -12.15 -28.30 21.80
C LEU A 1757 -10.85 -28.13 21.02
N LEU A 1758 -10.01 -27.23 21.49
CA LEU A 1758 -8.69 -27.00 20.89
C LEU A 1758 -7.74 -28.20 20.92
N PRO A 1759 -7.57 -28.97 22.03
CA PRO A 1759 -6.43 -29.89 21.90
C PRO A 1759 -6.81 -31.23 21.28
N VAL A 1792 -29.87 -35.96 40.74
CA VAL A 1792 -28.81 -36.10 39.75
C VAL A 1792 -27.65 -35.18 40.12
N LEU A 1793 -27.92 -34.18 40.96
CA LEU A 1793 -26.93 -33.20 41.36
C LEU A 1793 -26.59 -33.41 42.84
N VAL A 1794 -25.37 -33.87 43.09
CA VAL A 1794 -24.84 -34.04 44.44
C VAL A 1794 -23.56 -33.25 44.53
N LEU A 1795 -23.55 -32.22 45.38
CA LEU A 1795 -22.38 -31.37 45.59
C LEU A 1795 -21.84 -31.63 47.00
N ARG A 1796 -20.53 -31.86 47.08
CA ARG A 1796 -19.88 -32.24 48.34
C ARG A 1796 -18.66 -31.35 48.58
N ASN A 1797 -18.88 -30.24 49.30
CA ASN A 1797 -17.83 -29.28 49.70
C ASN A 1797 -17.04 -28.76 48.50
N LEU A 1798 -17.76 -28.41 47.44
CA LEU A 1798 -17.15 -28.06 46.16
C LEU A 1798 -16.56 -26.65 46.18
N ARG A 1812 -20.54 -25.60 52.31
CA ARG A 1812 -21.44 -26.65 52.79
C ARG A 1812 -22.75 -26.64 52.02
N LEU A 1813 -22.70 -27.03 50.75
CA LEU A 1813 -23.90 -27.14 49.91
C LEU A 1813 -24.45 -28.55 50.05
N CYS A 1814 -25.50 -28.70 50.84
CA CYS A 1814 -26.18 -29.99 51.00
C CYS A 1814 -27.44 -29.94 50.15
N LEU A 1815 -27.28 -30.24 48.86
CA LEU A 1815 -28.33 -30.09 47.88
C LEU A 1815 -28.66 -31.45 47.26
N GLY A 1816 -29.92 -31.84 47.37
CA GLY A 1816 -30.40 -33.03 46.68
C GLY A 1816 -31.42 -32.69 45.63
N ILE A 1817 -31.04 -32.79 44.36
CA ILE A 1817 -31.96 -32.53 43.25
C ILE A 1817 -32.24 -33.86 42.56
N PRO A 1818 -33.45 -34.41 42.68
CA PRO A 1818 -33.79 -35.61 41.92
C PRO A 1818 -34.22 -35.23 40.50
N PRO A 1819 -33.85 -36.03 39.50
CA PRO A 1819 -34.37 -35.77 38.15
C PRO A 1819 -35.85 -36.08 38.06
N GLY A 1820 -36.51 -35.43 37.10
CA GLY A 1820 -37.92 -35.61 36.89
C GLY A 1820 -38.82 -34.68 37.68
N GLU A 1821 -38.26 -33.85 38.56
CA GLU A 1821 -39.01 -32.85 39.28
C GLU A 1821 -38.39 -31.48 39.01
N CYS A 1822 -39.25 -30.49 38.78
CA CYS A 1822 -38.80 -29.14 38.50
C CYS A 1822 -38.09 -28.54 39.71
N PHE A 1823 -37.03 -27.77 39.45
CA PHE A 1823 -36.25 -27.13 40.50
C PHE A 1823 -36.04 -25.66 40.13
N GLY A 1824 -35.94 -24.83 41.16
CA GLY A 1824 -35.78 -23.41 40.98
C GLY A 1824 -34.36 -22.92 41.24
N LEU A 1825 -34.08 -21.70 40.77
CA LEU A 1825 -32.77 -21.10 40.95
C LEU A 1825 -32.90 -19.59 41.00
N LEU A 1826 -32.57 -19.01 42.15
CA LEU A 1826 -32.44 -17.57 42.30
C LEU A 1826 -31.15 -17.23 43.05
N GLY A 1827 -31.00 -15.98 43.46
CA GLY A 1827 -29.82 -15.53 44.14
C GLY A 1827 -28.90 -14.72 43.25
N VAL A 1828 -27.60 -14.76 43.53
CA VAL A 1828 -26.62 -14.03 42.75
C VAL A 1828 -25.89 -15.01 41.83
N ASN A 1829 -25.18 -14.47 40.85
CA ASN A 1829 -24.31 -15.23 39.98
C ASN A 1829 -23.03 -14.43 39.75
N GLY A 1830 -22.05 -15.08 39.12
CA GLY A 1830 -20.81 -14.42 38.78
C GLY A 1830 -19.74 -14.46 39.84
N ALA A 1831 -20.05 -14.91 41.05
CA ALA A 1831 -19.08 -15.08 42.12
C ALA A 1831 -18.52 -16.50 42.16
N GLY A 1832 -18.89 -17.35 41.21
CA GLY A 1832 -18.55 -18.75 41.25
C GLY A 1832 -19.80 -19.60 41.40
N LYS A 1833 -20.92 -19.11 40.86
CA LYS A 1833 -22.21 -19.77 40.96
C LYS A 1833 -22.62 -20.40 39.64
N THR A 1834 -22.70 -19.60 38.56
CA THR A 1834 -22.94 -20.15 37.23
C THR A 1834 -21.77 -20.99 36.76
N SER A 1835 -20.54 -20.64 37.16
CA SER A 1835 -19.37 -21.47 36.88
C SER A 1835 -19.46 -22.82 37.58
N THR A 1836 -19.99 -22.85 38.81
CA THR A 1836 -20.19 -24.11 39.50
C THR A 1836 -21.18 -25.01 38.76
N PHE A 1837 -22.28 -24.44 38.26
CA PHE A 1837 -23.18 -25.20 37.40
C PHE A 1837 -22.57 -25.53 36.04
N ARG A 1838 -21.55 -24.78 35.59
CA ARG A 1838 -20.87 -25.10 34.35
C ARG A 1838 -19.97 -26.31 34.50
N MET A 1839 -19.23 -26.37 35.60
CA MET A 1839 -18.42 -27.56 35.88
C MET A 1839 -19.25 -28.74 36.36
N VAL A 1840 -20.49 -28.50 36.82
CA VAL A 1840 -21.46 -29.58 36.91
C VAL A 1840 -21.83 -30.08 35.52
N THR A 1841 -22.13 -29.16 34.61
CA THR A 1841 -22.68 -29.49 33.30
C THR A 1841 -21.63 -29.60 32.21
N GLY A 1842 -20.34 -29.43 32.54
CA GLY A 1842 -19.28 -29.77 31.63
C GLY A 1842 -18.70 -28.65 30.79
N ASP A 1843 -19.06 -27.39 31.06
CA ASP A 1843 -18.45 -26.29 30.32
C ASP A 1843 -17.04 -25.98 30.82
N THR A 1844 -16.82 -26.08 32.12
CA THR A 1844 -15.56 -25.67 32.73
C THR A 1844 -14.89 -26.86 33.43
N LEU A 1845 -13.60 -26.69 33.70
CA LEU A 1845 -12.79 -27.69 34.37
C LEU A 1845 -12.51 -27.26 35.82
N ALA A 1846 -12.59 -28.22 36.73
CA ALA A 1846 -12.15 -28.04 38.10
C ALA A 1846 -10.80 -28.71 38.31
N SER A 1847 -10.02 -28.16 39.25
CA SER A 1847 -8.66 -28.65 39.46
C SER A 1847 -8.62 -29.86 40.39
N ARG A 1848 -9.11 -29.70 41.62
CA ARG A 1848 -8.97 -30.72 42.65
C ARG A 1848 -10.35 -31.20 43.10
N GLY A 1849 -10.36 -32.20 43.98
CA GLY A 1849 -11.61 -32.75 44.47
C GLY A 1849 -12.21 -33.79 43.54
N GLU A 1850 -13.54 -33.89 43.55
CA GLU A 1850 -14.28 -34.81 42.72
C GLU A 1850 -15.47 -34.10 42.09
N ALA A 1851 -15.93 -34.64 40.95
CA ALA A 1851 -17.06 -34.07 40.23
C ALA A 1851 -17.94 -35.18 39.71
N VAL A 1852 -19.26 -34.95 39.76
CA VAL A 1852 -20.25 -35.89 39.26
C VAL A 1852 -20.98 -35.24 38.09
N LEU A 1853 -21.01 -35.93 36.95
CA LEU A 1853 -21.73 -35.48 35.77
C LEU A 1853 -22.71 -36.61 35.43
N ALA A 1854 -23.88 -36.56 36.07
CA ALA A 1854 -24.96 -37.54 35.94
C ALA A 1854 -24.49 -38.96 36.26
N GLY A 1855 -23.53 -39.10 37.18
CA GLY A 1855 -22.95 -40.39 37.47
C GLY A 1855 -22.01 -40.91 36.41
N HIS A 1856 -21.47 -40.04 35.55
CA HIS A 1856 -20.58 -40.44 34.48
C HIS A 1856 -19.33 -39.55 34.48
N SER A 1857 -18.17 -40.16 34.34
CA SER A 1857 -16.91 -39.44 34.31
C SER A 1857 -16.51 -39.11 32.86
N VAL A 1858 -15.63 -38.12 32.72
CA VAL A 1858 -15.32 -37.58 31.40
C VAL A 1858 -14.30 -38.47 30.69
N ALA A 1859 -13.12 -38.64 31.29
CA ALA A 1859 -12.03 -39.33 30.62
C ALA A 1859 -12.12 -40.84 30.72
N ARG A 1860 -13.07 -41.37 31.49
CA ARG A 1860 -13.22 -42.80 31.69
C ARG A 1860 -14.22 -43.41 30.72
N GLU A 1861 -15.42 -42.85 30.65
CA GLU A 1861 -16.49 -43.33 29.76
C GLU A 1861 -16.88 -42.19 28.83
N PRO A 1862 -16.26 -42.09 27.65
CA PRO A 1862 -16.66 -41.04 26.71
C PRO A 1862 -18.05 -41.23 26.15
N SER A 1863 -18.51 -42.47 25.97
CA SER A 1863 -19.83 -42.73 25.40
C SER A 1863 -20.94 -42.29 26.33
N ALA A 1864 -20.82 -42.60 27.62
CA ALA A 1864 -21.83 -42.16 28.59
C ALA A 1864 -21.78 -40.66 28.82
N ALA A 1865 -20.61 -40.05 28.67
CA ALA A 1865 -20.50 -38.60 28.82
C ALA A 1865 -21.11 -37.87 27.63
N HIS A 1866 -20.94 -38.41 26.42
CA HIS A 1866 -21.51 -37.78 25.24
C HIS A 1866 -23.02 -38.00 25.18
N LEU A 1867 -23.47 -39.22 25.46
CA LEU A 1867 -24.86 -39.61 25.20
C LEU A 1867 -25.85 -39.06 26.23
N SER A 1868 -25.44 -38.95 27.49
CA SER A 1868 -26.37 -38.73 28.59
C SER A 1868 -26.44 -37.29 29.08
N MET A 1869 -25.75 -36.35 28.45
CA MET A 1869 -25.74 -34.97 28.92
C MET A 1869 -26.07 -34.02 27.79
N GLY A 1870 -27.00 -33.10 28.05
CA GLY A 1870 -27.30 -32.00 27.15
C GLY A 1870 -27.59 -30.74 27.94
N TYR A 1871 -26.82 -29.68 27.67
CA TYR A 1871 -26.83 -28.48 28.50
C TYR A 1871 -26.81 -27.25 27.60
N CYS A 1872 -27.93 -26.55 27.52
CA CYS A 1872 -27.99 -25.33 26.73
C CYS A 1872 -27.24 -24.21 27.46
N PRO A 1873 -26.46 -23.39 26.76
CA PRO A 1873 -25.73 -22.31 27.43
C PRO A 1873 -26.63 -21.12 27.73
N GLN A 1874 -26.06 -20.18 28.49
CA GLN A 1874 -26.73 -18.94 28.88
C GLN A 1874 -26.27 -17.74 28.06
N SER A 1875 -25.67 -17.98 26.89
CA SER A 1875 -25.02 -16.93 26.11
C SER A 1875 -25.88 -16.41 24.97
N ASP A 1876 -27.20 -16.32 25.17
CA ASP A 1876 -28.20 -15.95 24.15
C ASP A 1876 -28.08 -16.86 22.93
N ALA A 1877 -28.39 -18.14 23.17
CA ALA A 1877 -28.14 -19.20 22.20
C ALA A 1877 -29.11 -19.05 21.04
N ILE A 1878 -28.62 -18.41 19.97
CA ILE A 1878 -29.40 -18.16 18.75
C ILE A 1878 -28.39 -17.87 17.64
N PHE A 1879 -28.73 -18.28 16.42
CA PHE A 1879 -28.11 -17.71 15.24
C PHE A 1879 -29.04 -16.59 14.77
N GLU A 1880 -28.49 -15.37 14.71
CA GLU A 1880 -29.33 -14.17 14.67
C GLU A 1880 -30.02 -14.01 13.33
N LEU A 1881 -29.33 -14.33 12.24
N LEU A 1881 -29.33 -14.33 12.24
CA LEU A 1881 -29.89 -14.22 10.90
CA LEU A 1881 -29.89 -14.22 10.90
C LEU A 1881 -30.57 -15.54 10.56
C LEU A 1881 -30.57 -15.54 10.56
N LEU A 1882 -31.90 -15.55 10.67
CA LEU A 1882 -32.73 -16.68 10.33
C LEU A 1882 -33.89 -16.19 9.48
N THR A 1883 -34.88 -17.04 9.22
CA THR A 1883 -36.16 -16.59 8.70
C THR A 1883 -37.33 -17.12 9.52
N GLY A 1884 -37.07 -17.80 10.62
CA GLY A 1884 -38.11 -18.07 11.60
C GLY A 1884 -38.33 -19.51 11.98
N ARG A 1885 -39.56 -19.98 11.80
CA ARG A 1885 -39.97 -21.30 12.24
C ARG A 1885 -39.35 -22.40 11.39
N GLU A 1886 -39.05 -22.11 10.12
CA GLU A 1886 -38.65 -23.17 9.20
C GLU A 1886 -37.23 -23.68 9.45
N HIS A 1887 -36.34 -22.83 9.97
CA HIS A 1887 -35.06 -23.33 10.49
C HIS A 1887 -35.28 -24.32 11.62
N LEU A 1888 -36.23 -24.02 12.51
CA LEU A 1888 -36.51 -24.87 13.66
C LEU A 1888 -37.12 -26.20 13.19
N GLU A 1889 -37.98 -26.11 12.18
CA GLU A 1889 -38.58 -27.29 11.59
C GLU A 1889 -37.53 -28.16 10.92
N LEU A 1890 -36.60 -27.55 10.20
CA LEU A 1890 -35.65 -28.36 9.46
C LEU A 1890 -34.56 -28.91 10.36
N LEU A 1891 -34.27 -28.26 11.50
CA LEU A 1891 -33.37 -28.88 12.46
C LEU A 1891 -34.07 -30.01 13.21
N ALA A 1892 -35.39 -29.90 13.40
CA ALA A 1892 -36.14 -31.05 13.93
C ALA A 1892 -36.14 -32.21 12.94
N ARG A 1893 -36.31 -31.90 11.66
CA ARG A 1893 -36.29 -32.89 10.58
C ARG A 1893 -34.89 -33.13 10.03
N LEU A 1894 -33.86 -32.79 10.81
CA LEU A 1894 -32.57 -33.43 10.64
C LEU A 1894 -32.60 -34.88 11.10
N ARG A 1895 -33.60 -35.28 11.87
CA ARG A 1895 -33.69 -36.63 12.42
C ARG A 1895 -35.04 -37.24 12.06
N GLY A 1896 -35.01 -38.35 11.33
CA GLY A 1896 -36.14 -39.24 11.14
C GLY A 1896 -37.35 -38.69 10.40
N VAL A 1897 -37.19 -38.34 9.13
CA VAL A 1897 -38.29 -37.85 8.30
C VAL A 1897 -38.24 -38.53 6.94
N PRO A 1898 -39.39 -39.05 6.42
CA PRO A 1898 -39.44 -39.52 5.03
C PRO A 1898 -39.90 -38.43 4.05
N GLU A 1899 -39.32 -37.23 4.18
CA GLU A 1899 -39.67 -36.02 3.44
C GLU A 1899 -41.16 -35.65 3.54
N ALA A 1900 -41.84 -36.10 4.59
CA ALA A 1900 -43.27 -35.86 4.74
C ALA A 1900 -43.67 -35.36 6.12
N GLN A 1901 -42.86 -35.59 7.14
CA GLN A 1901 -43.12 -35.01 8.45
C GLN A 1901 -42.69 -33.56 8.55
N VAL A 1902 -41.97 -33.05 7.54
CA VAL A 1902 -41.67 -31.62 7.45
C VAL A 1902 -42.95 -30.81 7.36
N ALA A 1903 -43.89 -31.27 6.54
CA ALA A 1903 -45.18 -30.60 6.42
C ALA A 1903 -46.02 -30.76 7.68
N GLN A 1904 -46.04 -31.96 8.26
CA GLN A 1904 -46.89 -32.25 9.41
C GLN A 1904 -46.43 -31.42 10.61
N THR A 1905 -45.13 -31.47 10.89
CA THR A 1905 -44.61 -30.79 12.07
C THR A 1905 -44.54 -29.28 11.84
N ALA A 1906 -44.37 -28.83 10.60
CA ALA A 1906 -44.44 -27.41 10.32
C ALA A 1906 -45.86 -26.87 10.47
N GLY A 1907 -46.86 -27.67 10.11
CA GLY A 1907 -48.23 -27.30 10.39
C GLY A 1907 -48.53 -27.29 11.88
N SER A 1908 -47.94 -28.22 12.62
CA SER A 1908 -48.09 -28.23 14.08
C SER A 1908 -47.46 -26.99 14.71
N GLY A 1909 -46.28 -26.60 14.23
CA GLY A 1909 -45.62 -25.42 14.77
C GLY A 1909 -46.24 -24.11 14.31
N LEU A 1910 -46.94 -24.12 13.18
CA LEU A 1910 -47.68 -22.94 12.77
C LEU A 1910 -48.98 -22.81 13.56
N ALA A 1911 -49.64 -23.94 13.83
CA ALA A 1911 -50.92 -23.91 14.53
C ALA A 1911 -50.76 -23.64 16.02
N ARG A 1912 -49.79 -24.27 16.67
CA ARG A 1912 -49.66 -24.12 18.12
C ARG A 1912 -48.93 -22.84 18.52
N LEU A 1913 -48.26 -22.17 17.58
CA LEU A 1913 -47.62 -20.89 17.83
C LEU A 1913 -48.40 -19.82 17.08
N GLY A 1914 -49.10 -18.97 17.83
CA GLY A 1914 -49.87 -17.89 17.26
C GLY A 1914 -49.07 -16.64 17.03
N LEU A 1915 -47.76 -16.69 17.28
CA LEU A 1915 -46.85 -15.58 17.06
C LEU A 1915 -46.24 -15.61 15.66
N SER A 1916 -46.82 -16.38 14.75
CA SER A 1916 -46.38 -16.46 13.36
C SER A 1916 -47.31 -15.74 12.40
N TRP A 1917 -48.29 -14.99 12.91
CA TRP A 1917 -49.20 -14.22 12.05
C TRP A 1917 -48.52 -13.04 11.37
N TYR A 1918 -47.35 -12.63 11.87
CA TYR A 1918 -46.61 -11.48 11.39
C TYR A 1918 -45.87 -11.87 10.11
N ALA A 1919 -44.94 -11.02 9.64
CA ALA A 1919 -44.23 -11.19 8.39
C ALA A 1919 -43.46 -12.51 8.33
N ASP A 1920 -43.25 -12.99 7.10
CA ASP A 1920 -42.63 -14.30 6.88
C ASP A 1920 -41.20 -14.33 7.41
N ARG A 1921 -40.49 -13.21 7.32
CA ARG A 1921 -39.32 -12.98 8.16
C ARG A 1921 -39.70 -11.91 9.19
N PRO A 1922 -39.78 -12.25 10.48
CA PRO A 1922 -40.04 -11.23 11.50
C PRO A 1922 -38.81 -10.37 11.77
N ALA A 1923 -39.02 -9.35 12.62
CA ALA A 1923 -38.04 -8.28 12.74
C ALA A 1923 -36.81 -8.70 13.54
N GLY A 1924 -36.99 -9.42 14.64
CA GLY A 1924 -35.88 -9.80 15.49
C GLY A 1924 -36.11 -9.52 16.96
N THR A 1925 -36.76 -8.39 17.26
CA THR A 1925 -37.30 -8.17 18.60
C THR A 1925 -38.57 -8.98 18.80
N TYR A 1926 -39.38 -9.08 17.74
CA TYR A 1926 -40.61 -9.87 17.78
C TYR A 1926 -40.29 -11.36 17.89
N SER A 1927 -39.27 -11.82 17.19
CA SER A 1927 -38.82 -13.20 17.24
C SER A 1927 -37.69 -13.31 18.28
N GLY A 1928 -37.06 -14.46 18.36
CA GLY A 1928 -35.90 -14.61 19.22
C GLY A 1928 -35.97 -15.72 20.25
N GLY A 1929 -35.82 -15.36 21.53
CA GLY A 1929 -35.67 -16.38 22.56
C GLY A 1929 -36.94 -17.11 22.90
N ASN A 1930 -38.09 -16.44 22.78
CA ASN A 1930 -39.37 -17.07 23.05
C ASN A 1930 -39.69 -18.18 22.04
N LYS A 1931 -39.51 -17.90 20.75
CA LYS A 1931 -39.64 -18.92 19.73
C LYS A 1931 -38.55 -19.97 19.84
N ARG A 1932 -37.38 -19.60 20.37
CA ARG A 1932 -36.31 -20.57 20.58
C ARG A 1932 -36.69 -21.57 21.67
N LYS A 1933 -37.30 -21.10 22.76
CA LYS A 1933 -37.72 -22.03 23.81
C LYS A 1933 -38.90 -22.87 23.36
N LEU A 1934 -39.80 -22.30 22.55
CA LEU A 1934 -40.86 -23.12 21.95
C LEU A 1934 -40.28 -24.14 20.96
N ALA A 1935 -39.17 -23.79 20.31
CA ALA A 1935 -38.48 -24.74 19.43
C ALA A 1935 -37.85 -25.88 20.22
N THR A 1936 -37.28 -25.57 21.39
CA THR A 1936 -36.77 -26.64 22.26
C THR A 1936 -37.89 -27.55 22.74
N ALA A 1937 -39.05 -26.95 23.07
CA ALA A 1937 -40.21 -27.75 23.46
C ALA A 1937 -40.70 -28.62 22.31
N LEU A 1938 -40.60 -28.11 21.08
CA LEU A 1938 -40.92 -28.93 19.91
C LEU A 1938 -39.88 -30.02 19.67
N ALA A 1939 -38.62 -29.74 20.04
CA ALA A 1939 -37.56 -30.73 19.84
C ALA A 1939 -37.65 -31.88 20.85
N LEU A 1940 -38.22 -31.62 22.03
CA LEU A 1940 -38.46 -32.73 22.97
C LEU A 1940 -39.62 -33.67 22.62
N VAL A 1941 -40.10 -33.66 21.37
CA VAL A 1941 -41.02 -34.71 20.94
C VAL A 1941 -40.31 -36.07 20.91
N GLY A 1942 -39.00 -36.07 20.72
CA GLY A 1942 -38.21 -37.30 20.75
C GLY A 1942 -37.20 -37.37 21.88
N ASP A 1943 -37.34 -36.54 22.91
CA ASP A 1943 -36.36 -36.48 24.01
C ASP A 1943 -36.98 -36.86 25.34
N PRO A 1944 -36.85 -38.13 25.77
CA PRO A 1944 -37.17 -38.51 27.15
C PRO A 1944 -35.97 -38.47 28.08
N ALA A 1945 -35.28 -37.34 28.13
CA ALA A 1945 -34.05 -37.19 28.89
C ALA A 1945 -34.13 -35.97 29.79
N VAL A 1946 -33.14 -35.85 30.68
CA VAL A 1946 -33.05 -34.68 31.56
C VAL A 1946 -32.69 -33.45 30.75
N VAL A 1947 -33.43 -32.37 30.95
CA VAL A 1947 -33.32 -31.18 30.12
C VAL A 1947 -32.92 -29.96 30.92
N PHE A 1948 -32.07 -30.17 31.95
CA PHE A 1948 -31.50 -29.07 32.73
C PHE A 1948 -30.73 -28.11 31.83
N LEU A 1949 -31.28 -26.91 31.64
CA LEU A 1949 -30.78 -25.96 30.66
C LEU A 1949 -30.72 -24.59 31.31
N ASP A 1950 -29.92 -23.71 30.72
CA ASP A 1950 -29.66 -22.43 31.35
C ASP A 1950 -30.86 -21.48 31.30
N GLU A 1951 -31.75 -21.61 30.28
CA GLU A 1951 -32.95 -20.79 30.09
C GLU A 1951 -32.59 -19.31 30.08
N PRO A 1952 -32.06 -18.79 28.96
CA PRO A 1952 -31.49 -17.42 28.95
C PRO A 1952 -32.46 -16.30 29.31
N THR A 1953 -33.76 -16.46 29.07
CA THR A 1953 -34.84 -15.55 29.48
C THR A 1953 -34.61 -14.13 28.95
N THR A 1954 -34.74 -14.01 27.63
CA THR A 1954 -34.73 -12.70 26.98
C THR A 1954 -35.88 -11.84 27.51
N GLY A 1955 -35.56 -10.60 27.89
CA GLY A 1955 -36.50 -9.76 28.60
C GLY A 1955 -37.57 -9.12 27.75
N MET A 1956 -38.50 -9.94 27.25
CA MET A 1956 -39.59 -9.45 26.41
C MET A 1956 -40.82 -9.11 27.25
N ASP A 1957 -41.80 -8.49 26.59
CA ASP A 1957 -43.04 -8.09 27.24
C ASP A 1957 -43.84 -9.34 27.64
N PRO A 1958 -44.62 -9.27 28.74
CA PRO A 1958 -45.25 -10.49 29.28
C PRO A 1958 -46.39 -11.06 28.45
N SER A 1959 -46.78 -10.41 27.34
CA SER A 1959 -47.91 -10.86 26.53
C SER A 1959 -47.65 -12.22 25.90
N ALA A 1960 -46.47 -12.42 25.35
CA ALA A 1960 -46.07 -13.75 24.92
C ALA A 1960 -45.65 -14.64 26.09
N ARG A 1961 -45.28 -14.04 27.22
CA ARG A 1961 -44.81 -14.83 28.35
C ARG A 1961 -45.95 -15.54 29.07
N ARG A 1962 -47.19 -15.07 28.90
CA ARG A 1962 -48.36 -15.86 29.30
C ARG A 1962 -48.37 -17.21 28.61
N PHE A 1963 -48.26 -17.20 27.28
CA PHE A 1963 -48.24 -18.43 26.49
C PHE A 1963 -47.00 -19.27 26.80
N LEU A 1964 -45.86 -18.62 27.01
CA LEU A 1964 -44.63 -19.36 27.32
C LEU A 1964 -44.74 -20.07 28.67
N TRP A 1965 -45.10 -19.35 29.73
CA TRP A 1965 -45.12 -19.99 31.04
C TRP A 1965 -46.40 -20.77 31.29
N ASN A 1966 -47.34 -20.76 30.35
CA ASN A 1966 -48.41 -21.75 30.36
C ASN A 1966 -47.99 -23.02 29.61
N SER A 1967 -47.45 -22.86 28.39
CA SER A 1967 -47.23 -24.00 27.52
C SER A 1967 -46.00 -24.81 27.93
N LEU A 1968 -45.02 -24.18 28.57
CA LEU A 1968 -43.89 -24.95 29.11
C LEU A 1968 -44.34 -25.88 30.25
N LEU A 1969 -45.37 -25.49 31.00
CA LEU A 1969 -45.97 -26.43 31.92
C LEU A 1969 -46.88 -27.42 31.20
N ALA A 1970 -47.63 -26.96 30.19
CA ALA A 1970 -48.66 -27.77 29.57
C ALA A 1970 -48.10 -28.86 28.65
N VAL A 1971 -46.85 -28.72 28.20
CA VAL A 1971 -46.25 -29.73 27.33
C VAL A 1971 -45.44 -30.73 28.13
N VAL A 1972 -44.76 -30.28 29.18
CA VAL A 1972 -43.74 -31.07 29.87
C VAL A 1972 -44.40 -31.57 31.16
N ARG A 1973 -45.72 -31.77 31.13
CA ARG A 1973 -46.48 -32.16 32.31
C ARG A 1973 -46.53 -33.67 32.49
N GLU A 1974 -45.68 -34.43 31.81
CA GLU A 1974 -45.70 -35.88 31.88
C GLU A 1974 -45.04 -36.42 33.14
N GLY A 1975 -44.31 -35.58 33.88
CA GLY A 1975 -43.56 -36.01 35.03
C GLY A 1975 -42.07 -35.94 34.87
N ARG A 1976 -41.58 -35.24 33.84
CA ARG A 1976 -40.18 -35.01 33.58
C ARG A 1976 -39.77 -33.61 34.02
N SER A 1977 -38.45 -33.37 33.97
CA SER A 1977 -37.88 -32.18 34.58
C SER A 1977 -38.20 -30.92 33.79
N VAL A 1978 -38.44 -29.83 34.54
CA VAL A 1978 -38.62 -28.49 33.99
C VAL A 1978 -37.59 -27.59 34.66
N MET A 1979 -36.86 -26.81 33.86
CA MET A 1979 -35.74 -26.02 34.35
C MET A 1979 -35.87 -24.60 33.80
N LEU A 1980 -35.79 -23.60 34.68
CA LEU A 1980 -35.77 -22.21 34.23
C LEU A 1980 -34.98 -21.37 35.23
N THR A 1981 -34.38 -20.30 34.72
CA THR A 1981 -33.56 -19.39 35.51
C THR A 1981 -34.31 -18.09 35.74
N SER A 1982 -34.53 -17.74 37.00
CA SER A 1982 -35.21 -16.52 37.37
C SER A 1982 -34.21 -15.46 37.80
N HIS A 1983 -34.40 -14.23 37.33
CA HIS A 1983 -33.66 -13.08 37.80
C HIS A 1983 -34.53 -11.91 38.23
N SER A 1984 -35.77 -11.82 37.75
CA SER A 1984 -36.78 -10.91 38.25
C SER A 1984 -37.83 -11.73 39.02
N MET A 1985 -38.90 -11.06 39.43
CA MET A 1985 -39.76 -11.64 40.45
C MET A 1985 -40.95 -12.41 39.86
N GLU A 1986 -41.51 -11.93 38.75
CA GLU A 1986 -42.73 -12.52 38.19
C GLU A 1986 -42.47 -13.91 37.59
N GLU A 1987 -41.27 -14.14 37.05
CA GLU A 1987 -40.94 -15.46 36.55
C GLU A 1987 -40.64 -16.43 37.69
N CYS A 1988 -40.28 -15.92 38.87
CA CYS A 1988 -40.22 -16.78 40.05
C CYS A 1988 -41.62 -17.17 40.50
N GLU A 1989 -42.57 -16.22 40.45
CA GLU A 1989 -43.94 -16.52 40.83
C GLU A 1989 -44.66 -17.38 39.80
N ALA A 1990 -44.13 -17.47 38.56
CA ALA A 1990 -44.83 -18.21 37.52
C ALA A 1990 -44.68 -19.73 37.71
N LEU A 1991 -43.43 -20.22 37.75
CA LEU A 1991 -43.18 -21.66 37.83
C LEU A 1991 -41.90 -21.89 38.64
N CYS A 1992 -42.06 -22.21 39.93
CA CYS A 1992 -40.93 -22.57 40.76
C CYS A 1992 -41.31 -23.64 41.78
N SER A 1993 -40.28 -24.16 42.42
CA SER A 1993 -40.32 -25.20 43.44
C SER A 1993 -39.15 -24.93 44.38
N ARG A 1994 -38.70 -25.97 45.09
CA ARG A 1994 -37.54 -25.87 45.99
C ARG A 1994 -36.33 -25.29 45.26
N LEU A 1995 -35.76 -24.24 45.81
CA LEU A 1995 -34.81 -23.38 45.12
C LEU A 1995 -33.51 -23.31 45.89
N ALA A 1996 -32.40 -23.30 45.17
CA ALA A 1996 -31.07 -23.30 45.77
C ALA A 1996 -30.41 -21.94 45.58
N ILE A 1997 -29.80 -21.44 46.65
CA ILE A 1997 -29.02 -20.20 46.63
C ILE A 1997 -27.69 -20.50 47.29
N MET A 1998 -26.60 -20.24 46.57
CA MET A 1998 -25.26 -20.45 47.12
C MET A 1998 -24.82 -19.21 47.87
N VAL A 1999 -24.42 -19.39 49.12
CA VAL A 1999 -23.84 -18.31 49.94
C VAL A 1999 -22.42 -18.75 50.29
N ASN A 2000 -21.47 -18.39 49.42
CA ASN A 2000 -20.07 -18.84 49.47
C ASN A 2000 -19.97 -20.37 49.57
N GLY A 2001 -20.83 -21.06 48.82
CA GLY A 2001 -20.89 -22.50 48.89
C GLY A 2001 -21.48 -23.05 50.16
N ARG A 2002 -22.28 -22.26 50.88
CA ARG A 2002 -22.92 -22.70 52.12
C ARG A 2002 -24.42 -22.46 52.03
N PHE A 2003 -25.20 -23.41 52.53
CA PHE A 2003 -26.64 -23.24 52.64
C PHE A 2003 -27.00 -22.74 54.03
N ARG A 2004 -27.76 -21.65 54.07
CA ARG A 2004 -28.38 -21.16 55.29
C ARG A 2004 -29.90 -21.26 55.24
N CYS A 2005 -30.43 -21.89 54.19
CA CYS A 2005 -31.86 -21.93 53.96
C CYS A 2005 -32.17 -23.10 53.04
N LEU A 2006 -33.45 -23.48 53.02
CA LEU A 2006 -33.96 -24.56 52.18
C LEU A 2006 -35.49 -24.46 52.14
N GLY A 2007 -36.06 -24.71 50.99
CA GLY A 2007 -37.49 -24.93 50.92
C GLY A 2007 -38.18 -24.54 49.62
N SER A 2008 -39.31 -25.20 49.36
CA SER A 2008 -40.26 -24.79 48.35
C SER A 2008 -40.89 -23.46 48.75
N PRO A 2009 -41.39 -22.67 47.79
CA PRO A 2009 -41.92 -21.32 48.14
C PRO A 2009 -43.12 -21.34 49.08
N GLN A 2010 -43.89 -22.43 49.14
CA GLN A 2010 -44.89 -22.55 50.19
C GLN A 2010 -44.25 -22.76 51.55
N HIS A 2011 -43.20 -23.59 51.61
CA HIS A 2011 -42.43 -23.76 52.83
C HIS A 2011 -41.69 -22.47 53.21
N LEU A 2012 -41.18 -21.76 52.21
CA LEU A 2012 -40.51 -20.49 52.44
C LEU A 2012 -41.47 -19.43 52.98
N LYS A 2013 -42.69 -19.38 52.44
CA LYS A 2013 -43.69 -18.44 52.94
C LYS A 2013 -44.38 -18.94 54.21
N GLY A 2014 -44.17 -20.18 54.60
CA GLY A 2014 -44.66 -20.67 55.86
C GLY A 2014 -43.71 -20.39 57.02
N ARG A 2015 -42.42 -20.66 56.82
CA ARG A 2015 -41.44 -20.53 57.91
C ARG A 2015 -40.66 -19.23 57.86
N PHE A 2016 -40.02 -18.92 56.73
CA PHE A 2016 -39.10 -17.80 56.62
C PHE A 2016 -39.79 -16.47 56.41
N ALA A 2017 -41.12 -16.44 56.28
CA ALA A 2017 -41.82 -15.21 55.93
C ALA A 2017 -42.02 -14.34 57.17
N ALA A 2018 -42.83 -13.29 57.02
CA ALA A 2018 -43.11 -12.36 58.12
C ALA A 2018 -44.59 -12.05 58.27
N GLY A 2019 -45.47 -12.89 57.74
CA GLY A 2019 -46.89 -12.74 57.98
C GLY A 2019 -47.72 -12.33 56.79
N HIS A 2020 -48.29 -11.12 56.85
CA HIS A 2020 -49.23 -10.63 55.86
C HIS A 2020 -48.96 -9.16 55.61
N THR A 2021 -49.49 -8.64 54.50
CA THR A 2021 -49.38 -7.23 54.14
C THR A 2021 -50.74 -6.57 54.18
N LEU A 2022 -50.85 -5.54 55.01
CA LEU A 2022 -51.99 -4.62 55.06
C LEU A 2022 -51.72 -3.46 54.11
N THR A 2023 -52.54 -3.33 53.06
CA THR A 2023 -52.53 -2.17 52.20
C THR A 2023 -53.73 -1.31 52.55
N LEU A 2024 -53.52 -0.01 52.67
CA LEU A 2024 -54.54 0.85 53.27
C LEU A 2024 -54.50 2.22 52.63
N ARG A 2025 -55.69 2.77 52.35
CA ARG A 2025 -55.85 4.13 51.84
C ARG A 2025 -56.73 4.91 52.81
N VAL A 2026 -56.15 5.92 53.46
CA VAL A 2026 -56.88 6.85 54.33
C VAL A 2026 -56.50 8.24 53.83
N PRO A 2027 -57.39 9.24 53.92
CA PRO A 2027 -56.95 10.63 53.70
C PRO A 2027 -55.91 11.05 54.73
N ALA A 2028 -55.01 11.94 54.30
CA ALA A 2028 -53.84 12.29 55.08
C ALA A 2028 -54.16 13.12 56.32
N ALA A 2029 -55.32 13.77 56.35
CA ALA A 2029 -55.79 14.42 57.58
C ALA A 2029 -56.38 13.42 58.56
N ARG A 2030 -56.58 12.18 58.14
CA ARG A 2030 -57.10 11.11 58.99
C ARG A 2030 -56.14 9.93 59.09
N SER A 2031 -55.02 9.96 58.35
CA SER A 2031 -54.17 8.77 58.25
C SER A 2031 -53.41 8.49 59.53
N GLN A 2032 -52.79 9.51 60.12
CA GLN A 2032 -52.08 9.26 61.37
C GLN A 2032 -52.99 9.03 62.60
N PRO A 2033 -54.22 9.57 62.72
CA PRO A 2033 -55.12 8.96 63.71
C PRO A 2033 -55.61 7.58 63.32
N ALA A 2034 -55.65 7.26 62.02
CA ALA A 2034 -55.91 5.87 61.65
C ALA A 2034 -54.74 4.98 62.01
N ALA A 2035 -53.51 5.50 61.91
CA ALA A 2035 -52.35 4.76 62.38
C ALA A 2035 -52.37 4.62 63.90
N ALA A 2036 -52.90 5.62 64.61
CA ALA A 2036 -53.10 5.50 66.04
C ALA A 2036 -54.15 4.45 66.37
N PHE A 2037 -55.21 4.37 65.57
CA PHE A 2037 -56.21 3.32 65.73
C PHE A 2037 -55.63 1.94 65.46
N VAL A 2038 -54.75 1.84 64.45
CA VAL A 2038 -54.07 0.60 64.13
C VAL A 2038 -53.18 0.18 65.29
N ALA A 2039 -52.42 1.13 65.85
CA ALA A 2039 -51.60 0.84 67.02
C ALA A 2039 -52.43 0.53 68.25
N ALA A 2040 -53.67 1.05 68.31
CA ALA A 2040 -54.57 0.68 69.39
C ALA A 2040 -55.03 -0.76 69.27
N GLU A 2041 -55.40 -1.19 68.05
CA GLU A 2041 -55.80 -2.58 67.87
C GLU A 2041 -54.61 -3.51 67.71
N PHE A 2042 -53.49 -3.01 67.21
CA PHE A 2042 -52.28 -3.81 67.00
C PHE A 2042 -51.09 -3.11 67.65
N PRO A 2043 -50.89 -3.29 68.96
CA PRO A 2043 -49.69 -2.74 69.59
C PRO A 2043 -48.46 -3.56 69.25
N GLY A 2044 -47.63 -3.03 68.35
CA GLY A 2044 -46.40 -3.69 67.96
C GLY A 2044 -46.38 -4.30 66.58
N ALA A 2045 -47.44 -4.15 65.79
CA ALA A 2045 -47.41 -4.65 64.42
C ALA A 2045 -46.57 -3.74 63.56
N GLU A 2046 -45.63 -4.33 62.82
CA GLU A 2046 -44.63 -3.56 62.09
C GLU A 2046 -45.22 -2.91 60.85
N LEU A 2047 -44.71 -1.73 60.53
CA LEU A 2047 -45.10 -0.98 59.35
C LEU A 2047 -43.87 -0.81 58.46
N ARG A 2048 -44.05 -0.98 57.15
CA ARG A 2048 -42.96 -0.75 56.22
C ARG A 2048 -43.06 0.58 55.49
N GLU A 2049 -44.26 0.94 55.02
CA GLU A 2049 -44.44 2.09 54.15
C GLU A 2049 -45.57 2.96 54.67
N ALA A 2050 -45.34 4.28 54.65
CA ALA A 2050 -46.34 5.23 55.15
C ALA A 2050 -46.14 6.55 54.39
N HIS A 2051 -46.94 6.77 53.35
CA HIS A 2051 -46.76 7.98 52.54
C HIS A 2051 -48.02 8.28 51.74
N GLY A 2052 -48.52 9.50 51.87
CA GLY A 2052 -49.63 9.98 51.06
C GLY A 2052 -50.94 9.29 51.32
N GLY A 2053 -51.09 8.67 52.49
CA GLY A 2053 -52.24 7.89 52.79
C GLY A 2053 -52.09 6.43 52.43
N ARG A 2054 -51.09 6.11 51.60
CA ARG A 2054 -50.74 4.74 51.26
C ARG A 2054 -50.00 4.15 52.45
N LEU A 2055 -50.63 3.20 53.13
CA LEU A 2055 -50.08 2.58 54.32
C LEU A 2055 -49.91 1.09 54.07
N ARG A 2056 -48.73 0.58 54.38
CA ARG A 2056 -48.47 -0.85 54.33
C ARG A 2056 -47.97 -1.31 55.69
N PHE A 2057 -48.50 -2.44 56.14
CA PHE A 2057 -48.16 -2.97 57.46
C PHE A 2057 -47.78 -4.44 57.34
N GLN A 2058 -46.67 -4.79 57.99
CA GLN A 2058 -46.19 -6.16 58.03
C GLN A 2058 -46.75 -6.83 59.29
N LEU A 2059 -47.45 -7.95 59.11
CA LEU A 2059 -48.16 -8.60 60.20
C LEU A 2059 -47.57 -9.97 60.47
N PRO A 2060 -46.87 -10.18 61.59
CA PRO A 2060 -46.28 -11.50 61.85
C PRO A 2060 -47.36 -12.51 62.19
N PRO A 2061 -47.13 -13.79 61.88
CA PRO A 2061 -48.10 -14.81 62.25
C PRO A 2061 -48.09 -15.10 63.74
N GLY A 2062 -49.27 -15.41 64.27
CA GLY A 2062 -49.45 -15.64 65.69
C GLY A 2062 -50.29 -14.60 66.38
N GLY A 2063 -51.36 -15.04 67.04
CA GLY A 2063 -52.21 -14.15 67.83
C GLY A 2063 -53.06 -13.23 66.97
N ARG A 2064 -53.32 -12.04 67.52
CA ARG A 2064 -54.06 -11.01 66.79
C ARG A 2064 -53.26 -10.44 65.63
N CYS A 2065 -51.93 -10.55 65.68
CA CYS A 2065 -51.08 -10.12 64.58
C CYS A 2065 -51.25 -10.99 63.33
N ALA A 2066 -51.80 -12.19 63.47
CA ALA A 2066 -52.08 -13.04 62.32
C ALA A 2066 -53.38 -12.61 61.66
N LEU A 2067 -53.89 -13.46 60.76
CA LEU A 2067 -55.11 -13.19 60.01
C LEU A 2067 -56.30 -13.57 60.90
N ALA A 2068 -57.49 -13.69 60.31
CA ALA A 2068 -58.77 -14.15 60.84
C ALA A 2068 -59.46 -13.13 61.74
N ARG A 2069 -58.85 -11.99 62.02
CA ARG A 2069 -59.49 -11.01 62.88
C ARG A 2069 -59.44 -9.62 62.26
N VAL A 2070 -58.37 -9.35 61.50
CA VAL A 2070 -57.96 -7.98 61.19
C VAL A 2070 -58.95 -7.28 60.25
N PHE A 2071 -59.39 -7.98 59.20
CA PHE A 2071 -60.35 -7.37 58.27
C PHE A 2071 -61.73 -7.27 58.89
N GLY A 2072 -62.04 -8.11 59.89
CA GLY A 2072 -63.31 -8.00 60.59
C GLY A 2072 -63.41 -6.73 61.41
N GLU A 2073 -62.38 -6.44 62.22
CA GLU A 2073 -62.39 -5.20 62.98
C GLU A 2073 -62.16 -3.99 62.09
N LEU A 2074 -61.50 -4.14 60.94
CA LEU A 2074 -61.43 -3.02 60.02
C LEU A 2074 -62.75 -2.78 59.30
N ALA A 2075 -63.58 -3.81 59.17
CA ALA A 2075 -64.93 -3.63 58.66
C ALA A 2075 -65.85 -3.04 59.71
N VAL A 2076 -65.59 -3.32 60.99
CA VAL A 2076 -66.44 -2.82 62.07
C VAL A 2076 -65.91 -1.50 62.59
N HIS A 2077 -64.69 -1.51 63.14
CA HIS A 2077 -64.12 -0.31 63.75
C HIS A 2077 -63.29 0.51 62.78
N GLY A 2078 -62.61 -0.13 61.83
CA GLY A 2078 -61.81 0.62 60.89
C GLY A 2078 -62.59 1.32 59.80
N ALA A 2079 -63.89 1.06 59.71
CA ALA A 2079 -64.71 1.67 58.66
C ALA A 2079 -64.90 3.17 58.91
N GLU A 2080 -65.14 3.55 60.15
CA GLU A 2080 -65.40 4.95 60.48
C GLU A 2080 -64.13 5.74 60.76
N HIS A 2081 -62.97 5.10 60.72
CA HIS A 2081 -61.70 5.76 60.99
C HIS A 2081 -61.06 6.33 59.73
N GLY A 2082 -61.86 6.68 58.73
CA GLY A 2082 -61.38 7.34 57.54
C GLY A 2082 -61.11 6.44 56.35
N VAL A 2083 -61.15 5.12 56.54
CA VAL A 2083 -60.82 4.19 55.47
C VAL A 2083 -61.96 4.13 54.46
N GLU A 2084 -61.64 4.35 53.19
CA GLU A 2084 -62.63 4.21 52.13
C GLU A 2084 -62.59 2.84 51.48
N ASP A 2085 -61.39 2.37 51.11
CA ASP A 2085 -61.21 1.12 50.40
C ASP A 2085 -59.79 0.65 50.65
N PHE A 2086 -59.64 -0.65 50.92
CA PHE A 2086 -58.32 -1.20 51.21
C PHE A 2086 -58.36 -2.69 50.98
N SER A 2087 -57.18 -3.28 50.82
CA SER A 2087 -57.05 -4.72 50.65
C SER A 2087 -55.84 -5.24 51.40
N VAL A 2088 -55.84 -6.54 51.67
CA VAL A 2088 -54.71 -7.19 52.31
C VAL A 2088 -54.31 -8.38 51.47
N SER A 2089 -53.07 -8.82 51.67
CA SER A 2089 -52.61 -10.07 51.09
C SER A 2089 -51.70 -10.74 52.09
N GLN A 2090 -51.19 -11.91 51.72
CA GLN A 2090 -50.05 -12.43 52.45
C GLN A 2090 -48.81 -11.71 51.90
N THR A 2091 -47.71 -11.74 52.66
CA THR A 2091 -46.48 -11.07 52.25
C THR A 2091 -45.98 -11.59 50.91
N MET A 2092 -46.05 -10.71 49.90
CA MET A 2092 -45.41 -10.96 48.62
C MET A 2092 -43.91 -11.05 48.84
N LEU A 2093 -43.33 -12.18 48.42
CA LEU A 2093 -42.08 -12.67 48.97
C LEU A 2093 -40.84 -11.99 48.38
N GLU A 2094 -40.96 -10.80 47.80
CA GLU A 2094 -39.77 -9.97 47.58
C GLU A 2094 -39.12 -9.57 48.89
N GLU A 2095 -39.92 -9.17 49.87
CA GLU A 2095 -39.36 -8.74 51.14
C GLU A 2095 -38.97 -9.94 52.01
N VAL A 2096 -39.55 -11.11 51.76
CA VAL A 2096 -39.02 -12.33 52.34
C VAL A 2096 -37.68 -12.65 51.70
N PHE A 2097 -37.56 -12.39 50.39
CA PHE A 2097 -36.29 -12.54 49.68
C PHE A 2097 -35.29 -11.47 50.04
N LEU A 2098 -35.71 -10.40 50.70
CA LEU A 2098 -34.77 -9.41 51.21
C LEU A 2098 -33.83 -10.00 52.26
N TYR A 2099 -34.30 -10.97 53.05
CA TYR A 2099 -33.40 -11.70 53.93
C TYR A 2099 -32.41 -12.53 53.15
N PHE A 2100 -32.81 -13.03 51.98
CA PHE A 2100 -31.87 -13.79 51.15
C PHE A 2100 -30.89 -12.86 50.46
N SER A 2101 -31.29 -11.61 50.22
CA SER A 2101 -30.36 -10.59 49.75
C SER A 2101 -29.47 -10.08 50.88
N LYS A 2102 -29.94 -10.15 52.13
CA LYS A 2102 -29.12 -9.80 53.28
C LYS A 2102 -28.22 -10.94 53.72
N ASP A 2103 -28.35 -12.13 53.12
CA ASP A 2103 -27.49 -13.26 53.45
C ASP A 2103 -26.05 -13.05 53.00
N GLN A 2104 -25.82 -12.11 52.08
CA GLN A 2104 -24.54 -12.00 51.39
C GLN A 2104 -23.97 -10.59 51.47
C1 17F B . -6.65 5.88 20.83
N1 17F B . -7.45 7.96 19.82
O1 17F B . -7.65 3.17 19.16
P1 17F B . -7.01 3.30 20.49
C2 17F B . -7.53 7.12 21.02
O2 17F B . -7.51 2.10 21.45
C3 17F B . -7.05 7.89 22.21
O3 17F B . -7.39 4.71 21.14
C4 17F B . -4.72 1.98 20.47
O4 17F B . -7.85 8.30 23.04
C5 17F B . -3.99 1.65 19.18
O5 17F B . -5.76 8.14 22.37
C6 17F B . -3.27 0.30 19.33
O6 17F B . -5.40 3.21 20.33
C7 17F B . -1.06 -0.63 19.99
O7 17F B . -1.93 0.51 19.75
C8 17F B . 0.16 -0.47 20.87
O8 17F B . -1.33 -1.70 19.48
C9 17F B . 1.38 -1.05 20.14
O9 17F B . -4.91 1.59 18.11
C10 17F B . 1.91 -0.07 19.11
O10 17F B . -3.43 1.89 16.36
C11 17F B . 1.88 -0.69 17.72
C12 17F B . 3.25 -0.59 17.04
C17 17F B . -4.27 1.18 16.87
C18 17F B . -4.65 -0.14 16.22
C19 17F B . -4.03 -0.21 14.82
C20 17F B . -2.55 -0.59 14.89
C1X 17F B . 3.44 0.75 16.37
C1Y 17F B . -1.70 0.47 14.21
C1Z 17F B . -1.48 0.14 12.74
C2X 17F B . 2.59 0.85 15.10
C21 17F B . 3.46 1.26 13.94
C22 17F B . 2.92 1.52 12.76
C23 17F B . 1.43 1.42 12.57
C24 17F B . 1.12 1.08 11.11
C25 17F B . 2.12 1.73 10.18
C26 17F B . 2.31 0.91 8.91
C27 17F B . 3.61 1.27 8.21
C28 17F B . 4.11 0.10 7.38
C29 17F B . 5.55 0.33 6.92
C30 17F B . 5.99 -0.71 5.91
C31 17F B . -2.68 0.59 11.91
C32 17F B . -2.40 0.43 10.42
C33 17F B . -3.53 -0.32 9.76
C34 17F B . -3.65 -0.34 8.45
C35 17F B . -2.65 0.40 7.58
C36 17F B . -1.36 -0.40 7.51
C37 17F B . -0.52 0.03 6.31
C38 17F B . -1.40 0.46 5.15
C39 17F B . -1.72 -0.72 4.24
C40 17F B . -0.68 -0.87 3.14
C41 17F B . 0.59 -0.09 3.49
C42 17F B . 1.83 -0.86 3.09
C1 17F C . 17.24 10.23 -12.40
N1 17F C . 17.31 12.50 -11.49
O1 17F C . 17.31 9.16 -8.89
P1 17F C . 17.45 8.66 -10.29
C2 17F C . 16.73 11.65 -12.54
O2 17F C . 19.01 8.69 -10.70
C3 17F C . 15.23 11.66 -12.40
O3 17F C . 16.61 9.60 -11.27
C4 17F C . 17.77 6.05 -10.28
O4 17F C . 14.57 10.71 -12.78
C5 17F C . 17.53 5.32 -8.97
O5 17F C . 14.61 12.71 -11.88
C6 17F C . 16.68 4.08 -9.24
O6 17F C . 16.89 7.16 -10.39
C7 17F C . 14.63 5.19 -8.36
O7 17F C . 15.32 4.45 -9.41
C8 17F C . 13.27 5.79 -8.61
O8 17F C . 15.19 5.34 -7.28
C9 17F C . 12.42 5.65 -7.35
O9 17F C . 18.76 4.93 -8.40
C10 17F C . 12.65 4.31 -6.67
O10 17F C . 17.75 4.54 -6.36
C11 17F C . 11.36 3.78 -6.04
C12 17F C . 10.44 4.93 -5.65
C17 17F C . 18.73 4.98 -6.94
C18 17F C . 19.88 5.56 -6.17
C19 17F C . 20.74 4.43 -5.61
C20 17F C . 21.99 4.98 -4.93
C1X 17F C . 11.02 5.72 -4.48
C1Y 17F C . 21.63 6.04 -3.88
C1Z 17F C . 20.26 5.77 -3.29
C2X 17F C . 9.95 5.99 -3.43
C21 17F C . 9.25 4.70 -3.08
C22 17F C . 7.94 4.55 -3.34
C23 17F C . 7.18 5.68 -3.99
C24 17F C . 5.97 5.14 -4.74
C25 17F C . 5.77 3.65 -4.51
C26 17F C . 5.17 3.38 -3.14
C27 17F C . 3.73 2.90 -3.26
C28 17F C . 3.54 1.55 -2.58
C29 17F C . 2.45 0.73 -3.27
C30 17F C . 1.98 -0.41 -2.39
C31 17F C . 19.84 6.89 -2.34
C32 17F C . 18.42 7.36 -2.64
C33 17F C . 17.51 6.16 -2.76
C34 17F C . 16.45 6.06 -1.98
C35 17F C . 16.14 7.14 -0.97
C36 17F C . 15.19 6.59 0.08
C37 17F C . 14.04 5.83 -0.55
C38 17F C . 13.90 4.44 0.06
C39 17F C . 12.69 3.70 -0.51
C40 17F C . 12.40 2.43 0.27
C41 17F C . 10.90 2.15 0.31
C42 17F C . 10.44 1.53 -0.99
#